data_6GBD
#
_entry.id   6GBD
#
_entity_poly.entity_id   1
_entity_poly.type   'polypeptide(L)'
_entity_poly.pdbx_seq_one_letter_code
;TPHVKDYSFVTEDNTFEVKLFKNSSGLGFSFSREDNLIPEQINGSIVRVKKLFPGQPAAESGKIDVGDVILKVNGAPLKG
LSQQDVISALRGTAPEVSLLLCRPAPGVLPEIDTPGNSS
;
_entity_poly.pdbx_strand_id   A
#
# COMPACT_ATOMS: atom_id res chain seq x y z
N THR A 1 27.35 -15.09 -0.85
CA THR A 1 27.07 -13.81 -0.15
C THR A 1 25.64 -13.37 -0.43
N PRO A 2 24.68 -14.14 0.00
CA PRO A 2 23.24 -13.84 -0.21
C PRO A 2 22.71 -12.79 0.77
N HIS A 3 21.40 -12.74 0.93
CA HIS A 3 20.78 -11.79 1.85
C HIS A 3 20.67 -12.40 3.24
N VAL A 4 20.70 -11.54 4.25
CA VAL A 4 20.60 -12.01 5.63
C VAL A 4 19.28 -11.56 6.26
N LYS A 5 18.76 -12.37 7.17
CA LYS A 5 17.52 -12.04 7.85
C LYS A 5 17.79 -11.29 9.15
N ASP A 6 17.04 -10.22 9.38
CA ASP A 6 17.22 -9.42 10.59
C ASP A 6 16.01 -9.56 11.51
N TYR A 7 14.90 -8.94 11.12
CA TYR A 7 13.68 -9.01 11.93
C TYR A 7 12.60 -9.79 11.19
N SER A 8 11.50 -10.06 11.90
CA SER A 8 10.38 -10.79 11.31
C SER A 8 9.29 -9.84 10.85
N PHE A 9 9.48 -8.55 11.13
CA PHE A 9 8.50 -7.54 10.74
C PHE A 9 9.11 -6.58 9.71
N VAL A 10 10.40 -6.32 9.84
CA VAL A 10 11.07 -5.41 8.91
C VAL A 10 12.11 -6.17 8.08
N THR A 11 11.72 -6.57 6.87
CA THR A 11 12.62 -7.29 5.99
C THR A 11 12.14 -7.19 4.54
N GLU A 12 12.94 -7.72 3.62
CA GLU A 12 12.60 -7.69 2.21
C GLU A 12 11.23 -8.30 1.98
N ASP A 13 10.82 -9.18 2.89
CA ASP A 13 9.52 -9.84 2.78
C ASP A 13 8.46 -9.04 3.51
N ASN A 14 8.75 -7.77 3.78
CA ASN A 14 7.80 -6.90 4.47
C ASN A 14 6.39 -7.11 3.93
N THR A 15 5.54 -7.73 4.74
CA THR A 15 4.16 -7.99 4.33
C THR A 15 3.25 -8.04 5.55
N PHE A 16 2.04 -7.51 5.42
CA PHE A 16 1.09 -7.52 6.52
C PHE A 16 -0.34 -7.39 6.01
N GLU A 17 -1.24 -8.14 6.63
CA GLU A 17 -2.65 -8.12 6.25
C GLU A 17 -3.51 -7.72 7.43
N VAL A 18 -4.53 -6.89 7.17
CA VAL A 18 -5.42 -6.44 8.23
C VAL A 18 -6.84 -6.28 7.71
N LYS A 19 -7.82 -6.69 8.52
CA LYS A 19 -9.21 -6.59 8.13
C LYS A 19 -9.82 -5.29 8.65
N LEU A 20 -10.40 -4.51 7.74
CA LEU A 20 -11.02 -3.25 8.12
C LEU A 20 -12.48 -3.22 7.67
N PHE A 21 -13.27 -2.39 8.35
CA PHE A 21 -14.69 -2.26 8.02
C PHE A 21 -14.93 -1.04 7.16
N LYS A 22 -15.53 -1.25 5.99
CA LYS A 22 -15.81 -0.14 5.08
C LYS A 22 -17.30 -0.04 4.80
N ASN A 23 -17.86 1.17 4.95
CA ASN A 23 -19.28 1.38 4.70
C ASN A 23 -19.47 2.32 3.51
N SER A 24 -20.73 2.59 3.17
CA SER A 24 -21.03 3.48 2.05
C SER A 24 -20.56 4.90 2.36
N SER A 25 -19.35 5.22 1.95
CA SER A 25 -18.80 6.55 2.19
C SER A 25 -17.51 6.75 1.40
N GLY A 26 -16.69 7.70 1.84
CA GLY A 26 -15.43 7.98 1.18
C GLY A 26 -14.24 7.49 2.01
N LEU A 27 -13.24 6.96 1.34
CA LEU A 27 -12.06 6.45 2.03
C LEU A 27 -11.24 7.60 2.60
N GLY A 28 -10.34 7.27 3.53
CA GLY A 28 -9.50 8.30 4.15
C GLY A 28 -8.19 8.47 3.39
N PHE A 29 -8.00 7.66 2.35
CA PHE A 29 -6.77 7.74 1.56
C PHE A 29 -7.08 7.64 0.08
N SER A 30 -6.12 8.05 -0.75
CA SER A 30 -6.28 8.00 -2.19
C SER A 30 -5.12 7.22 -2.81
N PHE A 31 -5.44 6.09 -3.45
CA PHE A 31 -4.41 5.26 -4.06
C PHE A 31 -4.10 5.75 -5.47
N SER A 32 -2.91 5.41 -5.96
CA SER A 32 -2.50 5.82 -7.29
C SER A 32 -1.74 4.69 -7.99
N ARG A 33 -1.80 4.69 -9.32
CA ARG A 33 -1.11 3.68 -10.11
C ARG A 33 -0.04 4.33 -10.96
N GLU A 34 1.23 4.15 -10.58
CA GLU A 34 2.34 4.75 -11.32
C GLU A 34 3.19 3.67 -11.98
N ASP A 35 4.18 4.10 -12.75
CA ASP A 35 5.08 3.17 -13.43
C ASP A 35 6.49 3.72 -13.46
N ASN A 36 7.47 2.83 -13.65
CA ASN A 36 8.86 3.24 -13.68
C ASN A 36 9.32 3.74 -12.31
N LEU A 37 8.75 3.15 -11.26
CA LEU A 37 9.10 3.53 -9.91
C LEU A 37 9.84 2.39 -9.20
N ILE A 38 9.24 1.20 -9.25
CA ILE A 38 9.84 0.04 -8.61
C ILE A 38 9.95 -1.11 -9.60
N PRO A 39 10.91 -1.04 -10.50
CA PRO A 39 11.12 -2.09 -11.54
C PRO A 39 11.78 -3.34 -10.95
N GLU A 40 12.26 -3.23 -9.72
CA GLU A 40 12.90 -4.36 -9.06
C GLU A 40 11.95 -5.55 -9.01
N GLN A 41 10.66 -5.27 -9.05
CA GLN A 41 9.65 -6.32 -9.01
C GLN A 41 9.56 -7.02 -10.36
N ILE A 42 8.33 -7.32 -10.78
CA ILE A 42 8.12 -8.00 -12.06
C ILE A 42 8.01 -6.98 -13.18
N ASN A 43 7.68 -7.46 -14.38
CA ASN A 43 7.55 -6.59 -15.54
C ASN A 43 6.14 -6.02 -15.62
N GLY A 44 5.76 -5.24 -14.61
CA GLY A 44 4.43 -4.64 -14.58
C GLY A 44 4.38 -3.46 -13.61
N SER A 45 3.23 -3.27 -12.97
CA SER A 45 3.06 -2.19 -12.02
C SER A 45 2.10 -2.58 -10.90
N ILE A 46 2.19 -1.89 -9.77
CA ILE A 46 1.33 -2.19 -8.64
C ILE A 46 0.61 -0.93 -8.16
N VAL A 47 -0.22 -1.08 -7.14
CA VAL A 47 -0.96 0.05 -6.59
C VAL A 47 -0.38 0.45 -5.24
N ARG A 48 -0.17 1.76 -5.05
CA ARG A 48 0.39 2.24 -3.79
C ARG A 48 -0.40 3.45 -3.29
N VAL A 49 -0.53 3.56 -1.97
CA VAL A 49 -1.26 4.67 -1.37
C VAL A 49 -0.65 5.99 -1.82
N LYS A 50 -1.49 7.01 -1.96
CA LYS A 50 -1.01 8.31 -2.38
C LYS A 50 -1.30 9.37 -1.32
N LYS A 51 -2.14 9.03 -0.35
CA LYS A 51 -2.48 9.98 0.70
C LYS A 51 -3.11 9.24 1.89
N LEU A 52 -2.85 9.74 3.09
CA LEU A 52 -3.41 9.14 4.30
C LEU A 52 -3.70 10.20 5.34
N PHE A 53 -4.73 9.96 6.14
CA PHE A 53 -5.13 10.90 7.18
C PHE A 53 -5.05 10.23 8.56
N PRO A 54 -4.00 10.45 9.31
CA PRO A 54 -3.85 9.83 10.67
C PRO A 54 -5.13 9.87 11.47
N GLY A 55 -5.44 8.77 12.15
CA GLY A 55 -6.65 8.68 12.95
C GLY A 55 -7.67 7.76 12.29
N GLN A 56 -7.48 7.52 11.00
CA GLN A 56 -8.39 6.65 10.25
C GLN A 56 -7.89 5.21 10.31
N PRO A 57 -8.77 4.25 10.19
CA PRO A 57 -8.40 2.81 10.22
C PRO A 57 -7.10 2.54 9.47
N ALA A 58 -7.06 2.92 8.20
CA ALA A 58 -5.87 2.72 7.38
C ALA A 58 -4.64 3.22 8.10
N ALA A 59 -4.86 3.91 9.22
CA ALA A 59 -3.76 4.45 10.01
C ALA A 59 -3.81 3.91 11.43
N GLU A 60 -4.91 3.26 11.77
CA GLU A 60 -5.09 2.68 13.09
C GLU A 60 -4.36 1.34 13.18
N SER A 61 -4.08 0.77 12.02
CA SER A 61 -3.39 -0.52 11.96
C SER A 61 -2.20 -0.53 12.91
N GLY A 62 -1.40 0.53 12.87
CA GLY A 62 -0.23 0.63 13.74
C GLY A 62 0.97 1.19 12.99
N LYS A 63 1.28 0.62 11.84
CA LYS A 63 2.43 1.06 11.05
C LYS A 63 2.05 1.23 9.59
N ILE A 64 1.28 2.28 9.29
CA ILE A 64 0.86 2.55 7.92
C ILE A 64 1.34 3.93 7.48
N ASP A 65 1.57 4.09 6.18
CA ASP A 65 2.03 5.37 5.65
C ASP A 65 1.62 5.51 4.19
N VAL A 66 2.01 6.63 3.58
CA VAL A 66 1.68 6.88 2.18
C VAL A 66 2.68 6.17 1.27
N GLY A 67 2.33 4.97 0.83
CA GLY A 67 3.20 4.21 -0.05
C GLY A 67 2.87 2.72 -0.01
N ASP A 68 2.18 2.31 1.06
CA ASP A 68 1.80 0.90 1.22
C ASP A 68 1.32 0.33 -0.12
N VAL A 69 1.90 -0.80 -0.50
CA VAL A 69 1.53 -1.44 -1.76
C VAL A 69 0.45 -2.51 -1.53
N ILE A 70 -0.71 -2.32 -2.15
CA ILE A 70 -1.80 -3.26 -2.01
C ILE A 70 -1.58 -4.46 -2.93
N LEU A 71 -1.58 -5.66 -2.35
CA LEU A 71 -1.37 -6.87 -3.15
C LEU A 71 -2.70 -7.52 -3.51
N LYS A 72 -3.50 -7.87 -2.52
CA LYS A 72 -4.77 -8.51 -2.75
C LYS A 72 -5.87 -7.88 -1.89
N VAL A 73 -7.08 -8.38 -2.05
CA VAL A 73 -8.22 -7.88 -1.29
C VAL A 73 -9.24 -8.99 -1.05
N ASN A 74 -8.99 -9.81 -0.04
CA ASN A 74 -9.90 -10.91 0.28
C ASN A 74 -9.69 -12.07 -0.69
N GLY A 75 -8.50 -12.13 -1.29
CA GLY A 75 -8.19 -13.20 -2.23
C GLY A 75 -8.64 -12.82 -3.64
N ALA A 76 -8.43 -11.56 -4.02
CA ALA A 76 -8.81 -11.09 -5.33
C ALA A 76 -7.65 -10.39 -6.02
N PRO A 77 -6.77 -11.14 -6.65
CA PRO A 77 -5.59 -10.57 -7.36
C PRO A 77 -5.98 -9.47 -8.34
N LEU A 78 -5.18 -8.41 -8.38
CA LEU A 78 -5.44 -7.30 -9.29
C LEU A 78 -4.34 -7.19 -10.35
N LYS A 79 -3.21 -7.83 -10.08
CA LYS A 79 -2.10 -7.79 -11.01
C LYS A 79 -2.57 -8.06 -12.43
N GLY A 80 -1.76 -7.64 -13.41
CA GLY A 80 -2.11 -7.85 -14.81
C GLY A 80 -3.16 -6.83 -15.27
N LEU A 81 -4.18 -6.62 -14.43
CA LEU A 81 -5.24 -5.68 -14.76
C LEU A 81 -4.70 -4.25 -14.77
N SER A 82 -5.53 -3.31 -15.19
CA SER A 82 -5.12 -1.91 -15.25
C SER A 82 -5.84 -1.09 -14.17
N GLN A 83 -5.31 0.10 -13.90
CA GLN A 83 -5.89 0.97 -12.89
C GLN A 83 -7.42 0.87 -12.91
N GLN A 84 -7.97 0.62 -14.09
CA GLN A 84 -9.42 0.51 -14.24
C GLN A 84 -9.99 -0.44 -13.20
N ASP A 85 -9.51 -1.68 -13.21
CA ASP A 85 -9.99 -2.68 -12.27
C ASP A 85 -9.63 -2.31 -10.84
N VAL A 86 -8.60 -1.48 -10.67
CA VAL A 86 -8.18 -1.07 -9.34
C VAL A 86 -9.22 -0.15 -8.70
N ILE A 87 -9.67 0.84 -9.45
CA ILE A 87 -10.68 1.77 -8.94
C ILE A 87 -12.01 1.06 -8.76
N SER A 88 -12.29 0.10 -9.63
CA SER A 88 -13.53 -0.66 -9.56
C SER A 88 -13.55 -1.57 -8.33
N ALA A 89 -12.51 -2.39 -8.21
CA ALA A 89 -12.41 -3.31 -7.08
C ALA A 89 -12.40 -2.55 -5.78
N LEU A 90 -11.94 -1.30 -5.82
CA LEU A 90 -11.90 -0.46 -4.64
C LEU A 90 -13.27 -0.39 -3.98
N ARG A 91 -14.32 -0.46 -4.79
CA ARG A 91 -15.68 -0.39 -4.27
C ARG A 91 -15.89 -1.46 -3.19
N GLY A 92 -15.48 -2.68 -3.51
CA GLY A 92 -15.64 -3.78 -2.57
C GLY A 92 -17.08 -4.29 -2.54
N THR A 93 -17.50 -4.83 -1.40
CA THR A 93 -18.85 -5.34 -1.25
C THR A 93 -19.27 -5.33 0.22
N ALA A 94 -18.75 -6.28 0.97
CA ALA A 94 -19.06 -6.39 2.40
C ALA A 94 -18.17 -5.46 3.21
N PRO A 95 -18.58 -5.11 4.40
CA PRO A 95 -17.81 -4.22 5.30
C PRO A 95 -16.49 -4.85 5.74
N GLU A 96 -16.58 -6.01 6.38
CA GLU A 96 -15.39 -6.70 6.85
C GLU A 96 -14.64 -7.31 5.68
N VAL A 97 -13.54 -6.67 5.29
CA VAL A 97 -12.74 -7.16 4.17
C VAL A 97 -11.27 -7.24 4.55
N SER A 98 -10.61 -8.30 4.09
CA SER A 98 -9.19 -8.50 4.39
C SER A 98 -8.33 -7.89 3.28
N LEU A 99 -7.51 -6.92 3.65
CA LEU A 99 -6.64 -6.25 2.68
C LEU A 99 -5.18 -6.60 2.92
N LEU A 100 -4.51 -7.07 1.87
CA LEU A 100 -3.10 -7.42 1.97
C LEU A 100 -2.23 -6.25 1.52
N LEU A 101 -1.25 -5.89 2.33
CA LEU A 101 -0.38 -4.77 1.98
C LEU A 101 1.08 -5.12 2.26
N CYS A 102 1.97 -4.20 1.90
CA CYS A 102 3.40 -4.42 2.12
C CYS A 102 4.08 -3.11 2.50
N ARG A 103 4.88 -3.16 3.55
CA ARG A 103 5.59 -1.97 4.01
C ARG A 103 7.10 -2.19 3.99
N PRO A 104 7.72 -2.01 2.85
CA PRO A 104 9.20 -2.19 2.70
C PRO A 104 9.97 -1.23 3.58
N ALA A 105 11.25 -1.55 3.81
CA ALA A 105 12.09 -0.70 4.65
C ALA A 105 12.43 0.60 3.91
N PRO A 106 12.85 1.60 4.64
CA PRO A 106 13.21 2.92 4.06
C PRO A 106 14.44 2.83 3.15
N GLY A 107 14.26 3.19 1.89
CA GLY A 107 15.36 3.14 0.93
C GLY A 107 14.92 2.45 -0.35
N VAL A 108 13.69 1.96 -0.36
CA VAL A 108 13.16 1.27 -1.54
C VAL A 108 12.22 2.18 -2.32
N LEU A 109 11.51 3.05 -1.59
CA LEU A 109 10.59 3.98 -2.22
C LEU A 109 10.96 5.42 -1.89
N PRO A 110 11.94 5.95 -2.59
CA PRO A 110 12.40 7.35 -2.37
C PRO A 110 11.52 8.38 -3.07
N GLU A 111 10.87 9.22 -2.29
CA GLU A 111 9.99 10.25 -2.84
C GLU A 111 10.77 11.18 -3.76
N ILE A 112 10.14 11.62 -4.85
CA ILE A 112 10.80 12.52 -5.79
C ILE A 112 10.70 13.96 -5.31
N ASP A 113 11.75 14.74 -5.58
CA ASP A 113 11.78 16.14 -5.17
C ASP A 113 11.18 17.02 -6.26
N THR A 114 9.95 17.48 -6.03
CA THR A 114 9.26 18.34 -6.99
C THR A 114 9.83 19.75 -6.93
N PRO A 115 9.73 20.50 -8.00
CA PRO A 115 10.24 21.89 -8.06
C PRO A 115 9.96 22.66 -6.78
N GLY A 116 10.96 23.39 -6.30
CA GLY A 116 10.80 24.17 -5.08
C GLY A 116 12.04 25.02 -4.81
N ASN A 117 11.96 25.87 -3.78
CA ASN A 117 13.07 26.74 -3.43
C ASN A 117 14.26 25.91 -2.92
N SER A 118 13.96 24.90 -2.10
CA SER A 118 15.00 24.04 -1.56
C SER A 118 14.50 22.62 -1.40
N SER A 119 13.56 22.42 -0.48
CA SER A 119 12.99 21.10 -0.24
C SER A 119 12.19 20.63 -1.44
N THR A 1 23.73 -15.94 4.12
CA THR A 1 23.82 -15.64 2.66
C THR A 1 22.81 -14.55 2.32
N PRO A 2 23.05 -13.83 1.25
CA PRO A 2 22.13 -12.73 0.80
C PRO A 2 20.78 -13.26 0.33
N HIS A 3 19.96 -13.69 1.28
CA HIS A 3 18.64 -14.22 0.96
C HIS A 3 17.79 -14.33 2.23
N VAL A 4 18.33 -14.99 3.24
CA VAL A 4 17.60 -15.16 4.50
C VAL A 4 17.19 -13.81 5.06
N LYS A 5 16.15 -13.81 5.89
CA LYS A 5 15.68 -12.57 6.49
C LYS A 5 16.65 -12.10 7.57
N ASP A 6 16.43 -10.89 8.07
CA ASP A 6 17.29 -10.34 9.11
C ASP A 6 16.56 -10.34 10.45
N TYR A 7 15.40 -9.68 10.49
CA TYR A 7 14.61 -9.62 11.70
C TYR A 7 13.28 -10.34 11.52
N SER A 8 12.56 -10.54 12.60
CA SER A 8 11.27 -11.23 12.54
C SER A 8 10.14 -10.21 12.34
N PHE A 9 10.45 -9.10 11.70
CA PHE A 9 9.46 -8.06 11.46
C PHE A 9 9.76 -7.31 10.17
N VAL A 10 10.84 -6.54 10.18
CA VAL A 10 11.22 -5.77 8.99
C VAL A 10 12.12 -6.61 8.08
N THR A 11 11.66 -6.83 6.85
CA THR A 11 12.43 -7.60 5.89
C THR A 11 11.93 -7.35 4.47
N GLU A 12 12.76 -7.65 3.49
CA GLU A 12 12.39 -7.45 2.09
C GLU A 12 11.03 -8.09 1.81
N ASP A 13 10.70 -9.13 2.58
CA ASP A 13 9.43 -9.81 2.41
C ASP A 13 8.35 -9.14 3.25
N ASN A 14 8.63 -7.93 3.71
CA ASN A 14 7.67 -7.19 4.52
C ASN A 14 6.26 -7.35 3.98
N THR A 15 5.34 -7.74 4.85
CA THR A 15 3.95 -7.93 4.44
C THR A 15 3.02 -7.87 5.65
N PHE A 16 1.80 -7.38 5.42
CA PHE A 16 0.82 -7.29 6.49
C PHE A 16 -0.58 -7.08 5.94
N GLU A 17 -1.55 -7.77 6.52
CA GLU A 17 -2.93 -7.66 6.07
C GLU A 17 -3.82 -7.13 7.19
N VAL A 18 -4.84 -6.36 6.82
CA VAL A 18 -5.75 -5.79 7.79
C VAL A 18 -7.15 -5.68 7.21
N LYS A 19 -8.16 -5.94 8.04
CA LYS A 19 -9.55 -5.87 7.59
C LYS A 19 -10.19 -4.55 8.02
N LEU A 20 -10.90 -3.92 7.10
CA LEU A 20 -11.55 -2.65 7.39
C LEU A 20 -13.06 -2.78 7.24
N PHE A 21 -13.81 -2.06 8.07
CA PHE A 21 -15.26 -2.10 8.02
C PHE A 21 -15.80 -0.90 7.24
N LYS A 22 -16.38 -1.17 6.07
CA LYS A 22 -16.94 -0.12 5.24
C LYS A 22 -18.19 0.47 5.86
N ASN A 23 -18.30 1.79 5.87
CA ASN A 23 -19.45 2.46 6.44
C ASN A 23 -19.74 3.76 5.69
N SER A 24 -20.78 4.48 6.12
CA SER A 24 -21.14 5.74 5.48
C SER A 24 -20.23 6.87 5.95
N SER A 25 -19.17 7.12 5.20
CA SER A 25 -18.22 8.17 5.54
C SER A 25 -17.27 8.44 4.38
N GLY A 26 -16.12 9.04 4.68
CA GLY A 26 -15.14 9.34 3.66
C GLY A 26 -13.76 8.78 4.03
N LEU A 27 -13.24 7.91 3.16
CA LEU A 27 -11.93 7.31 3.40
C LEU A 27 -10.91 8.38 3.77
N GLY A 28 -9.87 7.98 4.49
CA GLY A 28 -8.83 8.91 4.90
C GLY A 28 -7.60 8.80 4.01
N PHE A 29 -7.65 7.90 3.03
CA PHE A 29 -6.53 7.72 2.12
C PHE A 29 -7.00 7.67 0.67
N SER A 30 -6.07 7.90 -0.25
CA SER A 30 -6.38 7.88 -1.67
C SER A 30 -5.37 7.00 -2.41
N PHE A 31 -5.86 5.93 -3.01
CA PHE A 31 -4.98 5.01 -3.73
C PHE A 31 -4.76 5.48 -5.16
N SER A 32 -3.69 5.00 -5.78
CA SER A 32 -3.36 5.39 -7.14
C SER A 32 -2.42 4.37 -7.77
N ARG A 33 -2.34 4.39 -9.11
CA ARG A 33 -1.47 3.47 -9.83
C ARG A 33 -0.27 4.22 -10.41
N GLU A 34 0.93 3.67 -10.19
CA GLU A 34 2.15 4.30 -10.70
C GLU A 34 2.93 3.32 -11.56
N ASP A 35 3.88 3.86 -12.32
CA ASP A 35 4.71 3.04 -13.20
C ASP A 35 6.11 3.61 -13.31
N ASN A 36 7.08 2.77 -13.65
CA ASN A 36 8.46 3.21 -13.79
C ASN A 36 8.99 3.74 -12.45
N LEU A 37 8.47 3.18 -11.36
CA LEU A 37 8.89 3.59 -10.03
C LEU A 37 9.76 2.52 -9.38
N ILE A 38 9.28 1.28 -9.40
CA ILE A 38 10.02 0.17 -8.82
C ILE A 38 10.23 -0.94 -9.84
N PRO A 39 11.22 -0.81 -10.69
CA PRO A 39 11.52 -1.81 -11.74
C PRO A 39 12.29 -3.01 -11.18
N GLU A 40 12.80 -2.85 -9.97
CA GLU A 40 13.57 -3.92 -9.34
C GLU A 40 12.66 -5.12 -9.03
N GLN A 41 11.37 -4.96 -9.33
CA GLN A 41 10.40 -6.02 -9.09
C GLN A 41 10.24 -6.89 -10.33
N ILE A 42 8.99 -7.25 -10.63
CA ILE A 42 8.71 -8.08 -11.80
C ILE A 42 8.55 -7.20 -13.04
N ASN A 43 8.18 -7.83 -14.15
CA ASN A 43 8.00 -7.11 -15.41
C ASN A 43 6.62 -6.44 -15.44
N GLY A 44 6.36 -5.55 -14.50
CA GLY A 44 5.09 -4.86 -14.43
C GLY A 44 5.09 -3.81 -13.32
N SER A 45 3.92 -3.26 -13.03
CA SER A 45 3.80 -2.25 -11.98
C SER A 45 2.82 -2.70 -10.91
N ILE A 46 2.75 -1.95 -9.82
CA ILE A 46 1.85 -2.29 -8.71
C ILE A 46 1.10 -1.05 -8.22
N VAL A 47 0.03 -1.28 -7.46
CA VAL A 47 -0.76 -0.19 -6.91
C VAL A 47 -0.28 0.17 -5.51
N ARG A 48 -0.34 1.44 -5.16
CA ARG A 48 0.12 1.87 -3.85
C ARG A 48 -0.73 3.03 -3.33
N VAL A 49 -0.67 3.27 -2.02
CA VAL A 49 -1.42 4.36 -1.41
C VAL A 49 -0.88 5.70 -1.88
N LYS A 50 -1.75 6.70 -1.97
CA LYS A 50 -1.33 8.02 -2.42
C LYS A 50 -1.56 9.07 -1.34
N LYS A 51 -2.37 8.73 -0.33
CA LYS A 51 -2.65 9.69 0.73
C LYS A 51 -3.18 8.99 1.97
N LEU A 52 -3.06 9.65 3.12
CA LEU A 52 -3.54 9.09 4.38
C LEU A 52 -3.85 10.20 5.37
N PHE A 53 -4.86 9.99 6.20
CA PHE A 53 -5.26 10.98 7.20
C PHE A 53 -5.10 10.41 8.61
N PRO A 54 -4.06 10.77 9.33
CA PRO A 54 -3.82 10.26 10.71
C PRO A 54 -5.09 10.28 11.56
N GLY A 55 -5.52 9.10 11.99
CA GLY A 55 -6.73 9.00 12.81
C GLY A 55 -7.65 7.90 12.28
N GLN A 56 -7.55 7.62 10.99
CA GLN A 56 -8.39 6.58 10.39
C GLN A 56 -7.74 5.21 10.54
N PRO A 57 -8.53 4.17 10.55
CA PRO A 57 -8.02 2.77 10.68
C PRO A 57 -6.73 2.55 9.89
N ALA A 58 -6.75 2.96 8.62
CA ALA A 58 -5.60 2.81 7.76
C ALA A 58 -4.35 3.40 8.42
N ALA A 59 -4.55 4.03 9.57
CA ALA A 59 -3.44 4.63 10.30
C ALA A 59 -3.37 4.07 11.72
N GLU A 60 -4.42 3.35 12.11
CA GLU A 60 -4.47 2.77 13.44
C GLU A 60 -3.79 1.41 13.44
N SER A 61 -3.58 0.86 12.24
CA SER A 61 -2.94 -0.44 12.11
C SER A 61 -1.70 -0.53 12.99
N GLY A 62 -0.89 0.53 12.98
CA GLY A 62 0.32 0.54 13.80
C GLY A 62 1.47 1.22 13.07
N LYS A 63 1.70 0.81 11.83
CA LYS A 63 2.79 1.38 11.03
C LYS A 63 2.36 1.53 9.57
N ILE A 64 1.50 2.52 9.31
CA ILE A 64 1.02 2.76 7.96
C ILE A 64 1.51 4.12 7.46
N ASP A 65 1.57 4.28 6.14
CA ASP A 65 2.03 5.54 5.55
C ASP A 65 1.79 5.54 4.04
N VAL A 66 2.02 6.70 3.42
CA VAL A 66 1.82 6.83 1.98
C VAL A 66 2.87 6.03 1.23
N GLY A 67 2.46 4.89 0.69
CA GLY A 67 3.38 4.04 -0.05
C GLY A 67 2.96 2.56 0.02
N ASP A 68 2.29 2.21 1.12
CA ASP A 68 1.83 0.84 1.30
C ASP A 68 1.37 0.25 -0.03
N VAL A 69 2.06 -0.80 -0.48
CA VAL A 69 1.71 -1.44 -1.74
C VAL A 69 0.65 -2.51 -1.52
N ILE A 70 -0.50 -2.34 -2.17
CA ILE A 70 -1.58 -3.31 -2.05
C ILE A 70 -1.37 -4.47 -3.01
N LEU A 71 -1.22 -5.68 -2.46
CA LEU A 71 -1.01 -6.86 -3.29
C LEU A 71 -2.34 -7.46 -3.72
N LYS A 72 -3.17 -7.83 -2.75
CA LYS A 72 -4.46 -8.41 -3.05
C LYS A 72 -5.57 -7.72 -2.25
N VAL A 73 -6.80 -8.09 -2.55
CA VAL A 73 -7.96 -7.52 -1.84
C VAL A 73 -9.04 -8.57 -1.68
N ASN A 74 -9.11 -9.17 -0.49
CA ASN A 74 -10.10 -10.20 -0.23
C ASN A 74 -9.86 -11.41 -1.11
N GLY A 75 -8.73 -11.39 -1.83
CA GLY A 75 -8.38 -12.49 -2.72
C GLY A 75 -8.56 -12.08 -4.18
N ALA A 76 -8.23 -10.83 -4.48
CA ALA A 76 -8.36 -10.32 -5.85
C ALA A 76 -7.07 -9.65 -6.29
N PRO A 77 -6.10 -10.42 -6.70
CA PRO A 77 -4.77 -9.89 -7.16
C PRO A 77 -4.93 -8.87 -8.29
N LEU A 78 -3.83 -8.20 -8.63
CA LEU A 78 -3.84 -7.19 -9.68
C LEU A 78 -3.05 -7.70 -10.90
N LYS A 79 -2.40 -8.84 -10.73
CA LYS A 79 -1.61 -9.42 -11.82
C LYS A 79 -2.49 -9.76 -13.02
N GLY A 80 -2.28 -9.07 -14.12
CA GLY A 80 -3.07 -9.31 -15.34
C GLY A 80 -4.24 -8.34 -15.45
N LEU A 81 -4.54 -7.65 -14.35
CA LEU A 81 -5.65 -6.70 -14.34
C LEU A 81 -5.13 -5.27 -14.45
N SER A 82 -6.02 -4.34 -14.75
CA SER A 82 -5.65 -2.93 -14.89
C SER A 82 -6.39 -2.08 -13.87
N GLN A 83 -6.22 -0.76 -13.98
CA GLN A 83 -6.87 0.17 -13.07
C GLN A 83 -8.31 -0.27 -12.79
N GLN A 84 -8.84 -1.11 -13.67
CA GLN A 84 -10.20 -1.60 -13.52
C GLN A 84 -10.37 -2.35 -12.19
N ASP A 85 -9.59 -3.40 -12.02
CA ASP A 85 -9.68 -4.20 -10.80
C ASP A 85 -9.13 -3.43 -9.60
N VAL A 86 -8.54 -2.27 -9.84
CA VAL A 86 -7.99 -1.46 -8.77
C VAL A 86 -9.09 -0.61 -8.15
N ILE A 87 -9.82 0.11 -8.98
CA ILE A 87 -10.91 0.97 -8.51
C ILE A 87 -12.09 0.13 -8.02
N SER A 88 -12.23 -1.06 -8.59
CA SER A 88 -13.33 -1.95 -8.21
C SER A 88 -12.99 -2.75 -6.96
N ALA A 89 -11.77 -3.30 -6.93
CA ALA A 89 -11.35 -4.08 -5.77
C ALA A 89 -11.57 -3.30 -4.49
N LEU A 90 -11.32 -2.00 -4.54
CA LEU A 90 -11.51 -1.15 -3.37
C LEU A 90 -12.98 -0.96 -3.07
N ARG A 91 -13.80 -1.00 -4.11
CA ARG A 91 -15.24 -0.81 -3.96
C ARG A 91 -15.83 -1.95 -3.13
N GLY A 92 -15.55 -3.19 -3.53
CA GLY A 92 -16.07 -4.35 -2.81
C GLY A 92 -17.58 -4.26 -2.66
N THR A 93 -18.07 -4.74 -1.52
CA THR A 93 -19.51 -4.73 -1.25
C THR A 93 -19.77 -4.99 0.23
N ALA A 94 -19.26 -6.11 0.72
CA ALA A 94 -19.44 -6.47 2.13
C ALA A 94 -18.70 -5.49 3.03
N PRO A 95 -19.09 -5.42 4.28
CA PRO A 95 -18.48 -4.50 5.28
C PRO A 95 -17.05 -4.91 5.62
N GLU A 96 -16.88 -6.16 6.04
CA GLU A 96 -15.56 -6.66 6.39
C GLU A 96 -14.78 -7.06 5.14
N VAL A 97 -13.74 -6.30 4.84
CA VAL A 97 -12.92 -6.58 3.66
C VAL A 97 -11.44 -6.69 4.04
N SER A 98 -10.84 -7.84 3.72
CA SER A 98 -9.44 -8.06 4.02
C SER A 98 -8.55 -7.57 2.87
N LEU A 99 -7.54 -6.77 3.19
CA LEU A 99 -6.65 -6.26 2.18
C LEU A 99 -5.19 -6.57 2.51
N LEU A 100 -4.45 -7.03 1.51
CA LEU A 100 -3.04 -7.36 1.71
C LEU A 100 -2.18 -6.18 1.32
N LEU A 101 -1.28 -5.78 2.22
CA LEU A 101 -0.40 -4.66 1.95
C LEU A 101 1.04 -5.01 2.28
N CYS A 102 1.97 -4.15 1.87
CA CYS A 102 3.38 -4.39 2.12
C CYS A 102 4.10 -3.09 2.47
N ARG A 103 4.95 -3.16 3.50
CA ARG A 103 5.71 -2.00 3.93
C ARG A 103 7.21 -2.29 3.93
N PRO A 104 7.83 -2.22 2.78
CA PRO A 104 9.29 -2.48 2.64
C PRO A 104 10.13 -1.51 3.46
N ALA A 105 11.39 -1.86 3.67
CA ALA A 105 12.30 -1.01 4.44
C ALA A 105 12.51 0.32 3.72
N PRO A 106 12.99 1.31 4.43
CA PRO A 106 13.25 2.66 3.85
C PRO A 106 14.44 2.65 2.88
N GLY A 107 14.26 3.32 1.74
CA GLY A 107 15.31 3.38 0.74
C GLY A 107 14.90 2.64 -0.53
N VAL A 108 13.66 2.17 -0.57
CA VAL A 108 13.16 1.46 -1.73
C VAL A 108 12.09 2.29 -2.45
N LEU A 109 11.39 3.13 -1.70
CA LEU A 109 10.36 3.97 -2.28
C LEU A 109 10.50 5.42 -1.82
N PRO A 110 11.49 6.10 -2.33
CA PRO A 110 11.76 7.52 -1.95
C PRO A 110 10.49 8.37 -1.98
N GLU A 111 10.65 9.66 -1.72
CA GLU A 111 9.51 10.58 -1.73
C GLU A 111 9.74 11.73 -2.71
N ILE A 112 8.65 12.25 -3.26
CA ILE A 112 8.75 13.35 -4.21
C ILE A 112 9.18 14.63 -3.51
N ASP A 113 9.89 15.48 -4.22
CA ASP A 113 10.36 16.74 -3.66
C ASP A 113 9.87 17.92 -4.49
N THR A 114 9.03 18.75 -3.89
CA THR A 114 8.50 19.93 -4.58
C THR A 114 9.58 20.99 -4.75
N PRO A 115 9.43 21.85 -5.72
CA PRO A 115 10.41 22.94 -5.98
C PRO A 115 10.42 23.99 -4.88
N GLY A 116 11.60 24.50 -4.56
CA GLY A 116 11.74 25.51 -3.53
C GLY A 116 12.23 26.83 -4.11
N ASN A 117 12.57 26.81 -5.39
CA ASN A 117 13.07 28.01 -6.06
C ASN A 117 11.90 28.88 -6.53
N SER A 118 10.75 28.25 -6.75
CA SER A 118 9.57 28.98 -7.21
C SER A 118 9.43 30.29 -6.45
N SER A 119 9.28 30.20 -5.13
CA SER A 119 9.14 31.39 -4.30
C SER A 119 10.49 32.06 -4.08
N THR A 1 23.67 -15.75 2.68
CA THR A 1 23.12 -14.87 3.75
C THR A 1 23.97 -13.62 3.88
N PRO A 2 24.04 -12.84 2.83
CA PRO A 2 24.84 -11.58 2.81
C PRO A 2 24.18 -10.47 3.62
N HIS A 3 22.88 -10.30 3.43
CA HIS A 3 22.14 -9.27 4.14
C HIS A 3 21.63 -9.79 5.50
N VAL A 4 21.86 -9.02 6.54
CA VAL A 4 21.43 -9.42 7.88
C VAL A 4 20.32 -8.50 8.37
N LYS A 5 19.11 -9.05 8.49
CA LYS A 5 17.97 -8.27 8.95
C LYS A 5 18.20 -7.74 10.35
N ASP A 6 17.55 -6.63 10.68
CA ASP A 6 17.69 -6.02 12.00
C ASP A 6 16.48 -6.36 12.87
N TYR A 7 15.30 -6.32 12.27
CA TYR A 7 14.06 -6.62 13.00
C TYR A 7 13.52 -7.97 12.58
N SER A 8 12.48 -8.43 13.28
CA SER A 8 11.86 -9.71 12.97
C SER A 8 10.59 -9.52 12.16
N PHE A 9 10.68 -8.76 11.08
CA PHE A 9 9.52 -8.51 10.22
C PHE A 9 9.90 -7.62 9.05
N VAL A 10 10.79 -6.66 9.30
CA VAL A 10 11.22 -5.74 8.26
C VAL A 10 12.22 -6.43 7.32
N THR A 11 11.69 -7.14 6.34
CA THR A 11 12.54 -7.85 5.38
C THR A 11 11.97 -7.72 3.97
N GLU A 12 12.71 -8.26 3.00
CA GLU A 12 12.27 -8.20 1.60
C GLU A 12 10.87 -8.79 1.47
N ASP A 13 10.46 -9.57 2.45
CA ASP A 13 9.13 -10.19 2.42
C ASP A 13 8.13 -9.35 3.20
N ASN A 14 8.45 -8.07 3.40
CA ASN A 14 7.57 -7.17 4.12
C ASN A 14 6.14 -7.28 3.59
N THR A 15 5.24 -7.77 4.43
CA THR A 15 3.84 -7.92 4.02
C THR A 15 2.92 -7.81 5.24
N PHE A 16 1.78 -7.16 5.04
CA PHE A 16 0.82 -7.00 6.13
C PHE A 16 -0.58 -6.75 5.57
N GLU A 17 -1.57 -7.36 6.19
CA GLU A 17 -2.95 -7.21 5.76
C GLU A 17 -3.82 -6.70 6.90
N VAL A 18 -4.89 -5.99 6.55
CA VAL A 18 -5.79 -5.45 7.56
C VAL A 18 -7.23 -5.50 7.07
N LYS A 19 -8.14 -5.90 7.94
CA LYS A 19 -9.54 -5.99 7.58
C LYS A 19 -10.32 -4.78 8.10
N LEU A 20 -10.92 -4.04 7.18
CA LEU A 20 -11.69 -2.86 7.56
C LEU A 20 -13.18 -3.07 7.31
N PHE A 21 -14.00 -2.26 7.97
CA PHE A 21 -15.45 -2.37 7.80
C PHE A 21 -15.95 -1.30 6.83
N LYS A 22 -16.09 -1.68 5.57
CA LYS A 22 -16.56 -0.75 4.55
C LYS A 22 -17.97 -0.28 4.86
N ASN A 23 -18.18 1.03 4.76
CA ASN A 23 -19.49 1.61 5.03
C ASN A 23 -19.68 2.88 4.21
N SER A 24 -20.90 3.42 4.22
CA SER A 24 -21.19 4.63 3.47
C SER A 24 -20.43 5.83 4.04
N SER A 25 -19.25 6.08 3.48
CA SER A 25 -18.43 7.20 3.95
C SER A 25 -17.39 7.56 2.90
N GLY A 26 -16.39 8.33 3.30
CA GLY A 26 -15.33 8.73 2.38
C GLY A 26 -14.00 8.09 2.75
N LEU A 27 -13.31 7.55 1.76
CA LEU A 27 -12.03 6.90 1.99
C LEU A 27 -11.08 7.84 2.72
N GLY A 28 -10.46 7.35 3.79
CA GLY A 28 -9.52 8.16 4.55
C GLY A 28 -8.21 8.32 3.81
N PHE A 29 -8.04 7.56 2.74
CA PHE A 29 -6.82 7.63 1.94
C PHE A 29 -7.14 7.60 0.45
N SER A 30 -6.23 8.11 -0.35
CA SER A 30 -6.42 8.13 -1.80
C SER A 30 -5.31 7.32 -2.47
N PHE A 31 -5.69 6.24 -3.13
CA PHE A 31 -4.72 5.40 -3.82
C PHE A 31 -4.58 5.80 -5.28
N SER A 32 -3.48 5.38 -5.90
CA SER A 32 -3.24 5.71 -7.30
C SER A 32 -2.31 4.69 -7.94
N ARG A 33 -2.26 4.72 -9.28
CA ARG A 33 -1.40 3.81 -10.02
C ARG A 33 -0.33 4.58 -10.78
N GLU A 34 0.93 4.31 -10.47
CA GLU A 34 2.03 5.00 -11.14
C GLU A 34 3.09 4.01 -11.60
N ASP A 35 4.06 4.49 -12.37
CA ASP A 35 5.13 3.64 -12.87
C ASP A 35 6.45 4.39 -12.90
N ASN A 36 7.52 3.69 -13.29
CA ASN A 36 8.83 4.31 -13.37
C ASN A 36 9.44 4.45 -11.98
N LEU A 37 8.92 3.69 -11.03
CA LEU A 37 9.41 3.73 -9.66
C LEU A 37 10.17 2.45 -9.34
N ILE A 38 9.56 1.31 -9.62
CA ILE A 38 10.18 0.01 -9.37
C ILE A 38 10.51 -0.69 -10.69
N PRO A 39 11.72 -0.58 -11.17
CA PRO A 39 12.13 -1.22 -12.45
C PRO A 39 12.38 -2.71 -12.29
N GLU A 40 12.49 -3.17 -11.05
CA GLU A 40 12.72 -4.59 -10.79
C GLU A 40 11.58 -5.41 -11.36
N GLN A 41 10.35 -4.89 -11.25
CA GLN A 41 9.19 -5.58 -11.76
C GLN A 41 9.00 -5.27 -13.24
N ILE A 42 8.37 -6.20 -13.96
CA ILE A 42 8.13 -6.01 -15.39
C ILE A 42 6.79 -6.59 -15.80
N ASN A 43 6.22 -6.05 -16.86
CA ASN A 43 4.92 -6.51 -17.35
C ASN A 43 3.94 -6.66 -16.19
N GLY A 44 4.14 -5.87 -15.14
CA GLY A 44 3.26 -5.92 -13.99
C GLY A 44 3.48 -4.73 -13.07
N SER A 45 2.45 -3.90 -12.93
CA SER A 45 2.54 -2.72 -12.07
C SER A 45 1.88 -2.99 -10.72
N ILE A 46 1.92 -2.00 -9.84
CA ILE A 46 1.32 -2.14 -8.52
C ILE A 46 0.64 -0.84 -8.09
N VAL A 47 -0.23 -0.93 -7.10
CA VAL A 47 -0.93 0.24 -6.60
C VAL A 47 -0.33 0.70 -5.28
N ARG A 48 -0.22 2.02 -5.10
CA ARG A 48 0.36 2.56 -3.88
C ARG A 48 -0.53 3.67 -3.30
N VAL A 49 -0.56 3.76 -1.97
CA VAL A 49 -1.37 4.78 -1.32
C VAL A 49 -0.85 6.16 -1.71
N LYS A 50 -1.76 7.11 -1.87
CA LYS A 50 -1.37 8.47 -2.26
C LYS A 50 -1.64 9.46 -1.14
N LYS A 51 -2.38 9.04 -0.12
CA LYS A 51 -2.68 9.93 0.99
C LYS A 51 -3.33 9.18 2.14
N LEU A 52 -3.12 9.66 3.36
CA LEU A 52 -3.69 9.04 4.55
C LEU A 52 -3.93 10.09 5.62
N PHE A 53 -5.18 10.24 6.02
CA PHE A 53 -5.52 11.22 7.05
C PHE A 53 -5.30 10.61 8.45
N PRO A 54 -4.97 11.42 9.42
CA PRO A 54 -4.71 10.94 10.81
C PRO A 54 -6.01 10.58 11.54
N GLY A 55 -6.00 9.42 12.19
CA GLY A 55 -7.18 8.96 12.93
C GLY A 55 -8.07 8.08 12.05
N GLN A 56 -7.59 7.75 10.86
CA GLN A 56 -8.37 6.91 9.96
C GLN A 56 -7.99 5.44 10.11
N PRO A 57 -8.90 4.54 9.83
CA PRO A 57 -8.63 3.08 9.95
C PRO A 57 -7.23 2.71 9.46
N ALA A 58 -6.92 3.11 8.22
CA ALA A 58 -5.61 2.80 7.65
C ALA A 58 -4.50 3.13 8.64
N ALA A 59 -4.52 4.36 9.16
CA ALA A 59 -3.51 4.79 10.12
C ALA A 59 -3.78 4.19 11.50
N GLU A 60 -4.95 3.59 11.65
CA GLU A 60 -5.32 2.97 12.92
C GLU A 60 -4.67 1.59 13.04
N SER A 61 -4.32 1.02 11.89
CA SER A 61 -3.69 -0.30 11.89
C SER A 61 -2.53 -0.35 12.87
N GLY A 62 -1.88 0.78 13.07
CA GLY A 62 -0.75 0.86 14.00
C GLY A 62 0.40 1.67 13.42
N LYS A 63 0.77 1.37 12.17
CA LYS A 63 1.86 2.08 11.51
C LYS A 63 1.70 2.05 10.00
N ILE A 64 0.74 2.81 9.49
CA ILE A 64 0.49 2.86 8.05
C ILE A 64 0.74 4.28 7.54
N ASP A 65 1.15 4.39 6.28
CA ASP A 65 1.41 5.71 5.69
C ASP A 65 1.34 5.64 4.17
N VAL A 66 1.68 6.75 3.52
CA VAL A 66 1.66 6.81 2.07
C VAL A 66 2.81 6.02 1.47
N GLY A 67 2.49 4.94 0.77
CA GLY A 67 3.50 4.10 0.15
C GLY A 67 3.11 2.62 0.19
N ASP A 68 2.24 2.27 1.14
CA ASP A 68 1.80 0.89 1.28
C ASP A 68 1.31 0.35 -0.06
N VAL A 69 1.98 -0.69 -0.56
CA VAL A 69 1.60 -1.29 -1.83
C VAL A 69 0.55 -2.37 -1.64
N ILE A 70 -0.60 -2.20 -2.29
CA ILE A 70 -1.67 -3.18 -2.17
C ILE A 70 -1.57 -4.22 -3.28
N LEU A 71 -1.84 -5.47 -2.94
CA LEU A 71 -1.76 -6.54 -3.94
C LEU A 71 -3.12 -7.20 -4.14
N LYS A 72 -3.71 -7.72 -3.07
CA LYS A 72 -5.00 -8.38 -3.17
C LYS A 72 -6.03 -7.67 -2.29
N VAL A 73 -7.30 -8.02 -2.50
CA VAL A 73 -8.38 -7.41 -1.72
C VAL A 73 -9.53 -8.40 -1.57
N ASN A 74 -9.43 -9.26 -0.55
CA ASN A 74 -10.47 -10.25 -0.31
C ASN A 74 -10.35 -11.41 -1.29
N GLY A 75 -9.30 -11.38 -2.11
CA GLY A 75 -9.08 -12.42 -3.09
C GLY A 75 -9.11 -11.86 -4.51
N ALA A 76 -8.62 -10.64 -4.67
CA ALA A 76 -8.60 -9.99 -5.98
C ALA A 76 -7.20 -9.49 -6.31
N PRO A 77 -6.35 -10.39 -6.74
CA PRO A 77 -4.94 -10.04 -7.12
C PRO A 77 -4.88 -8.86 -8.08
N LEU A 78 -3.67 -8.38 -8.35
CA LEU A 78 -3.49 -7.25 -9.26
C LEU A 78 -2.57 -7.64 -10.42
N LYS A 79 -1.53 -8.41 -10.11
CA LYS A 79 -0.59 -8.85 -11.13
C LYS A 79 -1.33 -9.29 -12.38
N GLY A 80 -1.01 -8.65 -13.51
CA GLY A 80 -1.65 -8.98 -14.77
C GLY A 80 -2.83 -8.06 -15.04
N LEU A 81 -3.44 -7.57 -13.97
CA LEU A 81 -4.58 -6.67 -14.09
C LEU A 81 -4.12 -5.21 -14.16
N SER A 82 -5.06 -4.32 -14.44
CA SER A 82 -4.73 -2.89 -14.54
C SER A 82 -5.47 -2.09 -13.47
N GLN A 83 -5.21 -0.79 -13.45
CA GLN A 83 -5.86 0.09 -12.48
C GLN A 83 -7.34 -0.26 -12.32
N GLN A 84 -7.99 -0.56 -13.45
CA GLN A 84 -9.41 -0.90 -13.43
C GLN A 84 -9.72 -1.80 -12.24
N ASP A 85 -9.00 -2.91 -12.14
CA ASP A 85 -9.21 -3.85 -11.06
C ASP A 85 -8.84 -3.24 -9.71
N VAL A 86 -7.99 -2.21 -9.74
CA VAL A 86 -7.59 -1.55 -8.51
C VAL A 86 -8.70 -0.64 -7.97
N ILE A 87 -9.40 0.02 -8.89
CA ILE A 87 -10.49 0.90 -8.49
C ILE A 87 -11.73 0.11 -8.09
N SER A 88 -11.90 -1.05 -8.71
CA SER A 88 -13.06 -1.89 -8.40
C SER A 88 -12.78 -2.78 -7.19
N ALA A 89 -11.74 -3.60 -7.29
CA ALA A 89 -11.38 -4.49 -6.19
C ALA A 89 -11.29 -3.72 -4.88
N LEU A 90 -11.33 -2.40 -4.98
CA LEU A 90 -11.25 -1.55 -3.81
C LEU A 90 -12.65 -1.20 -3.29
N ARG A 91 -13.59 -1.08 -4.22
CA ARG A 91 -14.96 -0.74 -3.86
C ARG A 91 -15.58 -1.86 -3.02
N GLY A 92 -15.30 -3.10 -3.42
CA GLY A 92 -15.83 -4.26 -2.70
C GLY A 92 -17.30 -4.07 -2.35
N THR A 93 -17.86 -4.98 -1.57
CA THR A 93 -19.25 -4.90 -1.18
C THR A 93 -19.42 -5.22 0.30
N ALA A 94 -19.15 -6.47 0.66
CA ALA A 94 -19.28 -6.91 2.04
C ALA A 94 -18.54 -5.95 2.98
N PRO A 95 -18.91 -5.94 4.23
CA PRO A 95 -18.27 -5.05 5.26
C PRO A 95 -16.85 -5.50 5.59
N GLU A 96 -16.71 -6.76 5.98
CA GLU A 96 -15.40 -7.30 6.33
C GLU A 96 -14.57 -7.54 5.07
N VAL A 97 -13.67 -6.61 4.77
CA VAL A 97 -12.83 -6.73 3.59
C VAL A 97 -11.35 -6.76 3.98
N SER A 98 -10.68 -7.86 3.63
CA SER A 98 -9.26 -8.00 3.95
C SER A 98 -8.41 -7.48 2.80
N LEU A 99 -7.53 -6.54 3.10
CA LEU A 99 -6.66 -5.97 2.07
C LEU A 99 -5.20 -6.31 2.33
N LEU A 100 -4.56 -6.88 1.32
CA LEU A 100 -3.15 -7.25 1.43
C LEU A 100 -2.28 -6.05 1.10
N LEU A 101 -1.37 -5.72 2.01
CA LEU A 101 -0.48 -4.57 1.79
C LEU A 101 0.97 -4.97 1.94
N CYS A 102 1.87 -4.06 1.59
CA CYS A 102 3.30 -4.32 1.69
C CYS A 102 4.05 -3.06 2.10
N ARG A 103 4.88 -3.17 3.12
CA ARG A 103 5.65 -2.03 3.59
C ARG A 103 7.13 -2.34 3.59
N PRO A 104 7.76 -2.26 2.44
CA PRO A 104 9.21 -2.53 2.30
C PRO A 104 10.05 -1.71 3.27
N ALA A 105 11.29 -2.11 3.47
CA ALA A 105 12.18 -1.39 4.39
C ALA A 105 12.41 0.03 3.89
N PRO A 106 12.86 0.89 4.76
CA PRO A 106 13.13 2.32 4.42
C PRO A 106 14.33 2.47 3.49
N GLY A 107 14.09 3.07 2.33
CA GLY A 107 15.17 3.27 1.36
C GLY A 107 15.04 2.30 0.19
N VAL A 108 13.82 1.83 -0.05
CA VAL A 108 13.57 0.90 -1.15
C VAL A 108 13.01 1.63 -2.35
N LEU A 109 12.36 2.77 -2.11
CA LEU A 109 11.78 3.55 -3.19
C LEU A 109 12.38 4.97 -3.20
N PRO A 110 12.50 5.57 -4.36
CA PRO A 110 13.08 6.94 -4.48
C PRO A 110 12.16 8.01 -3.90
N GLU A 111 12.71 9.21 -3.71
CA GLU A 111 11.92 10.31 -3.16
C GLU A 111 11.69 11.40 -4.22
N ILE A 112 10.95 12.42 -3.84
CA ILE A 112 10.66 13.52 -4.76
C ILE A 112 11.41 14.78 -4.36
N ASP A 113 11.62 15.68 -5.33
CA ASP A 113 12.32 16.92 -5.05
C ASP A 113 11.34 18.07 -4.86
N THR A 114 11.11 18.42 -3.60
CA THR A 114 10.18 19.51 -3.28
C THR A 114 10.66 20.82 -3.92
N PRO A 115 9.75 21.72 -4.19
CA PRO A 115 10.09 23.04 -4.81
C PRO A 115 10.88 23.93 -3.86
N GLY A 116 12.13 24.22 -4.22
CA GLY A 116 12.98 25.07 -3.38
C GLY A 116 13.97 25.84 -4.24
N ASN A 117 14.15 25.39 -5.48
CA ASN A 117 15.08 26.05 -6.39
C ASN A 117 14.66 25.84 -7.84
N SER A 118 13.35 25.64 -8.05
CA SER A 118 12.83 25.43 -9.39
C SER A 118 11.41 25.96 -9.50
N SER A 119 11.21 26.98 -10.33
CA SER A 119 9.90 27.58 -10.52
C SER A 119 9.92 28.60 -11.65
N THR A 1 27.38 -8.49 2.78
CA THR A 1 26.04 -8.20 3.37
C THR A 1 26.24 -7.68 4.80
N PRO A 2 26.87 -6.55 4.94
CA PRO A 2 27.13 -5.93 6.27
C PRO A 2 25.88 -5.31 6.87
N HIS A 3 24.72 -5.70 6.34
CA HIS A 3 23.45 -5.17 6.82
C HIS A 3 22.95 -6.00 8.00
N VAL A 4 22.82 -5.35 9.16
CA VAL A 4 22.35 -6.03 10.35
C VAL A 4 20.85 -5.80 10.55
N LYS A 5 20.16 -6.82 11.04
CA LYS A 5 18.72 -6.72 11.27
C LYS A 5 18.44 -5.95 12.56
N ASP A 6 17.28 -5.32 12.62
CA ASP A 6 16.89 -4.55 13.80
C ASP A 6 15.68 -5.17 14.47
N TYR A 7 14.53 -5.07 13.82
CA TYR A 7 13.29 -5.64 14.36
C TYR A 7 12.89 -6.89 13.59
N SER A 8 11.75 -7.46 13.95
CA SER A 8 11.26 -8.66 13.29
C SER A 8 10.14 -8.31 12.31
N PHE A 9 9.96 -7.02 12.07
CA PHE A 9 8.92 -6.55 11.16
C PHE A 9 9.55 -5.93 9.91
N VAL A 10 10.61 -5.15 10.11
CA VAL A 10 11.30 -4.50 9.00
C VAL A 10 12.31 -5.45 8.37
N THR A 11 11.86 -6.19 7.35
CA THR A 11 12.74 -7.14 6.67
C THR A 11 12.39 -7.21 5.18
N GLU A 12 13.14 -8.03 4.45
CA GLU A 12 12.90 -8.19 3.02
C GLU A 12 11.55 -8.85 2.77
N ASP A 13 10.90 -9.28 3.85
CA ASP A 13 9.60 -9.93 3.74
C ASP A 13 8.50 -9.03 4.32
N ASN A 14 8.79 -7.73 4.38
CA ASN A 14 7.82 -6.78 4.93
C ASN A 14 6.43 -7.02 4.32
N THR A 15 5.49 -7.44 5.17
CA THR A 15 4.13 -7.70 4.71
C THR A 15 3.15 -7.55 5.86
N PHE A 16 1.93 -7.12 5.54
CA PHE A 16 0.90 -6.94 6.56
C PHE A 16 -0.47 -6.77 5.92
N GLU A 17 -1.49 -7.33 6.57
CA GLU A 17 -2.85 -7.24 6.06
C GLU A 17 -3.75 -6.61 7.12
N VAL A 18 -4.62 -5.71 6.68
CA VAL A 18 -5.54 -5.04 7.60
C VAL A 18 -6.98 -5.20 7.12
N LYS A 19 -7.87 -5.48 8.07
CA LYS A 19 -9.28 -5.67 7.74
C LYS A 19 -10.09 -4.47 8.20
N LEU A 20 -10.80 -3.84 7.27
CA LEU A 20 -11.63 -2.68 7.58
C LEU A 20 -13.05 -2.88 7.08
N PHE A 21 -14.01 -2.35 7.82
CA PHE A 21 -15.41 -2.49 7.45
C PHE A 21 -15.84 -1.32 6.56
N LYS A 22 -16.41 -1.63 5.41
CA LYS A 22 -16.85 -0.59 4.48
C LYS A 22 -18.25 -0.10 4.86
N ASN A 23 -18.48 1.19 4.68
CA ASN A 23 -19.77 1.78 5.00
C ASN A 23 -19.98 3.08 4.24
N SER A 24 -21.11 3.73 4.47
CA SER A 24 -21.41 4.99 3.79
C SER A 24 -20.56 6.11 4.36
N SER A 25 -19.40 6.35 3.74
CA SER A 25 -18.50 7.39 4.20
C SER A 25 -17.40 7.64 3.17
N GLY A 26 -16.37 8.38 3.57
CA GLY A 26 -15.26 8.68 2.67
C GLY A 26 -13.95 8.15 3.24
N LEU A 27 -13.17 7.50 2.39
CA LEU A 27 -11.89 6.95 2.83
C LEU A 27 -10.92 8.06 3.19
N GLY A 28 -10.14 7.84 4.25
CA GLY A 28 -9.17 8.83 4.69
C GLY A 28 -7.91 8.80 3.84
N PHE A 29 -7.83 7.79 2.97
CA PHE A 29 -6.67 7.64 2.10
C PHE A 29 -7.09 7.58 0.64
N SER A 30 -6.15 7.84 -0.25
CA SER A 30 -6.43 7.81 -1.68
C SER A 30 -5.36 7.01 -2.41
N PHE A 31 -5.75 5.90 -3.01
CA PHE A 31 -4.80 5.05 -3.72
C PHE A 31 -4.49 5.63 -5.10
N SER A 32 -3.47 5.09 -5.76
CA SER A 32 -3.09 5.57 -7.08
C SER A 32 -2.26 4.52 -7.82
N ARG A 33 -2.29 4.60 -9.15
CA ARG A 33 -1.53 3.66 -9.98
C ARG A 33 -0.34 4.36 -10.61
N GLU A 34 0.85 3.80 -10.38
CA GLU A 34 2.07 4.39 -10.93
C GLU A 34 2.97 3.30 -11.51
N ASP A 35 3.84 3.70 -12.43
CA ASP A 35 4.76 2.76 -13.06
C ASP A 35 6.12 3.41 -13.28
N ASN A 36 6.99 2.72 -13.99
CA ASN A 36 8.32 3.24 -14.28
C ASN A 36 9.08 3.52 -12.98
N LEU A 37 8.63 2.90 -11.90
CA LEU A 37 9.26 3.08 -10.60
C LEU A 37 10.05 1.85 -10.19
N ILE A 38 9.34 0.74 -10.01
CA ILE A 38 9.98 -0.51 -9.61
C ILE A 38 9.46 -1.66 -10.46
N PRO A 39 9.88 -1.73 -11.70
CA PRO A 39 9.45 -2.80 -12.64
C PRO A 39 10.20 -4.11 -12.40
N GLU A 40 11.22 -4.05 -11.55
CA GLU A 40 12.01 -5.24 -11.24
C GLU A 40 11.12 -6.36 -10.71
N GLN A 41 9.90 -6.00 -10.33
CA GLN A 41 8.95 -6.97 -9.81
C GLN A 41 8.36 -7.82 -10.94
N ILE A 42 7.06 -8.01 -10.91
CA ILE A 42 6.39 -8.81 -11.93
C ILE A 42 6.29 -8.03 -13.24
N ASN A 43 5.80 -8.69 -14.28
CA ASN A 43 5.66 -8.05 -15.59
C ASN A 43 4.54 -7.02 -15.55
N GLY A 44 4.70 -6.01 -14.71
CA GLY A 44 3.70 -4.96 -14.59
C GLY A 44 4.03 -4.01 -13.45
N SER A 45 2.99 -3.50 -12.79
CA SER A 45 3.18 -2.57 -11.68
C SER A 45 2.23 -2.91 -10.54
N ILE A 46 2.35 -2.17 -9.44
CA ILE A 46 1.49 -2.40 -8.28
C ILE A 46 0.89 -1.09 -7.79
N VAL A 47 -0.19 -1.19 -7.02
CA VAL A 47 -0.86 -0.01 -6.50
C VAL A 47 -0.11 0.52 -5.28
N ARG A 48 -0.29 1.81 -5.00
CA ARG A 48 0.36 2.43 -3.86
C ARG A 48 -0.53 3.51 -3.24
N VAL A 49 -0.50 3.61 -1.93
CA VAL A 49 -1.30 4.61 -1.22
C VAL A 49 -0.82 6.01 -1.58
N LYS A 50 -1.76 6.91 -1.84
CA LYS A 50 -1.41 8.28 -2.19
C LYS A 50 -1.72 9.23 -1.04
N LYS A 51 -2.48 8.73 -0.05
CA LYS A 51 -2.82 9.56 1.10
C LYS A 51 -3.08 8.70 2.33
N LEU A 52 -2.96 9.32 3.50
CA LEU A 52 -3.17 8.60 4.75
C LEU A 52 -3.62 9.58 5.83
N PHE A 53 -4.75 9.28 6.46
CA PHE A 53 -5.29 10.15 7.50
C PHE A 53 -5.16 9.49 8.89
N PRO A 54 -4.32 10.00 9.75
CA PRO A 54 -4.14 9.43 11.12
C PRO A 54 -5.47 9.18 11.82
N GLY A 55 -5.52 8.12 12.62
CA GLY A 55 -6.74 7.77 13.34
C GLY A 55 -7.59 6.78 12.55
N GLN A 56 -7.83 7.09 11.28
CA GLN A 56 -8.62 6.22 10.43
C GLN A 56 -8.01 4.82 10.37
N PRO A 57 -8.81 3.81 10.12
CA PRO A 57 -8.33 2.41 10.04
C PRO A 57 -6.98 2.30 9.33
N ALA A 58 -6.95 2.66 8.06
CA ALA A 58 -5.72 2.60 7.27
C ALA A 58 -4.58 3.30 8.00
N ALA A 59 -4.91 4.00 9.09
CA ALA A 59 -3.90 4.71 9.86
C ALA A 59 -3.89 4.24 11.31
N GLU A 60 -4.89 3.43 11.66
CA GLU A 60 -5.01 2.90 13.01
C GLU A 60 -4.27 1.57 13.11
N SER A 61 -3.94 1.00 11.97
CA SER A 61 -3.24 -0.28 11.93
C SER A 61 -2.08 -0.29 12.92
N GLY A 62 -1.42 0.84 13.07
CA GLY A 62 -0.30 0.94 13.99
C GLY A 62 0.89 1.68 13.35
N LYS A 63 1.29 1.23 12.17
CA LYS A 63 2.41 1.86 11.48
C LYS A 63 2.15 1.92 9.98
N ILE A 64 1.30 2.85 9.56
CA ILE A 64 0.97 3.00 8.16
C ILE A 64 1.42 4.38 7.65
N ASP A 65 1.60 4.48 6.34
CA ASP A 65 2.03 5.73 5.75
C ASP A 65 1.68 5.78 4.27
N VAL A 66 1.93 6.92 3.64
CA VAL A 66 1.64 7.08 2.21
C VAL A 66 2.73 6.43 1.37
N GLY A 67 2.48 5.22 0.89
CA GLY A 67 3.46 4.51 0.07
C GLY A 67 3.22 3.00 0.10
N ASP A 68 2.56 2.52 1.14
CA ASP A 68 2.27 1.09 1.26
C ASP A 68 1.79 0.53 -0.07
N VAL A 69 2.34 -0.63 -0.44
CA VAL A 69 1.96 -1.26 -1.71
C VAL A 69 0.90 -2.33 -1.48
N ILE A 70 -0.20 -2.24 -2.22
CA ILE A 70 -1.29 -3.21 -2.10
C ILE A 70 -1.04 -4.40 -3.03
N LEU A 71 -1.23 -5.61 -2.52
CA LEU A 71 -1.03 -6.80 -3.32
C LEU A 71 -2.35 -7.46 -3.70
N LYS A 72 -3.13 -7.83 -2.70
CA LYS A 72 -4.42 -8.47 -2.93
C LYS A 72 -5.54 -7.73 -2.21
N VAL A 73 -6.78 -8.13 -2.49
CA VAL A 73 -7.94 -7.50 -1.87
C VAL A 73 -8.93 -8.55 -1.39
N ASN A 74 -8.71 -9.07 -0.19
CA ASN A 74 -9.58 -10.08 0.37
C ASN A 74 -9.21 -11.46 -0.17
N GLY A 75 -8.06 -11.55 -0.81
CA GLY A 75 -7.60 -12.82 -1.37
C GLY A 75 -7.83 -12.87 -2.88
N ALA A 76 -8.02 -11.70 -3.49
CA ALA A 76 -8.24 -11.64 -4.93
C ALA A 76 -7.08 -10.93 -5.61
N PRO A 77 -6.75 -11.32 -6.82
CA PRO A 77 -5.62 -10.70 -7.59
C PRO A 77 -5.99 -9.33 -8.14
N LEU A 78 -4.99 -8.59 -8.61
CA LEU A 78 -5.21 -7.27 -9.17
C LEU A 78 -4.16 -6.95 -10.23
N LYS A 79 -2.93 -7.40 -9.98
CA LYS A 79 -1.84 -7.16 -10.91
C LYS A 79 -2.25 -7.54 -12.34
N GLY A 80 -1.59 -6.94 -13.32
CA GLY A 80 -1.89 -7.23 -14.71
C GLY A 80 -2.96 -6.28 -15.24
N LEU A 81 -3.93 -5.95 -14.39
CA LEU A 81 -5.01 -5.06 -14.78
C LEU A 81 -4.59 -3.60 -14.62
N SER A 82 -5.43 -2.69 -15.08
CA SER A 82 -5.13 -1.26 -14.98
C SER A 82 -5.90 -0.63 -13.84
N GLN A 83 -5.71 0.68 -13.65
CA GLN A 83 -6.38 1.40 -12.58
C GLN A 83 -7.89 1.12 -12.61
N GLN A 84 -8.44 0.97 -13.80
CA GLN A 84 -9.87 0.71 -13.94
C GLN A 84 -10.31 -0.38 -12.96
N ASP A 85 -9.61 -1.52 -12.99
CA ASP A 85 -9.95 -2.63 -12.11
C ASP A 85 -9.59 -2.31 -10.66
N VAL A 86 -8.66 -1.38 -10.47
CA VAL A 86 -8.24 -1.00 -9.13
C VAL A 86 -9.35 -0.22 -8.43
N ILE A 87 -9.91 0.77 -9.12
CA ILE A 87 -10.98 1.58 -8.56
C ILE A 87 -12.24 0.74 -8.36
N SER A 88 -12.49 -0.16 -9.31
CA SER A 88 -13.66 -1.02 -9.25
C SER A 88 -13.49 -2.09 -8.17
N ALA A 89 -12.24 -2.48 -7.92
CA ALA A 89 -11.96 -3.49 -6.91
C ALA A 89 -11.98 -2.86 -5.52
N LEU A 90 -11.62 -1.59 -5.46
CA LEU A 90 -11.59 -0.86 -4.19
C LEU A 90 -12.98 -0.88 -3.55
N ARG A 91 -13.99 -0.58 -4.33
CA ARG A 91 -15.36 -0.57 -3.83
C ARG A 91 -15.71 -1.91 -3.19
N GLY A 92 -15.37 -3.00 -3.87
CA GLY A 92 -15.65 -4.33 -3.35
C GLY A 92 -17.16 -4.59 -3.30
N THR A 93 -17.62 -5.09 -2.17
CA THR A 93 -19.04 -5.38 -1.99
C THR A 93 -19.36 -5.63 -0.52
N ALA A 94 -18.91 -6.76 -0.01
CA ALA A 94 -19.15 -7.12 1.39
C ALA A 94 -18.58 -6.05 2.31
N PRO A 95 -19.08 -6.00 3.52
CA PRO A 95 -18.61 -5.00 4.54
C PRO A 95 -17.16 -5.25 4.95
N GLU A 96 -16.90 -6.44 5.47
CA GLU A 96 -15.55 -6.80 5.90
C GLU A 96 -14.65 -7.04 4.70
N VAL A 97 -13.59 -6.24 4.59
CA VAL A 97 -12.67 -6.38 3.47
C VAL A 97 -11.23 -6.48 3.97
N SER A 98 -10.57 -7.60 3.68
CA SER A 98 -9.19 -7.81 4.09
C SER A 98 -8.25 -7.48 2.94
N LEU A 99 -7.49 -6.40 3.09
CA LEU A 99 -6.56 -5.99 2.05
C LEU A 99 -5.11 -6.28 2.45
N LEU A 100 -4.37 -6.91 1.54
CA LEU A 100 -2.97 -7.23 1.79
C LEU A 100 -2.08 -6.08 1.34
N LEU A 101 -1.10 -5.71 2.16
CA LEU A 101 -0.20 -4.62 1.82
C LEU A 101 1.24 -4.99 2.15
N CYS A 102 2.17 -4.12 1.75
CA CYS A 102 3.58 -4.35 2.02
C CYS A 102 4.29 -3.04 2.33
N ARG A 103 5.16 -3.08 3.34
CA ARG A 103 5.90 -1.89 3.73
C ARG A 103 7.40 -2.17 3.74
N PRO A 104 8.02 -2.15 2.59
CA PRO A 104 9.48 -2.40 2.46
C PRO A 104 10.31 -1.37 3.21
N ALA A 105 11.57 -1.72 3.50
CA ALA A 105 12.45 -0.81 4.23
C ALA A 105 12.76 0.42 3.36
N PRO A 106 13.20 1.48 3.98
CA PRO A 106 13.54 2.73 3.27
C PRO A 106 14.69 2.55 2.28
N GLY A 107 14.38 2.72 0.99
CA GLY A 107 15.40 2.57 -0.05
C GLY A 107 14.81 1.89 -1.27
N VAL A 108 13.80 1.06 -1.06
CA VAL A 108 13.16 0.34 -2.16
C VAL A 108 12.21 1.26 -2.92
N LEU A 109 11.65 2.23 -2.22
CA LEU A 109 10.72 3.18 -2.83
C LEU A 109 11.09 4.61 -2.48
N PRO A 110 12.02 5.20 -3.19
CA PRO A 110 12.47 6.60 -2.94
C PRO A 110 11.30 7.56 -2.82
N GLU A 111 11.51 8.64 -2.08
CA GLU A 111 10.47 9.64 -1.88
C GLU A 111 10.03 10.24 -3.22
N ILE A 112 8.79 10.70 -3.28
CA ILE A 112 8.26 11.29 -4.50
C ILE A 112 8.73 12.73 -4.65
N ASP A 113 8.84 13.18 -5.89
CA ASP A 113 9.29 14.56 -6.16
C ASP A 113 8.16 15.55 -5.87
N THR A 114 8.23 16.18 -4.70
CA THR A 114 7.21 17.16 -4.33
C THR A 114 7.68 18.57 -4.63
N PRO A 115 6.76 19.49 -4.87
CA PRO A 115 7.10 20.90 -5.18
C PRO A 115 8.25 21.41 -4.33
N GLY A 116 9.07 22.29 -4.91
CA GLY A 116 10.22 22.85 -4.20
C GLY A 116 10.59 24.21 -4.76
N ASN A 117 11.80 24.30 -5.32
CA ASN A 117 12.27 25.55 -5.89
C ASN A 117 13.39 25.29 -6.89
N SER A 118 13.97 26.37 -7.43
CA SER A 118 15.05 26.24 -8.38
C SER A 118 16.04 27.38 -8.22
N SER A 119 15.90 28.14 -7.14
CA SER A 119 16.80 29.27 -6.88
C SER A 119 16.57 29.81 -5.47
N THR A 1 27.05 -16.65 4.46
CA THR A 1 26.76 -16.15 5.84
C THR A 1 25.71 -15.03 5.75
N PRO A 2 24.48 -15.39 5.49
CA PRO A 2 23.36 -14.42 5.37
C PRO A 2 23.35 -13.43 6.54
N HIS A 3 22.81 -12.24 6.29
CA HIS A 3 22.74 -11.22 7.33
C HIS A 3 21.88 -11.70 8.49
N VAL A 4 22.13 -11.15 9.67
CA VAL A 4 21.38 -11.53 10.87
C VAL A 4 20.08 -10.73 10.95
N LYS A 5 19.07 -11.33 11.57
CA LYS A 5 17.78 -10.67 11.72
C LYS A 5 17.53 -10.29 13.19
N ASP A 6 17.57 -9.00 13.48
CA ASP A 6 17.34 -8.53 14.84
C ASP A 6 15.88 -8.73 15.24
N TYR A 7 15.01 -8.79 14.23
CA TYR A 7 13.58 -8.99 14.49
C TYR A 7 13.01 -10.07 13.59
N SER A 8 11.69 -10.24 13.65
CA SER A 8 11.03 -11.24 12.81
C SER A 8 10.03 -10.57 11.87
N PHE A 9 10.04 -9.24 11.88
CA PHE A 9 9.14 -8.48 11.01
C PHE A 9 9.93 -7.72 9.96
N VAL A 10 11.04 -7.12 10.37
CA VAL A 10 11.88 -6.36 9.45
C VAL A 10 12.68 -7.30 8.56
N THR A 11 12.10 -7.66 7.42
CA THR A 11 12.76 -8.55 6.48
C THR A 11 12.53 -8.09 5.05
N GLU A 12 13.22 -8.73 4.11
CA GLU A 12 13.09 -8.38 2.70
C GLU A 12 11.70 -8.75 2.18
N ASP A 13 10.88 -9.33 3.06
CA ASP A 13 9.54 -9.73 2.67
C ASP A 13 8.50 -8.89 3.41
N ASN A 14 8.89 -7.69 3.82
CA ASN A 14 7.98 -6.80 4.53
C ASN A 14 6.57 -6.92 3.96
N THR A 15 5.70 -7.60 4.71
CA THR A 15 4.32 -7.78 4.28
C THR A 15 3.39 -7.90 5.48
N PHE A 16 2.19 -7.34 5.37
CA PHE A 16 1.22 -7.39 6.46
C PHE A 16 -0.20 -7.27 5.93
N GLU A 17 -1.05 -8.19 6.37
CA GLU A 17 -2.45 -8.20 5.94
C GLU A 17 -3.35 -7.85 7.12
N VAL A 18 -4.34 -7.00 6.86
CA VAL A 18 -5.26 -6.60 7.91
C VAL A 18 -6.68 -6.49 7.36
N LYS A 19 -7.66 -6.90 8.16
CA LYS A 19 -9.06 -6.84 7.76
C LYS A 19 -9.77 -5.68 8.45
N LEU A 20 -10.40 -4.82 7.66
CA LEU A 20 -11.11 -3.67 8.22
C LEU A 20 -12.57 -3.70 7.82
N PHE A 21 -13.42 -3.07 8.63
CA PHE A 21 -14.85 -3.02 8.34
C PHE A 21 -15.21 -1.74 7.60
N LYS A 22 -15.73 -1.89 6.39
CA LYS A 22 -16.10 -0.74 5.58
C LYS A 22 -17.60 -0.71 5.33
N ASN A 23 -18.10 0.45 4.90
CA ASN A 23 -19.52 0.60 4.63
C ASN A 23 -19.73 1.53 3.43
N SER A 24 -20.99 1.84 3.14
CA SER A 24 -21.31 2.72 2.02
C SER A 24 -20.85 4.14 2.31
N SER A 25 -19.63 4.47 1.88
CA SER A 25 -19.10 5.81 2.10
C SER A 25 -17.82 6.01 1.29
N GLY A 26 -17.10 7.09 1.59
CA GLY A 26 -15.87 7.38 0.87
C GLY A 26 -14.65 7.01 1.72
N LEU A 27 -13.72 6.29 1.10
CA LEU A 27 -12.51 5.86 1.80
C LEU A 27 -11.85 7.05 2.49
N GLY A 28 -10.64 6.82 3.01
CA GLY A 28 -9.90 7.88 3.70
C GLY A 28 -8.58 8.18 3.01
N PHE A 29 -8.22 7.33 2.05
CA PHE A 29 -6.97 7.52 1.31
C PHE A 29 -7.18 7.31 -0.19
N SER A 30 -6.22 7.76 -0.97
CA SER A 30 -6.30 7.62 -2.41
C SER A 30 -5.04 6.93 -2.94
N PHE A 31 -5.22 5.76 -3.53
CA PHE A 31 -4.08 5.01 -4.06
C PHE A 31 -3.73 5.49 -5.47
N SER A 32 -2.52 5.16 -5.92
CA SER A 32 -2.07 5.56 -7.25
C SER A 32 -1.30 4.42 -7.91
N ARG A 33 -1.53 4.24 -9.21
CA ARG A 33 -0.85 3.18 -9.95
C ARG A 33 -0.01 3.78 -11.08
N GLU A 34 1.30 3.76 -10.90
CA GLU A 34 2.21 4.31 -11.91
C GLU A 34 3.39 3.36 -12.13
N ASP A 35 4.14 3.61 -13.21
CA ASP A 35 5.29 2.78 -13.52
C ASP A 35 6.57 3.62 -13.56
N ASN A 36 7.67 3.00 -13.97
CA ASN A 36 8.94 3.71 -14.04
C ASN A 36 9.45 4.02 -12.63
N LEU A 37 8.94 3.29 -11.65
CA LEU A 37 9.35 3.49 -10.27
C LEU A 37 10.23 2.33 -9.81
N ILE A 38 9.69 1.12 -9.84
CA ILE A 38 10.43 -0.05 -9.43
C ILE A 38 10.17 -1.21 -10.38
N PRO A 39 10.60 -1.07 -11.61
CA PRO A 39 10.42 -2.13 -12.65
C PRO A 39 11.35 -3.33 -12.44
N GLU A 40 12.26 -3.18 -11.49
CA GLU A 40 13.21 -4.25 -11.19
C GLU A 40 12.46 -5.54 -10.88
N GLN A 41 11.25 -5.41 -10.35
CA GLN A 41 10.43 -6.56 -10.02
C GLN A 41 10.01 -7.32 -11.27
N ILE A 42 8.92 -8.07 -11.18
CA ILE A 42 8.43 -8.83 -12.32
C ILE A 42 7.85 -7.90 -13.37
N ASN A 43 7.40 -8.48 -14.48
CA ASN A 43 6.83 -7.69 -15.56
C ASN A 43 5.39 -7.30 -15.24
N GLY A 44 5.23 -6.19 -14.53
CA GLY A 44 3.91 -5.71 -14.15
C GLY A 44 4.00 -4.44 -13.31
N SER A 45 2.85 -3.96 -12.86
CA SER A 45 2.80 -2.75 -12.04
C SER A 45 2.00 -3.00 -10.76
N ILE A 46 2.17 -2.13 -9.78
CA ILE A 46 1.46 -2.27 -8.51
C ILE A 46 0.84 -0.94 -8.10
N VAL A 47 -0.03 -0.98 -7.10
CA VAL A 47 -0.69 0.23 -6.61
C VAL A 47 -0.31 0.48 -5.15
N ARG A 48 -0.01 1.73 -4.83
CA ARG A 48 0.36 2.09 -3.47
C ARG A 48 -0.40 3.32 -3.00
N VAL A 49 -0.55 3.46 -1.69
CA VAL A 49 -1.26 4.59 -1.12
C VAL A 49 -0.64 5.90 -1.62
N LYS A 50 -1.49 6.88 -1.89
CA LYS A 50 -1.01 8.17 -2.39
C LYS A 50 -1.33 9.28 -1.40
N LYS A 51 -2.18 8.98 -0.41
CA LYS A 51 -2.53 9.99 0.58
C LYS A 51 -3.28 9.36 1.75
N LEU A 52 -2.76 9.55 2.96
CA LEU A 52 -3.38 9.01 4.15
C LEU A 52 -3.19 9.95 5.33
N PHE A 53 -4.29 10.43 5.89
CA PHE A 53 -4.24 11.34 7.03
C PHE A 53 -4.45 10.57 8.33
N PRO A 54 -3.97 11.08 9.42
CA PRO A 54 -4.13 10.42 10.75
C PRO A 54 -5.55 10.54 11.29
N GLY A 55 -6.23 9.42 11.45
CA GLY A 55 -7.60 9.44 11.97
C GLY A 55 -8.53 8.50 11.20
N GLN A 56 -8.03 7.90 10.13
CA GLN A 56 -8.86 6.98 9.35
C GLN A 56 -8.47 5.53 9.63
N PRO A 57 -9.33 4.60 9.29
CA PRO A 57 -9.07 3.15 9.51
C PRO A 57 -7.65 2.77 9.12
N ALA A 58 -7.28 3.06 7.87
CA ALA A 58 -5.94 2.74 7.39
C ALA A 58 -4.88 3.21 8.38
N ALA A 59 -4.98 4.46 8.82
CA ALA A 59 -4.03 5.01 9.76
C ALA A 59 -4.32 4.49 11.17
N GLU A 60 -5.43 3.78 11.32
CA GLU A 60 -5.81 3.24 12.61
C GLU A 60 -5.21 1.85 12.79
N SER A 61 -4.82 1.25 11.67
CA SER A 61 -4.23 -0.08 11.70
C SER A 61 -3.14 -0.17 12.77
N GLY A 62 -2.55 0.97 13.09
CA GLY A 62 -1.49 1.00 14.11
C GLY A 62 -0.29 1.82 13.63
N LYS A 63 0.21 1.48 12.44
CA LYS A 63 1.36 2.19 11.89
C LYS A 63 1.35 2.12 10.37
N ILE A 64 0.51 2.94 9.75
CA ILE A 64 0.41 2.97 8.29
C ILE A 64 0.80 4.35 7.77
N ASP A 65 1.21 4.41 6.51
CA ASP A 65 1.60 5.69 5.91
C ASP A 65 1.45 5.64 4.40
N VAL A 66 1.77 6.76 3.75
CA VAL A 66 1.67 6.85 2.30
C VAL A 66 2.85 6.15 1.64
N GLY A 67 2.57 5.05 0.95
CA GLY A 67 3.62 4.30 0.27
C GLY A 67 3.31 2.80 0.29
N ASP A 68 2.50 2.37 1.26
CA ASP A 68 2.14 0.96 1.38
C ASP A 68 1.72 0.41 0.02
N VAL A 69 2.36 -0.68 -0.40
CA VAL A 69 2.04 -1.29 -1.69
C VAL A 69 1.02 -2.42 -1.50
N ILE A 70 -0.16 -2.25 -2.10
CA ILE A 70 -1.21 -3.25 -2.00
C ILE A 70 -0.97 -4.38 -3.00
N LEU A 71 -1.21 -5.61 -2.56
CA LEU A 71 -1.02 -6.77 -3.43
C LEU A 71 -2.38 -7.33 -3.85
N LYS A 72 -3.18 -7.73 -2.87
CA LYS A 72 -4.49 -8.27 -3.15
C LYS A 72 -5.55 -7.64 -2.25
N VAL A 73 -6.81 -8.00 -2.48
CA VAL A 73 -7.91 -7.46 -1.68
C VAL A 73 -8.96 -8.53 -1.43
N ASN A 74 -8.85 -9.22 -0.31
CA ASN A 74 -9.80 -10.28 0.03
C ASN A 74 -9.60 -11.50 -0.86
N GLY A 75 -8.42 -11.59 -1.46
CA GLY A 75 -8.10 -12.72 -2.34
C GLY A 75 -8.48 -12.40 -3.78
N ALA A 76 -8.43 -11.12 -4.13
CA ALA A 76 -8.77 -10.70 -5.49
C ALA A 76 -7.59 -9.99 -6.13
N PRO A 77 -6.67 -10.72 -6.69
CA PRO A 77 -5.46 -10.15 -7.36
C PRO A 77 -5.82 -9.04 -8.33
N LEU A 78 -4.80 -8.38 -8.87
CA LEU A 78 -5.02 -7.30 -9.82
C LEU A 78 -4.15 -7.50 -11.06
N LYS A 79 -4.54 -8.46 -11.89
CA LYS A 79 -3.80 -8.76 -13.11
C LYS A 79 -3.57 -7.51 -13.95
N GLY A 80 -3.30 -7.71 -15.23
CA GLY A 80 -3.05 -6.59 -16.14
C GLY A 80 -4.29 -5.71 -16.31
N LEU A 81 -5.08 -5.59 -15.25
CA LEU A 81 -6.28 -4.77 -15.31
C LEU A 81 -5.92 -3.28 -15.35
N SER A 82 -6.93 -2.43 -15.55
CA SER A 82 -6.70 -1.01 -15.61
C SER A 82 -7.28 -0.31 -14.37
N GLN A 83 -6.82 0.92 -14.12
CA GLN A 83 -7.29 1.68 -12.98
C GLN A 83 -8.80 1.47 -12.78
N GLN A 84 -9.47 1.04 -13.84
CA GLN A 84 -10.91 0.82 -13.78
C GLN A 84 -11.26 -0.16 -12.66
N ASP A 85 -10.69 -1.36 -12.73
CA ASP A 85 -10.96 -2.38 -11.71
C ASP A 85 -10.31 -2.02 -10.38
N VAL A 86 -9.15 -1.38 -10.45
CA VAL A 86 -8.45 -0.99 -9.23
C VAL A 86 -9.34 -0.12 -8.35
N ILE A 87 -9.88 0.95 -8.93
CA ILE A 87 -10.75 1.85 -8.18
C ILE A 87 -12.02 1.12 -7.74
N SER A 88 -12.63 0.39 -8.66
CA SER A 88 -13.85 -0.36 -8.35
C SER A 88 -13.62 -1.29 -7.15
N ALA A 89 -12.45 -1.90 -7.10
CA ALA A 89 -12.12 -2.82 -6.02
C ALA A 89 -12.16 -2.08 -4.68
N LEU A 90 -11.38 -1.02 -4.59
CA LEU A 90 -11.32 -0.22 -3.36
C LEU A 90 -12.73 0.06 -2.86
N ARG A 91 -13.70 0.01 -3.76
CA ARG A 91 -15.09 0.25 -3.40
C ARG A 91 -15.51 -0.66 -2.25
N GLY A 92 -15.23 -1.95 -2.39
CA GLY A 92 -15.60 -2.91 -1.35
C GLY A 92 -17.08 -2.85 -1.05
N THR A 93 -17.77 -3.96 -1.26
CA THR A 93 -19.20 -4.03 -1.00
C THR A 93 -19.51 -4.93 0.17
N ALA A 94 -18.54 -5.74 0.57
CA ALA A 94 -18.72 -6.65 1.69
C ALA A 94 -18.40 -5.95 3.02
N PRO A 95 -18.91 -6.47 4.10
CA PRO A 95 -18.68 -5.89 5.45
C PRO A 95 -17.22 -5.99 5.88
N GLU A 96 -16.67 -7.20 5.77
CA GLU A 96 -15.28 -7.43 6.14
C GLU A 96 -14.42 -7.57 4.90
N VAL A 97 -13.41 -6.71 4.78
CA VAL A 97 -12.53 -6.74 3.61
C VAL A 97 -11.07 -6.94 4.03
N SER A 98 -10.43 -7.94 3.45
CA SER A 98 -9.04 -8.24 3.76
C SER A 98 -8.12 -7.57 2.74
N LEU A 99 -7.19 -6.75 3.21
CA LEU A 99 -6.28 -6.05 2.32
C LEU A 99 -4.82 -6.42 2.61
N LEU A 100 -4.10 -6.81 1.55
CA LEU A 100 -2.70 -7.18 1.70
C LEU A 100 -1.82 -5.99 1.33
N LEU A 101 -0.92 -5.61 2.24
CA LEU A 101 -0.04 -4.47 1.97
C LEU A 101 1.42 -4.84 2.22
N CYS A 102 2.32 -3.94 1.83
CA CYS A 102 3.74 -4.16 2.00
C CYS A 102 4.44 -2.88 2.42
N ARG A 103 5.26 -2.97 3.46
CA ARG A 103 5.98 -1.80 3.96
C ARG A 103 7.49 -2.07 3.96
N PRO A 104 8.11 -1.96 2.81
CA PRO A 104 9.58 -2.19 2.67
C PRO A 104 10.41 -1.31 3.62
N ALA A 105 11.67 -1.68 3.81
CA ALA A 105 12.54 -0.93 4.68
C ALA A 105 12.78 0.48 4.11
N PRO A 106 13.28 1.37 4.92
CA PRO A 106 13.55 2.77 4.50
C PRO A 106 14.71 2.85 3.49
N GLY A 107 14.39 3.27 2.28
CA GLY A 107 15.40 3.39 1.23
C GLY A 107 14.98 2.63 -0.03
N VAL A 108 13.72 2.22 -0.08
CA VAL A 108 13.21 1.50 -1.24
C VAL A 108 12.34 2.42 -2.11
N LEU A 109 11.52 3.23 -1.46
CA LEU A 109 10.66 4.16 -2.18
C LEU A 109 10.96 5.60 -1.79
N PRO A 110 11.95 6.20 -2.42
CA PRO A 110 12.35 7.60 -2.13
C PRO A 110 11.15 8.54 -2.11
N GLU A 111 11.39 9.79 -1.70
CA GLU A 111 10.32 10.78 -1.64
C GLU A 111 10.65 11.98 -2.50
N ILE A 112 9.66 12.85 -2.70
CA ILE A 112 9.85 14.05 -3.52
C ILE A 112 10.90 14.96 -2.89
N ASP A 113 11.71 15.59 -3.73
CA ASP A 113 12.75 16.50 -3.25
C ASP A 113 12.28 17.94 -3.31
N THR A 114 12.12 18.56 -2.14
CA THR A 114 11.67 19.94 -2.08
C THR A 114 12.64 20.85 -2.80
N PRO A 115 12.18 22.00 -3.25
CA PRO A 115 13.05 22.98 -3.97
C PRO A 115 14.09 23.62 -3.07
N GLY A 116 15.09 24.24 -3.67
CA GLY A 116 16.15 24.89 -2.90
C GLY A 116 17.23 23.89 -2.50
N ASN A 117 17.81 23.23 -3.49
CA ASN A 117 18.86 22.25 -3.23
C ASN A 117 19.81 22.75 -2.15
N SER A 118 20.23 24.01 -2.28
CA SER A 118 21.15 24.59 -1.30
C SER A 118 22.55 24.00 -1.47
N SER A 119 23.55 24.80 -1.13
CA SER A 119 24.94 24.36 -1.25
C SER A 119 25.20 23.18 -0.30
N THR A 1 24.41 -3.40 0.58
CA THR A 1 23.57 -4.58 0.21
C THR A 1 24.00 -5.78 1.04
N PRO A 2 23.85 -5.71 2.33
CA PRO A 2 24.22 -6.81 3.26
C PRO A 2 23.23 -7.96 3.23
N HIS A 3 23.50 -9.00 4.02
CA HIS A 3 22.62 -10.16 4.07
C HIS A 3 22.18 -10.42 5.50
N VAL A 4 22.48 -9.49 6.40
CA VAL A 4 22.11 -9.63 7.80
C VAL A 4 20.76 -8.96 8.06
N LYS A 5 19.94 -9.59 8.91
CA LYS A 5 18.63 -9.04 9.23
C LYS A 5 18.56 -8.65 10.70
N ASP A 6 17.76 -7.62 10.99
CA ASP A 6 17.60 -7.15 12.37
C ASP A 6 16.52 -7.94 13.08
N TYR A 7 15.28 -7.81 12.59
CA TYR A 7 14.16 -8.52 13.18
C TYR A 7 13.47 -9.40 12.14
N SER A 8 12.44 -10.13 12.57
CA SER A 8 11.71 -11.00 11.66
C SER A 8 10.45 -10.30 11.15
N PHE A 9 10.29 -9.04 11.54
CA PHE A 9 9.12 -8.28 11.11
C PHE A 9 9.49 -7.30 10.00
N VAL A 10 10.67 -6.70 10.10
CA VAL A 10 11.12 -5.75 9.10
C VAL A 10 12.19 -6.37 8.22
N THR A 11 11.77 -6.99 7.12
CA THR A 11 12.70 -7.63 6.19
C THR A 11 12.26 -7.43 4.75
N GLU A 12 12.91 -8.13 3.82
CA GLU A 12 12.57 -8.01 2.41
C GLU A 12 11.20 -8.62 2.15
N ASP A 13 10.74 -9.46 3.06
CA ASP A 13 9.44 -10.10 2.91
C ASP A 13 8.36 -9.29 3.64
N ASN A 14 8.64 -8.01 3.85
CA ASN A 14 7.69 -7.14 4.53
C ASN A 14 6.29 -7.30 3.95
N THR A 15 5.37 -7.82 4.77
CA THR A 15 4.00 -8.02 4.33
C THR A 15 3.04 -8.00 5.52
N PHE A 16 1.81 -7.54 5.28
CA PHE A 16 0.82 -7.48 6.34
C PHE A 16 -0.57 -7.24 5.76
N GLU A 17 -1.59 -7.71 6.47
CA GLU A 17 -2.97 -7.54 6.02
C GLU A 17 -3.82 -6.94 7.12
N VAL A 18 -4.79 -6.12 6.74
CA VAL A 18 -5.67 -5.49 7.72
C VAL A 18 -7.11 -5.48 7.20
N LYS A 19 -8.05 -5.82 8.07
CA LYS A 19 -9.46 -5.85 7.70
C LYS A 19 -10.15 -4.54 8.09
N LEU A 20 -10.76 -3.90 7.09
CA LEU A 20 -11.46 -2.65 7.34
C LEU A 20 -12.94 -2.77 6.96
N PHE A 21 -13.76 -1.88 7.50
CA PHE A 21 -15.19 -1.90 7.21
C PHE A 21 -15.51 -0.88 6.10
N LYS A 22 -15.96 -1.38 4.96
CA LYS A 22 -16.29 -0.52 3.83
C LYS A 22 -17.79 -0.22 3.81
N ASN A 23 -18.11 1.07 3.70
CA ASN A 23 -19.50 1.49 3.66
C ASN A 23 -19.64 2.79 2.88
N SER A 24 -20.87 3.26 2.70
CA SER A 24 -21.12 4.49 1.97
C SER A 24 -20.53 5.69 2.71
N SER A 25 -19.29 6.05 2.37
CA SER A 25 -18.64 7.17 3.02
C SER A 25 -17.40 7.60 2.23
N GLY A 26 -16.68 8.57 2.77
CA GLY A 26 -15.47 9.07 2.10
C GLY A 26 -14.22 8.49 2.74
N LEU A 27 -13.50 7.65 1.99
CA LEU A 27 -12.28 7.04 2.51
C LEU A 27 -11.37 8.08 3.13
N GLY A 28 -10.39 7.62 3.89
CA GLY A 28 -9.45 8.53 4.54
C GLY A 28 -8.13 8.59 3.79
N PHE A 29 -8.04 7.85 2.69
CA PHE A 29 -6.82 7.81 1.89
C PHE A 29 -7.15 7.75 0.41
N SER A 30 -6.19 8.15 -0.41
CA SER A 30 -6.36 8.11 -1.86
C SER A 30 -5.32 7.20 -2.48
N PHE A 31 -5.78 6.12 -3.11
CA PHE A 31 -4.87 5.18 -3.73
C PHE A 31 -4.71 5.49 -5.22
N SER A 32 -3.61 5.02 -5.80
CA SER A 32 -3.34 5.26 -7.21
C SER A 32 -2.33 4.24 -7.74
N ARG A 33 -2.32 4.05 -9.05
CA ARG A 33 -1.40 3.09 -9.67
C ARG A 33 -0.66 3.75 -10.83
N GLU A 34 0.67 3.74 -10.75
CA GLU A 34 1.49 4.33 -11.80
C GLU A 34 2.78 3.52 -12.01
N ASP A 35 3.57 3.91 -13.01
CA ASP A 35 4.81 3.21 -13.30
C ASP A 35 5.99 4.18 -13.24
N ASN A 36 7.20 3.64 -13.39
CA ASN A 36 8.40 4.47 -13.35
C ASN A 36 8.78 4.78 -11.92
N LEU A 37 8.25 3.99 -10.98
CA LEU A 37 8.53 4.19 -9.57
C LEU A 37 9.33 3.02 -9.01
N ILE A 38 9.14 1.84 -9.61
CA ILE A 38 9.84 0.65 -9.17
C ILE A 38 10.47 -0.08 -10.36
N PRO A 39 11.39 0.55 -11.05
CA PRO A 39 12.07 -0.06 -12.22
C PRO A 39 12.82 -1.34 -11.86
N GLU A 40 13.06 -1.53 -10.57
CA GLU A 40 13.76 -2.72 -10.10
C GLU A 40 13.10 -3.97 -10.64
N GLN A 41 11.77 -3.92 -10.78
CA GLN A 41 11.01 -5.05 -11.30
C GLN A 41 10.98 -5.02 -12.82
N ILE A 42 10.54 -6.11 -13.42
CA ILE A 42 10.46 -6.20 -14.88
C ILE A 42 9.05 -6.60 -15.32
N ASN A 43 8.45 -5.77 -16.16
CA ASN A 43 7.10 -6.04 -16.65
C ASN A 43 6.13 -6.21 -15.49
N GLY A 44 6.28 -5.37 -14.47
CA GLY A 44 5.41 -5.45 -13.31
C GLY A 44 4.91 -4.06 -12.89
N SER A 45 3.65 -3.99 -12.49
CA SER A 45 3.06 -2.71 -12.07
C SER A 45 2.15 -2.92 -10.87
N ILE A 46 2.51 -2.31 -9.75
CA ILE A 46 1.71 -2.45 -8.53
C ILE A 46 1.04 -1.12 -8.17
N VAL A 47 0.13 -1.19 -7.21
CA VAL A 47 -0.58 0.00 -6.76
C VAL A 47 -0.21 0.33 -5.32
N ARG A 48 -0.19 1.60 -4.97
CA ARG A 48 0.16 2.00 -3.62
C ARG A 48 -0.72 3.16 -3.15
N VAL A 49 -0.64 3.46 -1.85
CA VAL A 49 -1.41 4.55 -1.28
C VAL A 49 -0.88 5.89 -1.77
N LYS A 50 -1.77 6.87 -1.88
CA LYS A 50 -1.37 8.19 -2.35
C LYS A 50 -1.58 9.25 -1.27
N LYS A 51 -2.35 8.90 -0.23
CA LYS A 51 -2.61 9.85 0.84
C LYS A 51 -3.26 9.15 2.04
N LEU A 52 -3.02 9.70 3.23
CA LEU A 52 -3.58 9.14 4.45
C LEU A 52 -3.80 10.23 5.49
N PHE A 53 -5.00 10.27 6.07
CA PHE A 53 -5.32 11.27 7.09
C PHE A 53 -5.18 10.67 8.49
N PRO A 54 -4.14 11.01 9.23
CA PRO A 54 -3.92 10.46 10.59
C PRO A 54 -5.21 10.45 11.42
N GLY A 55 -5.49 9.30 12.04
CA GLY A 55 -6.69 9.16 12.85
C GLY A 55 -7.67 8.18 12.22
N GLN A 56 -7.44 7.87 10.94
CA GLN A 56 -8.30 6.95 10.23
C GLN A 56 -7.75 5.52 10.30
N PRO A 57 -8.60 4.53 10.23
CA PRO A 57 -8.19 3.11 10.31
C PRO A 57 -6.88 2.85 9.55
N ALA A 58 -6.83 3.29 8.30
CA ALA A 58 -5.64 3.11 7.48
C ALA A 58 -4.39 3.59 8.21
N ALA A 59 -4.58 4.19 9.37
CA ALA A 59 -3.47 4.69 10.16
C ALA A 59 -3.52 4.14 11.58
N GLU A 60 -4.64 3.48 11.91
CA GLU A 60 -4.81 2.91 13.23
C GLU A 60 -4.24 1.50 13.28
N SER A 61 -4.00 0.94 12.10
CA SER A 61 -3.45 -0.40 12.01
C SER A 61 -2.27 -0.57 12.97
N GLY A 62 -1.41 0.44 13.00
CA GLY A 62 -0.24 0.40 13.89
C GLY A 62 1.01 0.91 13.17
N LYS A 63 1.23 0.42 11.96
CA LYS A 63 2.39 0.85 11.18
C LYS A 63 2.03 1.05 9.71
N ILE A 64 1.41 2.19 9.42
CA ILE A 64 1.02 2.50 8.05
C ILE A 64 1.56 3.85 7.62
N ASP A 65 1.61 4.08 6.32
CA ASP A 65 2.12 5.35 5.79
C ASP A 65 1.86 5.45 4.30
N VAL A 66 1.90 6.67 3.76
CA VAL A 66 1.66 6.88 2.34
C VAL A 66 2.74 6.18 1.52
N GLY A 67 2.39 5.05 0.94
CA GLY A 67 3.34 4.29 0.12
C GLY A 67 3.01 2.80 0.15
N ASP A 68 2.29 2.37 1.17
CA ASP A 68 1.92 0.97 1.29
C ASP A 68 1.50 0.40 -0.06
N VAL A 69 2.05 -0.75 -0.42
CA VAL A 69 1.73 -1.38 -1.69
C VAL A 69 0.69 -2.48 -1.51
N ILE A 70 -0.48 -2.27 -2.08
CA ILE A 70 -1.56 -3.26 -1.99
C ILE A 70 -1.27 -4.44 -2.91
N LEU A 71 -1.31 -5.64 -2.36
CA LEU A 71 -1.05 -6.84 -3.16
C LEU A 71 -2.35 -7.46 -3.65
N LYS A 72 -3.23 -7.82 -2.72
CA LYS A 72 -4.49 -8.45 -3.10
C LYS A 72 -5.64 -7.86 -2.29
N VAL A 73 -6.79 -8.50 -2.39
CA VAL A 73 -7.98 -8.07 -1.67
C VAL A 73 -8.80 -9.27 -1.22
N ASN A 74 -8.58 -9.70 0.01
CA ASN A 74 -9.31 -10.85 0.54
C ASN A 74 -8.87 -12.13 -0.17
N GLY A 75 -7.92 -11.98 -1.09
CA GLY A 75 -7.42 -13.13 -1.84
C GLY A 75 -7.81 -13.01 -3.32
N ALA A 76 -7.83 -11.79 -3.82
CA ALA A 76 -8.19 -11.56 -5.22
C ALA A 76 -7.03 -10.89 -5.96
N PRO A 77 -6.89 -11.15 -7.24
CA PRO A 77 -5.79 -10.55 -8.06
C PRO A 77 -6.05 -9.09 -8.38
N LEU A 78 -4.98 -8.37 -8.69
CA LEU A 78 -5.10 -6.95 -9.03
C LEU A 78 -4.05 -6.54 -10.05
N LYS A 79 -2.86 -7.14 -9.94
CA LYS A 79 -1.77 -6.84 -10.86
C LYS A 79 -2.13 -7.30 -12.28
N GLY A 80 -1.69 -6.52 -13.27
CA GLY A 80 -1.96 -6.86 -14.66
C GLY A 80 -3.01 -5.93 -15.25
N LEU A 81 -4.16 -5.85 -14.59
CA LEU A 81 -5.25 -4.99 -15.06
C LEU A 81 -4.89 -3.52 -14.87
N SER A 82 -5.74 -2.64 -15.40
CA SER A 82 -5.50 -1.21 -15.30
C SER A 82 -6.20 -0.63 -14.06
N GLN A 83 -6.08 0.68 -13.88
CA GLN A 83 -6.71 1.34 -12.74
C GLN A 83 -8.17 0.92 -12.59
N GLN A 84 -8.83 0.70 -13.72
CA GLN A 84 -10.24 0.29 -13.70
C GLN A 84 -10.47 -0.78 -12.65
N ASP A 85 -9.70 -1.87 -12.74
CA ASP A 85 -9.83 -2.97 -11.79
C ASP A 85 -9.41 -2.53 -10.38
N VAL A 86 -8.35 -1.71 -10.31
CA VAL A 86 -7.85 -1.23 -9.04
C VAL A 86 -8.96 -0.54 -8.24
N ILE A 87 -9.78 0.24 -8.93
CA ILE A 87 -10.88 0.95 -8.29
C ILE A 87 -12.05 0.02 -8.01
N SER A 88 -12.24 -0.96 -8.88
CA SER A 88 -13.35 -1.91 -8.71
C SER A 88 -13.11 -2.82 -7.51
N ALA A 89 -11.97 -3.51 -7.52
CA ALA A 89 -11.64 -4.42 -6.43
C ALA A 89 -11.71 -3.71 -5.09
N LEU A 90 -11.40 -2.42 -5.09
CA LEU A 90 -11.42 -1.64 -3.85
C LEU A 90 -12.85 -1.43 -3.37
N ARG A 91 -13.78 -1.31 -4.31
CA ARG A 91 -15.18 -1.10 -3.96
C ARG A 91 -15.77 -2.33 -3.28
N GLY A 92 -15.26 -3.51 -3.64
CA GLY A 92 -15.74 -4.75 -3.05
C GLY A 92 -17.26 -4.77 -3.00
N THR A 93 -17.80 -5.29 -1.91
CA THR A 93 -19.25 -5.36 -1.75
C THR A 93 -19.62 -5.79 -0.33
N ALA A 94 -18.76 -6.59 0.28
CA ALA A 94 -19.01 -7.06 1.64
C ALA A 94 -18.53 -6.03 2.67
N PRO A 95 -19.03 -6.11 3.87
CA PRO A 95 -18.65 -5.18 4.97
C PRO A 95 -17.20 -5.37 5.41
N GLU A 96 -16.88 -6.58 5.84
CA GLU A 96 -15.53 -6.90 6.28
C GLU A 96 -14.67 -7.32 5.10
N VAL A 97 -13.70 -6.49 4.74
CA VAL A 97 -12.82 -6.78 3.62
C VAL A 97 -11.37 -6.83 4.07
N SER A 98 -10.68 -7.92 3.74
CA SER A 98 -9.28 -8.07 4.10
C SER A 98 -8.38 -7.64 2.94
N LEU A 99 -7.62 -6.57 3.17
CA LEU A 99 -6.72 -6.06 2.13
C LEU A 99 -5.27 -6.39 2.46
N LEU A 100 -4.56 -6.96 1.49
CA LEU A 100 -3.16 -7.31 1.69
C LEU A 100 -2.27 -6.14 1.30
N LEU A 101 -1.30 -5.82 2.15
CA LEU A 101 -0.40 -4.71 1.87
C LEU A 101 1.04 -5.08 2.19
N CYS A 102 1.95 -4.16 1.93
CA CYS A 102 3.36 -4.41 2.19
C CYS A 102 4.06 -3.11 2.59
N ARG A 103 4.89 -3.20 3.63
CA ARG A 103 5.62 -2.03 4.10
C ARG A 103 7.12 -2.31 4.11
N PRO A 104 7.77 -2.19 2.97
CA PRO A 104 9.23 -2.43 2.84
C PRO A 104 10.05 -1.50 3.70
N ALA A 105 11.34 -1.79 3.83
CA ALA A 105 12.23 -0.96 4.64
C ALA A 105 12.43 0.40 3.97
N PRO A 106 12.89 1.36 4.72
CA PRO A 106 13.13 2.73 4.21
C PRO A 106 14.32 2.79 3.24
N GLY A 107 14.01 3.01 1.96
CA GLY A 107 15.06 3.08 0.95
C GLY A 107 14.70 2.23 -0.28
N VAL A 108 13.66 1.42 -0.14
CA VAL A 108 13.22 0.57 -1.23
C VAL A 108 12.31 1.34 -2.19
N LEU A 109 11.52 2.25 -1.62
CA LEU A 109 10.61 3.06 -2.44
C LEU A 109 10.81 4.54 -2.15
N PRO A 110 11.86 5.11 -2.68
CA PRO A 110 12.18 6.54 -2.49
C PRO A 110 11.38 7.45 -3.41
N GLU A 111 11.41 8.75 -3.15
CA GLU A 111 10.69 9.71 -3.97
C GLU A 111 11.65 10.63 -4.70
N ILE A 112 11.11 11.51 -5.53
CA ILE A 112 11.94 12.45 -6.29
C ILE A 112 11.52 13.88 -6.00
N ASP A 113 12.49 14.80 -6.06
CA ASP A 113 12.21 16.21 -5.80
C ASP A 113 10.85 16.60 -6.35
N THR A 114 9.86 16.68 -5.46
CA THR A 114 8.51 17.04 -5.87
C THR A 114 8.47 18.49 -6.35
N PRO A 115 7.52 18.83 -7.18
CA PRO A 115 7.39 20.22 -7.71
C PRO A 115 6.94 21.21 -6.63
N GLY A 116 7.22 22.49 -6.86
CA GLY A 116 6.84 23.52 -5.90
C GLY A 116 8.03 24.43 -5.57
N ASN A 117 9.06 24.37 -6.41
CA ASN A 117 10.24 25.19 -6.19
C ASN A 117 10.31 26.32 -7.21
N SER A 118 9.16 26.64 -7.79
CA SER A 118 9.11 27.71 -8.79
C SER A 118 9.07 29.08 -8.11
N SER A 119 9.39 30.12 -8.87
CA SER A 119 9.40 31.47 -8.33
C SER A 119 8.24 32.29 -8.90
N THR A 1 24.30 -14.89 2.85
CA THR A 1 23.47 -14.23 3.90
C THR A 1 24.23 -13.04 4.47
N PRO A 2 24.51 -12.07 3.65
CA PRO A 2 25.24 -10.84 4.07
C PRO A 2 24.37 -9.89 4.89
N HIS A 3 23.06 -10.01 4.71
CA HIS A 3 22.12 -9.15 5.44
C HIS A 3 21.96 -9.64 6.87
N VAL A 4 22.13 -8.72 7.83
CA VAL A 4 22.00 -9.06 9.23
C VAL A 4 20.55 -8.91 9.70
N LYS A 5 19.96 -10.00 10.18
CA LYS A 5 18.58 -9.97 10.65
C LYS A 5 18.46 -9.14 11.92
N ASP A 6 17.96 -7.92 11.77
CA ASP A 6 17.78 -7.03 12.92
C ASP A 6 16.65 -7.54 13.81
N TYR A 7 15.44 -7.56 13.26
CA TYR A 7 14.28 -8.03 14.00
C TYR A 7 13.41 -8.93 13.12
N SER A 8 12.39 -9.54 13.73
CA SER A 8 11.50 -10.42 12.99
C SER A 8 10.26 -9.66 12.54
N PHE A 9 10.46 -8.58 11.81
CA PHE A 9 9.34 -7.77 11.32
C PHE A 9 9.78 -6.91 10.14
N VAL A 10 10.96 -6.30 10.26
CA VAL A 10 11.48 -5.45 9.19
C VAL A 10 12.50 -6.22 8.36
N THR A 11 12.03 -6.79 7.25
CA THR A 11 12.91 -7.54 6.36
C THR A 11 12.58 -7.26 4.89
N GLU A 12 13.25 -7.96 3.99
CA GLU A 12 13.01 -7.78 2.57
C GLU A 12 11.65 -8.36 2.17
N ASP A 13 11.07 -9.14 3.07
CA ASP A 13 9.77 -9.76 2.82
C ASP A 13 8.67 -9.02 3.58
N ASN A 14 8.95 -7.77 3.94
CA ASN A 14 7.98 -6.96 4.67
C ASN A 14 6.59 -7.12 4.07
N THR A 15 5.67 -7.69 4.84
CA THR A 15 4.31 -7.88 4.37
C THR A 15 3.34 -7.92 5.55
N PHE A 16 2.17 -7.33 5.37
CA PHE A 16 1.16 -7.28 6.43
C PHE A 16 -0.23 -7.07 5.84
N GLU A 17 -1.24 -7.48 6.59
CA GLU A 17 -2.63 -7.32 6.14
C GLU A 17 -3.50 -6.76 7.26
N VAL A 18 -4.58 -6.09 6.87
CA VAL A 18 -5.49 -5.50 7.83
C VAL A 18 -6.92 -5.52 7.29
N LYS A 19 -7.87 -5.91 8.13
CA LYS A 19 -9.26 -5.97 7.71
C LYS A 19 -10.02 -4.73 8.14
N LEU A 20 -10.68 -4.09 7.18
CA LEU A 20 -11.44 -2.88 7.45
C LEU A 20 -12.90 -3.05 7.07
N PHE A 21 -13.74 -2.11 7.48
CA PHE A 21 -15.16 -2.17 7.16
C PHE A 21 -15.48 -1.27 5.98
N LYS A 22 -15.60 -1.87 4.80
CA LYS A 22 -15.90 -1.11 3.59
C LYS A 22 -17.41 -0.90 3.45
N ASN A 23 -17.81 0.36 3.30
CA ASN A 23 -19.23 0.67 3.16
C ASN A 23 -19.41 1.94 2.34
N SER A 24 -20.66 2.32 2.07
CA SER A 24 -20.94 3.52 1.30
C SER A 24 -20.61 4.77 2.10
N SER A 25 -19.43 5.33 1.85
CA SER A 25 -18.99 6.54 2.56
C SER A 25 -17.76 7.13 1.89
N GLY A 26 -17.02 7.94 2.63
CA GLY A 26 -15.82 8.57 2.10
C GLY A 26 -14.56 7.94 2.70
N LEU A 27 -13.63 7.55 1.83
CA LEU A 27 -12.39 6.93 2.28
C LEU A 27 -11.48 7.98 2.92
N GLY A 28 -10.44 7.52 3.60
CA GLY A 28 -9.50 8.43 4.25
C GLY A 28 -8.20 8.52 3.46
N PHE A 29 -8.01 7.62 2.50
CA PHE A 29 -6.80 7.60 1.70
C PHE A 29 -7.14 7.44 0.23
N SER A 30 -6.18 7.78 -0.63
CA SER A 30 -6.36 7.65 -2.07
C SER A 30 -5.20 6.88 -2.68
N PHE A 31 -5.50 5.71 -3.25
CA PHE A 31 -4.47 4.88 -3.85
C PHE A 31 -4.22 5.29 -5.30
N SER A 32 -3.10 4.82 -5.85
CA SER A 32 -2.75 5.13 -7.23
C SER A 32 -1.82 4.06 -7.78
N ARG A 33 -2.07 3.65 -9.03
CA ARG A 33 -1.26 2.63 -9.66
C ARG A 33 -0.65 3.16 -10.96
N GLU A 34 0.66 3.34 -10.96
CA GLU A 34 1.36 3.84 -12.13
C GLU A 34 2.83 3.44 -12.11
N ASP A 35 3.53 3.70 -13.21
CA ASP A 35 4.94 3.35 -13.29
C ASP A 35 5.80 4.61 -13.37
N ASN A 36 6.60 4.84 -12.33
CA ASN A 36 7.47 6.01 -12.29
C ASN A 36 8.08 6.17 -10.90
N LEU A 37 7.92 5.13 -10.08
CA LEU A 37 8.46 5.16 -8.73
C LEU A 37 9.58 4.14 -8.57
N ILE A 38 9.27 2.89 -8.89
CA ILE A 38 10.25 1.82 -8.79
C ILE A 38 10.21 0.93 -10.03
N PRO A 39 10.92 1.29 -11.07
CA PRO A 39 10.93 0.50 -12.33
C PRO A 39 11.89 -0.69 -12.25
N GLU A 40 12.67 -0.73 -11.18
CA GLU A 40 13.62 -1.82 -10.97
C GLU A 40 12.93 -3.16 -11.12
N GLN A 41 11.69 -3.25 -10.63
CA GLN A 41 10.92 -4.48 -10.72
C GLN A 41 10.93 -5.02 -12.14
N ILE A 42 10.12 -6.05 -12.39
CA ILE A 42 10.04 -6.64 -13.72
C ILE A 42 8.92 -6.00 -14.53
N ASN A 43 8.67 -6.55 -15.72
CA ASN A 43 7.62 -6.03 -16.58
C ASN A 43 6.26 -6.13 -15.91
N GLY A 44 5.97 -5.19 -15.01
CA GLY A 44 4.70 -5.19 -14.30
C GLY A 44 4.59 -3.98 -13.38
N SER A 45 3.37 -3.70 -12.94
CA SER A 45 3.13 -2.56 -12.05
C SER A 45 2.25 -2.97 -10.88
N ILE A 46 2.18 -2.10 -9.86
CA ILE A 46 1.36 -2.39 -8.69
C ILE A 46 0.60 -1.14 -8.24
N VAL A 47 -0.13 -1.28 -7.14
CA VAL A 47 -0.89 -0.17 -6.60
C VAL A 47 -0.44 0.13 -5.18
N ARG A 48 -0.39 1.41 -4.82
CA ARG A 48 0.03 1.81 -3.49
C ARG A 48 -0.75 3.01 -3.00
N VAL A 49 -0.69 3.26 -1.69
CA VAL A 49 -1.39 4.40 -1.10
C VAL A 49 -0.77 5.70 -1.59
N LYS A 50 -1.62 6.68 -1.88
CA LYS A 50 -1.14 7.97 -2.36
C LYS A 50 -1.38 9.06 -1.31
N LYS A 51 -2.17 8.74 -0.29
CA LYS A 51 -2.44 9.71 0.77
C LYS A 51 -3.10 9.02 1.96
N LEU A 52 -2.76 9.49 3.16
CA LEU A 52 -3.31 8.91 4.38
C LEU A 52 -3.27 9.94 5.51
N PHE A 53 -4.31 9.92 6.35
CA PHE A 53 -4.39 10.84 7.48
C PHE A 53 -4.44 10.07 8.79
N PRO A 54 -4.04 10.69 9.87
CA PRO A 54 -4.05 10.03 11.22
C PRO A 54 -5.45 9.89 11.78
N GLY A 55 -5.71 8.78 12.47
CA GLY A 55 -7.02 8.53 13.06
C GLY A 55 -7.91 7.73 12.10
N GLN A 56 -7.42 7.51 10.89
CA GLN A 56 -8.19 6.76 9.90
C GLN A 56 -7.86 5.27 9.95
N PRO A 57 -8.78 4.41 9.60
CA PRO A 57 -8.56 2.94 9.61
C PRO A 57 -7.18 2.58 9.06
N ALA A 58 -6.96 2.87 7.78
CA ALA A 58 -5.69 2.56 7.14
C ALA A 58 -4.54 3.17 7.95
N ALA A 59 -4.90 3.95 8.98
CA ALA A 59 -3.89 4.57 9.82
C ALA A 59 -4.06 4.11 11.26
N GLU A 60 -5.15 3.40 11.51
CA GLU A 60 -5.43 2.88 12.85
C GLU A 60 -4.77 1.53 13.03
N SER A 61 -4.39 0.92 11.92
CA SER A 61 -3.74 -0.39 11.96
C SER A 61 -2.65 -0.43 13.03
N GLY A 62 -1.84 0.63 13.07
CA GLY A 62 -0.76 0.71 14.06
C GLY A 62 0.48 1.37 13.46
N LYS A 63 0.88 0.93 12.27
CA LYS A 63 2.06 1.49 11.62
C LYS A 63 1.86 1.53 10.11
N ILE A 64 1.06 2.49 9.65
CA ILE A 64 0.81 2.64 8.23
C ILE A 64 1.26 4.01 7.75
N ASP A 65 1.52 4.13 6.44
CA ASP A 65 1.95 5.40 5.88
C ASP A 65 1.62 5.46 4.39
N VAL A 66 2.03 6.55 3.74
CA VAL A 66 1.76 6.72 2.32
C VAL A 66 2.83 6.02 1.49
N GLY A 67 2.49 4.83 0.99
CA GLY A 67 3.43 4.06 0.18
C GLY A 67 3.08 2.58 0.19
N ASP A 68 2.40 2.14 1.26
CA ASP A 68 2.02 0.74 1.37
C ASP A 68 1.51 0.22 0.03
N VAL A 69 2.09 -0.90 -0.41
CA VAL A 69 1.70 -1.49 -1.68
C VAL A 69 0.62 -2.55 -1.48
N ILE A 70 -0.57 -2.28 -2.01
CA ILE A 70 -1.68 -3.22 -1.90
C ILE A 70 -1.58 -4.27 -3.00
N LEU A 71 -1.52 -5.54 -2.61
CA LEU A 71 -1.40 -6.62 -3.59
C LEU A 71 -2.74 -7.32 -3.82
N LYS A 72 -3.32 -7.86 -2.75
CA LYS A 72 -4.58 -8.57 -2.87
C LYS A 72 -5.65 -7.94 -1.97
N VAL A 73 -6.90 -8.36 -2.19
CA VAL A 73 -8.02 -7.85 -1.41
C VAL A 73 -9.01 -8.96 -1.11
N ASN A 74 -8.70 -9.77 -0.09
CA ASN A 74 -9.57 -10.89 0.28
C ASN A 74 -9.45 -12.02 -0.73
N GLY A 75 -8.48 -11.90 -1.63
CA GLY A 75 -8.27 -12.93 -2.65
C GLY A 75 -8.75 -12.45 -4.01
N ALA A 76 -8.41 -11.21 -4.36
CA ALA A 76 -8.81 -10.65 -5.63
C ALA A 76 -7.61 -10.06 -6.37
N PRO A 77 -6.85 -10.90 -7.02
CA PRO A 77 -5.64 -10.47 -7.79
C PRO A 77 -5.96 -9.35 -8.78
N LEU A 78 -5.13 -8.32 -8.77
CA LEU A 78 -5.34 -7.18 -9.66
C LEU A 78 -4.25 -7.13 -10.73
N LYS A 79 -3.66 -8.29 -11.03
CA LYS A 79 -2.61 -8.36 -12.03
C LYS A 79 -3.18 -8.70 -13.40
N GLY A 80 -2.90 -7.86 -14.39
CA GLY A 80 -3.41 -8.10 -15.74
C GLY A 80 -4.63 -7.23 -16.02
N LEU A 81 -5.16 -6.61 -14.97
CA LEU A 81 -6.34 -5.74 -15.13
C LEU A 81 -5.92 -4.28 -15.25
N SER A 82 -6.88 -3.43 -15.61
CA SER A 82 -6.60 -2.01 -15.77
C SER A 82 -7.03 -1.24 -14.53
N GLN A 83 -6.52 -0.02 -14.38
CA GLN A 83 -6.86 0.81 -13.24
C GLN A 83 -8.35 0.68 -12.91
N GLN A 84 -9.14 0.35 -13.92
CA GLN A 84 -10.58 0.21 -13.74
C GLN A 84 -10.88 -0.77 -12.60
N ASP A 85 -10.40 -2.00 -12.74
CA ASP A 85 -10.62 -3.02 -11.72
C ASP A 85 -10.01 -2.62 -10.39
N VAL A 86 -9.03 -1.73 -10.43
CA VAL A 86 -8.37 -1.26 -9.22
C VAL A 86 -9.24 -0.27 -8.47
N ILE A 87 -9.88 0.63 -9.21
CA ILE A 87 -10.76 1.63 -8.61
C ILE A 87 -12.11 1.02 -8.24
N SER A 88 -12.53 0.04 -9.04
CA SER A 88 -13.81 -0.62 -8.80
C SER A 88 -13.69 -1.63 -7.66
N ALA A 89 -12.58 -2.37 -7.65
CA ALA A 89 -12.35 -3.37 -6.62
C ALA A 89 -12.29 -2.69 -5.25
N LEU A 90 -12.19 -1.37 -5.27
CA LEU A 90 -12.12 -0.59 -4.04
C LEU A 90 -13.46 0.11 -3.78
N ARG A 91 -14.42 -0.14 -4.66
CA ARG A 91 -15.74 0.46 -4.54
C ARG A 91 -16.39 0.05 -3.22
N GLY A 92 -15.99 -1.11 -2.70
CA GLY A 92 -16.53 -1.61 -1.45
C GLY A 92 -17.60 -2.66 -1.71
N THR A 93 -17.44 -3.83 -1.11
CA THR A 93 -18.40 -4.92 -1.28
C THR A 93 -18.86 -5.43 0.07
N ALA A 94 -18.41 -6.64 0.44
CA ALA A 94 -18.79 -7.22 1.72
C ALA A 94 -18.42 -6.29 2.86
N PRO A 95 -19.04 -6.47 3.99
CA PRO A 95 -18.78 -5.63 5.20
C PRO A 95 -17.31 -5.69 5.62
N GLU A 96 -16.83 -6.88 5.94
CA GLU A 96 -15.43 -7.05 6.35
C GLU A 96 -14.60 -7.53 5.18
N VAL A 97 -13.50 -6.83 4.90
CA VAL A 97 -12.63 -7.19 3.79
C VAL A 97 -11.17 -7.14 4.22
N SER A 98 -10.42 -8.19 3.88
CA SER A 98 -9.01 -8.25 4.23
C SER A 98 -8.15 -7.73 3.08
N LEU A 99 -7.28 -6.78 3.38
CA LEU A 99 -6.41 -6.20 2.37
C LEU A 99 -4.95 -6.51 2.64
N LEU A 100 -4.26 -7.01 1.62
CA LEU A 100 -2.84 -7.35 1.76
C LEU A 100 -2.00 -6.11 1.44
N LEU A 101 -1.05 -5.80 2.32
CA LEU A 101 -0.21 -4.62 2.11
C LEU A 101 1.25 -4.97 2.37
N CYS A 102 2.13 -4.02 2.08
CA CYS A 102 3.55 -4.23 2.28
C CYS A 102 4.24 -2.94 2.70
N ARG A 103 5.11 -3.04 3.69
CA ARG A 103 5.83 -1.87 4.19
C ARG A 103 7.34 -2.12 4.17
N PRO A 104 7.95 -2.02 3.02
CA PRO A 104 9.42 -2.23 2.85
C PRO A 104 10.23 -1.34 3.78
N ALA A 105 11.53 -1.60 3.85
CA ALA A 105 12.40 -0.81 4.70
C ALA A 105 12.71 0.54 4.05
N PRO A 106 13.18 1.49 4.81
CA PRO A 106 13.52 2.84 4.31
C PRO A 106 14.72 2.83 3.38
N GLY A 107 14.54 3.33 2.16
CA GLY A 107 15.62 3.36 1.17
C GLY A 107 15.14 2.84 -0.17
N VAL A 108 14.36 1.76 -0.14
CA VAL A 108 13.85 1.17 -1.38
C VAL A 108 13.15 2.23 -2.23
N LEU A 109 12.25 2.99 -1.60
CA LEU A 109 11.51 4.02 -2.32
C LEU A 109 12.23 5.37 -2.19
N PRO A 110 12.10 6.24 -3.16
CA PRO A 110 12.75 7.58 -3.13
C PRO A 110 12.68 8.21 -1.74
N GLU A 111 13.84 8.62 -1.22
CA GLU A 111 13.89 9.23 0.10
C GLU A 111 13.23 10.61 0.07
N ILE A 112 12.56 10.97 1.16
CA ILE A 112 11.89 12.26 1.24
C ILE A 112 12.90 13.40 1.15
N ASP A 113 12.52 14.46 0.46
CA ASP A 113 13.41 15.61 0.29
C ASP A 113 12.59 16.90 0.21
N THR A 114 12.65 17.69 1.28
CA THR A 114 11.92 18.96 1.31
C THR A 114 12.32 19.84 0.13
N PRO A 115 11.45 20.74 -0.26
CA PRO A 115 11.72 21.67 -1.41
C PRO A 115 12.80 22.70 -1.08
N GLY A 116 13.52 23.14 -2.11
CA GLY A 116 14.58 24.11 -1.93
C GLY A 116 15.48 24.18 -3.16
N ASN A 117 16.56 24.95 -3.06
CA ASN A 117 17.50 25.08 -4.17
C ASN A 117 18.94 24.93 -3.69
N SER A 118 19.20 25.43 -2.48
CA SER A 118 20.54 25.34 -1.91
C SER A 118 20.47 25.09 -0.41
N SER A 119 21.52 24.48 0.14
CA SER A 119 21.57 24.18 1.56
C SER A 119 20.22 23.65 2.04
N THR A 1 23.79 -13.11 6.59
CA THR A 1 24.26 -13.81 7.83
C THR A 1 23.18 -13.73 8.89
N PRO A 2 22.03 -14.29 8.61
CA PRO A 2 20.88 -14.30 9.57
C PRO A 2 21.10 -15.29 10.71
N HIS A 3 21.17 -14.77 11.93
CA HIS A 3 21.37 -15.61 13.10
C HIS A 3 20.43 -15.20 14.23
N VAL A 4 20.81 -14.15 14.96
CA VAL A 4 20.00 -13.66 16.07
C VAL A 4 18.78 -12.92 15.54
N LYS A 5 17.60 -13.50 15.77
CA LYS A 5 16.36 -12.88 15.33
C LYS A 5 16.08 -11.59 16.09
N ASP A 6 16.08 -10.46 15.38
CA ASP A 6 15.84 -9.17 16.01
C ASP A 6 14.34 -8.92 16.15
N TYR A 7 13.69 -8.60 15.04
CA TYR A 7 12.26 -8.33 15.04
C TYR A 7 11.55 -9.18 13.99
N SER A 8 10.26 -8.95 13.82
CA SER A 8 9.47 -9.68 12.84
C SER A 8 8.61 -8.75 12.01
N PHE A 9 9.12 -7.54 11.77
CA PHE A 9 8.39 -6.55 10.99
C PHE A 9 9.24 -6.05 9.83
N VAL A 10 10.51 -5.76 10.11
CA VAL A 10 11.42 -5.28 9.08
C VAL A 10 12.21 -6.43 8.48
N THR A 11 11.74 -6.95 7.35
CA THR A 11 12.42 -8.05 6.68
C THR A 11 12.25 -7.94 5.17
N GLU A 12 13.13 -8.63 4.43
CA GLU A 12 13.07 -8.60 2.97
C GLU A 12 11.72 -9.11 2.49
N ASP A 13 10.86 -9.48 3.42
CA ASP A 13 9.53 -9.99 3.08
C ASP A 13 8.45 -9.05 3.62
N ASN A 14 8.81 -7.78 3.80
CA ASN A 14 7.85 -6.79 4.30
C ASN A 14 6.47 -7.03 3.72
N THR A 15 5.57 -7.54 4.55
CA THR A 15 4.20 -7.82 4.10
C THR A 15 3.25 -7.87 5.30
N PHE A 16 2.02 -7.43 5.10
CA PHE A 16 1.03 -7.45 6.16
C PHE A 16 -0.37 -7.20 5.60
N GLU A 17 -1.37 -7.72 6.30
CA GLU A 17 -2.75 -7.57 5.86
C GLU A 17 -3.60 -6.95 6.97
N VAL A 18 -4.57 -6.14 6.57
CA VAL A 18 -5.45 -5.50 7.54
C VAL A 18 -6.88 -5.49 7.03
N LYS A 19 -7.84 -5.70 7.93
CA LYS A 19 -9.24 -5.72 7.55
C LYS A 19 -10.03 -4.66 8.33
N LEU A 20 -10.93 -3.99 7.62
CA LEU A 20 -11.75 -2.96 8.25
C LEU A 20 -13.19 -3.03 7.73
N PHE A 21 -14.06 -2.22 8.32
CA PHE A 21 -15.46 -2.21 7.91
C PHE A 21 -15.73 -1.02 6.99
N LYS A 22 -16.17 -1.30 5.77
CA LYS A 22 -16.46 -0.25 4.81
C LYS A 22 -17.96 0.03 4.74
N ASN A 23 -18.32 1.30 4.73
CA ASN A 23 -19.72 1.71 4.67
C ASN A 23 -19.87 3.03 3.92
N SER A 24 -21.08 3.56 3.90
CA SER A 24 -21.34 4.83 3.23
C SER A 24 -20.59 5.96 3.91
N SER A 25 -19.39 6.25 3.44
CA SER A 25 -18.58 7.32 4.02
C SER A 25 -17.43 7.68 3.09
N GLY A 26 -16.50 8.48 3.60
CA GLY A 26 -15.34 8.90 2.80
C GLY A 26 -14.06 8.27 3.33
N LEU A 27 -13.39 7.51 2.47
CA LEU A 27 -12.15 6.86 2.86
C LEU A 27 -11.16 7.88 3.43
N GLY A 28 -10.27 7.42 4.28
CA GLY A 28 -9.28 8.30 4.89
C GLY A 28 -7.98 8.29 4.08
N PHE A 29 -7.95 7.50 3.02
CA PHE A 29 -6.77 7.41 2.17
C PHE A 29 -7.15 7.32 0.71
N SER A 30 -6.23 7.69 -0.16
CA SER A 30 -6.45 7.64 -1.59
C SER A 30 -5.54 6.58 -2.21
N PHE A 31 -5.67 6.36 -3.51
CA PHE A 31 -4.83 5.37 -4.17
C PHE A 31 -4.43 5.83 -5.57
N SER A 32 -3.35 5.26 -6.08
CA SER A 32 -2.87 5.62 -7.42
C SER A 32 -1.97 4.52 -7.97
N ARG A 33 -1.73 4.54 -9.27
CA ARG A 33 -0.88 3.54 -9.91
C ARG A 33 -0.22 4.11 -11.16
N GLU A 34 1.09 4.34 -11.07
CA GLU A 34 1.84 4.89 -12.19
C GLU A 34 3.28 4.37 -12.18
N ASP A 35 3.92 4.39 -13.34
CA ASP A 35 5.29 3.92 -13.45
C ASP A 35 6.27 4.96 -12.88
N ASN A 36 7.56 4.66 -12.98
CA ASN A 36 8.58 5.58 -12.48
C ASN A 36 8.38 5.83 -10.99
N LEU A 37 7.69 4.91 -10.32
CA LEU A 37 7.45 5.03 -8.89
C LEU A 37 8.34 4.08 -8.10
N ILE A 38 8.31 2.81 -8.46
CA ILE A 38 9.12 1.82 -7.77
C ILE A 38 9.63 0.76 -8.76
N PRO A 39 10.59 1.11 -9.57
CA PRO A 39 11.17 0.19 -10.58
C PRO A 39 12.16 -0.80 -9.96
N GLU A 40 12.51 -0.57 -8.69
CA GLU A 40 13.44 -1.43 -7.99
C GLU A 40 12.91 -2.86 -7.94
N GLN A 41 11.64 -3.03 -8.28
CA GLN A 41 11.03 -4.35 -8.27
C GLN A 41 11.42 -5.13 -9.52
N ILE A 42 10.42 -5.67 -10.22
CA ILE A 42 10.68 -6.44 -11.44
C ILE A 42 9.97 -5.83 -12.63
N ASN A 43 10.04 -6.51 -13.77
CA ASN A 43 9.39 -6.01 -14.98
C ASN A 43 7.88 -5.99 -14.81
N GLY A 44 7.40 -5.09 -13.96
CA GLY A 44 5.97 -4.97 -13.72
C GLY A 44 5.66 -3.73 -12.87
N SER A 45 4.40 -3.59 -12.49
CA SER A 45 3.99 -2.45 -11.68
C SER A 45 2.80 -2.83 -10.78
N ILE A 46 2.64 -2.10 -9.68
CA ILE A 46 1.54 -2.37 -8.76
C ILE A 46 0.91 -1.06 -8.29
N VAL A 47 -0.10 -1.18 -7.43
CA VAL A 47 -0.79 0.00 -6.90
C VAL A 47 -0.33 0.29 -5.48
N ARG A 48 -0.38 1.56 -5.10
CA ARG A 48 0.03 1.96 -3.75
C ARG A 48 -0.87 3.06 -3.22
N VAL A 49 -0.75 3.33 -1.92
CA VAL A 49 -1.56 4.36 -1.28
C VAL A 49 -1.13 5.74 -1.77
N LYS A 50 -2.09 6.63 -1.95
CA LYS A 50 -1.81 7.97 -2.42
C LYS A 50 -1.89 8.98 -1.28
N LYS A 51 -2.63 8.63 -0.22
CA LYS A 51 -2.78 9.53 0.91
C LYS A 51 -3.29 8.80 2.15
N LEU A 52 -3.07 9.39 3.32
CA LEU A 52 -3.51 8.79 4.56
C LEU A 52 -3.80 9.88 5.60
N PHE A 53 -4.79 9.63 6.45
CA PHE A 53 -5.16 10.59 7.49
C PHE A 53 -4.91 9.98 8.87
N PRO A 54 -3.81 10.31 9.52
CA PRO A 54 -3.48 9.77 10.86
C PRO A 54 -4.69 9.80 11.81
N GLY A 55 -5.12 8.62 12.24
CA GLY A 55 -6.26 8.51 13.14
C GLY A 55 -7.30 7.54 12.58
N GLN A 56 -7.27 7.35 11.26
CA GLN A 56 -8.21 6.45 10.61
C GLN A 56 -7.70 5.01 10.64
N PRO A 57 -8.58 4.05 10.53
CA PRO A 57 -8.20 2.61 10.55
C PRO A 57 -6.92 2.33 9.77
N ALA A 58 -6.89 2.74 8.50
CA ALA A 58 -5.71 2.53 7.67
C ALA A 58 -4.47 3.06 8.36
N ALA A 59 -4.68 3.79 9.45
CA ALA A 59 -3.57 4.36 10.21
C ALA A 59 -3.53 3.76 11.62
N GLU A 60 -4.56 3.00 11.94
CA GLU A 60 -4.65 2.37 13.25
C GLU A 60 -3.99 1.01 13.22
N SER A 61 -3.77 0.50 12.02
CA SER A 61 -3.13 -0.80 11.85
C SER A 61 -1.91 -0.92 12.74
N GLY A 62 -1.28 0.21 13.04
CA GLY A 62 -0.10 0.21 13.89
C GLY A 62 1.03 1.03 13.26
N LYS A 63 1.37 0.72 12.02
CA LYS A 63 2.45 1.42 11.33
C LYS A 63 2.18 1.51 9.83
N ILE A 64 1.27 2.40 9.45
CA ILE A 64 0.93 2.58 8.04
C ILE A 64 1.36 3.97 7.56
N ASP A 65 1.48 4.12 6.25
CA ASP A 65 1.90 5.40 5.69
C ASP A 65 1.58 5.47 4.19
N VAL A 66 1.84 6.62 3.58
CA VAL A 66 1.59 6.80 2.16
C VAL A 66 2.66 6.10 1.33
N GLY A 67 2.29 4.98 0.71
CA GLY A 67 3.23 4.23 -0.11
C GLY A 67 2.91 2.73 -0.06
N ASP A 68 2.21 2.32 1.00
CA ASP A 68 1.85 0.92 1.14
C ASP A 68 1.40 0.33 -0.20
N VAL A 69 1.99 -0.81 -0.56
CA VAL A 69 1.66 -1.44 -1.84
C VAL A 69 0.59 -2.51 -1.63
N ILE A 70 -0.57 -2.31 -2.23
CA ILE A 70 -1.67 -3.27 -2.12
C ILE A 70 -1.44 -4.43 -3.08
N LEU A 71 -1.22 -5.62 -2.51
CA LEU A 71 -0.98 -6.80 -3.34
C LEU A 71 -2.29 -7.47 -3.72
N LYS A 72 -3.07 -7.86 -2.72
CA LYS A 72 -4.33 -8.53 -2.97
C LYS A 72 -5.49 -7.80 -2.29
N VAL A 73 -6.71 -8.24 -2.59
CA VAL A 73 -7.91 -7.64 -2.01
C VAL A 73 -8.91 -8.73 -1.66
N ASN A 74 -8.98 -9.10 -0.39
CA ASN A 74 -9.89 -10.14 0.05
C ASN A 74 -9.47 -11.49 -0.51
N GLY A 75 -8.30 -11.52 -1.15
CA GLY A 75 -7.79 -12.75 -1.73
C GLY A 75 -7.94 -12.72 -3.25
N ALA A 76 -7.99 -11.53 -3.81
CA ALA A 76 -8.13 -11.36 -5.25
C ALA A 76 -7.03 -10.47 -5.81
N PRO A 77 -5.92 -11.04 -6.23
CA PRO A 77 -4.79 -10.26 -6.79
C PRO A 77 -5.24 -9.26 -7.85
N LEU A 78 -4.39 -8.29 -8.15
CA LEU A 78 -4.71 -7.27 -9.14
C LEU A 78 -3.76 -7.37 -10.34
N LYS A 79 -2.53 -7.78 -10.07
CA LYS A 79 -1.54 -7.91 -11.13
C LYS A 79 -2.18 -8.46 -12.40
N GLY A 80 -1.81 -7.90 -13.55
CA GLY A 80 -2.35 -8.35 -14.82
C GLY A 80 -3.50 -7.46 -15.26
N LEU A 81 -4.41 -7.17 -14.34
CA LEU A 81 -5.56 -6.32 -14.65
C LEU A 81 -5.11 -4.88 -14.86
N SER A 82 -6.05 -4.03 -15.29
CA SER A 82 -5.73 -2.63 -15.53
C SER A 82 -6.36 -1.74 -14.44
N GLN A 83 -6.03 -0.46 -14.48
CA GLN A 83 -6.56 0.49 -13.51
C GLN A 83 -8.06 0.28 -13.33
N GLN A 84 -8.72 -0.19 -14.38
CA GLN A 84 -10.16 -0.41 -14.33
C GLN A 84 -10.53 -1.22 -13.08
N ASP A 85 -9.93 -2.40 -12.96
CA ASP A 85 -10.21 -3.26 -11.82
C ASP A 85 -9.69 -2.66 -10.53
N VAL A 86 -8.75 -1.73 -10.64
CA VAL A 86 -8.17 -1.09 -9.47
C VAL A 86 -9.16 -0.11 -8.85
N ILE A 87 -9.77 0.72 -9.69
CA ILE A 87 -10.74 1.70 -9.22
C ILE A 87 -12.03 1.02 -8.75
N SER A 88 -12.36 -0.09 -9.40
CA SER A 88 -13.57 -0.83 -9.04
C SER A 88 -13.39 -1.57 -7.72
N ALA A 89 -12.25 -2.23 -7.57
CA ALA A 89 -11.98 -2.98 -6.35
C ALA A 89 -12.13 -2.09 -5.12
N LEU A 90 -11.44 -0.95 -5.14
CA LEU A 90 -11.50 -0.02 -4.03
C LEU A 90 -12.95 0.17 -3.56
N ARG A 91 -13.88 0.10 -4.51
CA ARG A 91 -15.29 0.27 -4.19
C ARG A 91 -15.73 -0.76 -3.16
N GLY A 92 -15.18 -1.96 -3.25
CA GLY A 92 -15.53 -3.02 -2.31
C GLY A 92 -17.04 -3.26 -2.29
N THR A 93 -17.47 -4.21 -1.48
CA THR A 93 -18.89 -4.52 -1.37
C THR A 93 -19.26 -4.88 0.07
N ALA A 94 -18.93 -6.11 0.47
CA ALA A 94 -19.23 -6.56 1.82
C ALA A 94 -18.51 -5.70 2.85
N PRO A 95 -18.97 -5.71 4.07
CA PRO A 95 -18.36 -4.91 5.17
C PRO A 95 -16.97 -5.41 5.52
N GLU A 96 -16.86 -6.69 5.88
CA GLU A 96 -15.58 -7.27 6.23
C GLU A 96 -14.67 -7.33 5.02
N VAL A 97 -13.85 -6.29 4.84
CA VAL A 97 -12.94 -6.23 3.71
C VAL A 97 -11.50 -6.39 4.16
N SER A 98 -10.85 -7.45 3.68
CA SER A 98 -9.46 -7.71 4.04
C SER A 98 -8.55 -7.48 2.84
N LEU A 99 -7.60 -6.56 2.98
CA LEU A 99 -6.68 -6.25 1.89
C LEU A 99 -5.23 -6.46 2.32
N LEU A 100 -4.45 -7.10 1.45
CA LEU A 100 -3.04 -7.35 1.73
C LEU A 100 -2.22 -6.13 1.33
N LEU A 101 -1.25 -5.77 2.15
CA LEU A 101 -0.41 -4.61 1.85
C LEU A 101 1.06 -4.95 2.05
N CYS A 102 1.93 -4.00 1.69
CA CYS A 102 3.36 -4.20 1.83
C CYS A 102 4.05 -2.91 2.26
N ARG A 103 4.98 -3.03 3.20
CA ARG A 103 5.70 -1.86 3.69
C ARG A 103 7.20 -2.09 3.62
N PRO A 104 7.77 -2.07 2.45
CA PRO A 104 9.24 -2.26 2.25
C PRO A 104 10.06 -1.36 3.15
N ALA A 105 11.28 -1.77 3.46
CA ALA A 105 12.15 -0.97 4.32
C ALA A 105 12.37 0.41 3.71
N PRO A 106 12.66 1.39 4.53
CA PRO A 106 12.89 2.79 4.06
C PRO A 106 14.16 2.92 3.24
N GLY A 107 14.00 3.19 1.95
CA GLY A 107 15.16 3.34 1.06
C GLY A 107 14.88 2.75 -0.32
N VAL A 108 13.72 2.09 -0.45
CA VAL A 108 13.35 1.48 -1.72
C VAL A 108 12.46 2.44 -2.53
N LEU A 109 11.52 3.07 -1.85
CA LEU A 109 10.61 4.00 -2.52
C LEU A 109 11.24 5.40 -2.59
N PRO A 110 10.93 6.17 -3.60
CA PRO A 110 11.49 7.53 -3.76
C PRO A 110 11.60 8.28 -2.44
N GLU A 111 12.62 9.12 -2.32
CA GLU A 111 12.83 9.90 -1.10
C GLU A 111 11.83 11.05 -1.01
N ILE A 112 11.43 11.38 0.21
CA ILE A 112 10.48 12.47 0.41
C ILE A 112 11.12 13.82 0.09
N ASP A 113 10.30 14.75 -0.41
CA ASP A 113 10.80 16.08 -0.77
C ASP A 113 10.38 17.11 0.28
N THR A 114 11.35 17.57 1.07
CA THR A 114 11.07 18.55 2.11
C THR A 114 10.61 19.86 1.47
N PRO A 115 9.90 20.67 2.21
CA PRO A 115 9.39 21.98 1.70
C PRO A 115 10.52 22.96 1.42
N GLY A 116 10.55 23.49 0.20
CA GLY A 116 11.58 24.43 -0.19
C GLY A 116 12.97 23.80 -0.08
N ASN A 117 14.00 24.63 -0.21
CA ASN A 117 15.38 24.15 -0.13
C ASN A 117 15.79 23.99 1.34
N SER A 118 16.73 23.10 1.58
CA SER A 118 17.21 22.86 2.95
C SER A 118 18.16 23.97 3.38
N SER A 119 17.69 24.82 4.28
CA SER A 119 18.51 25.92 4.78
C SER A 119 18.18 26.22 6.24
N THR A 1 15.64 -18.58 10.78
CA THR A 1 16.08 -17.16 10.68
C THR A 1 17.08 -16.86 11.80
N PRO A 2 18.21 -17.50 11.78
CA PRO A 2 19.27 -17.32 12.81
C PRO A 2 19.48 -15.84 13.14
N HIS A 3 19.54 -14.99 12.11
CA HIS A 3 19.74 -13.57 12.32
C HIS A 3 18.64 -12.99 13.21
N VAL A 4 18.98 -12.75 14.47
CA VAL A 4 18.01 -12.19 15.42
C VAL A 4 17.24 -11.03 14.78
N LYS A 5 15.93 -11.05 14.95
CA LYS A 5 15.09 -10.00 14.39
C LYS A 5 15.57 -8.63 14.85
N ASP A 6 15.52 -7.66 13.93
CA ASP A 6 15.96 -6.30 14.25
C ASP A 6 14.85 -5.52 14.93
N TYR A 7 13.69 -5.46 14.28
CA TYR A 7 12.56 -4.72 14.84
C TYR A 7 11.27 -5.53 14.68
N SER A 8 10.14 -4.88 14.92
CA SER A 8 8.84 -5.54 14.82
C SER A 8 8.85 -6.58 13.71
N PHE A 9 8.86 -6.12 12.46
CA PHE A 9 8.87 -7.03 11.32
C PHE A 9 9.50 -6.35 10.09
N VAL A 10 10.32 -5.34 10.33
CA VAL A 10 10.97 -4.63 9.24
C VAL A 10 11.95 -5.54 8.52
N THR A 11 11.45 -6.28 7.54
CA THR A 11 12.29 -7.19 6.78
C THR A 11 11.88 -7.20 5.31
N GLU A 12 12.80 -7.60 4.44
CA GLU A 12 12.52 -7.64 3.02
C GLU A 12 11.15 -8.27 2.75
N ASP A 13 10.69 -9.08 3.70
CA ASP A 13 9.40 -9.74 3.55
C ASP A 13 8.30 -8.90 4.20
N ASN A 14 8.57 -7.61 4.36
CA ASN A 14 7.59 -6.70 4.95
C ASN A 14 6.21 -6.95 4.37
N THR A 15 5.30 -7.45 5.21
CA THR A 15 3.94 -7.73 4.75
C THR A 15 2.95 -7.62 5.91
N PHE A 16 1.74 -7.17 5.60
CA PHE A 16 0.70 -7.03 6.62
C PHE A 16 -0.66 -6.81 5.98
N GLU A 17 -1.72 -7.26 6.65
CA GLU A 17 -3.06 -7.10 6.13
C GLU A 17 -4.01 -6.55 7.20
N VAL A 18 -5.04 -5.84 6.76
CA VAL A 18 -6.01 -5.26 7.68
C VAL A 18 -7.41 -5.33 7.08
N LYS A 19 -8.40 -5.60 7.94
CA LYS A 19 -9.78 -5.68 7.48
C LYS A 19 -10.53 -4.37 7.72
N LEU A 20 -11.19 -3.88 6.68
CA LEU A 20 -11.95 -2.63 6.78
C LEU A 20 -13.43 -2.91 6.67
N PHE A 21 -14.24 -1.95 7.11
CA PHE A 21 -15.69 -2.09 7.05
C PHE A 21 -16.24 -1.58 5.72
N LYS A 22 -17.44 -2.06 5.36
CA LYS A 22 -18.07 -1.66 4.12
C LYS A 22 -18.09 -0.13 3.96
N ASN A 23 -18.87 0.35 3.00
CA ASN A 23 -18.97 1.78 2.74
C ASN A 23 -19.46 2.51 4.00
N SER A 24 -18.52 2.96 4.81
CA SER A 24 -18.85 3.68 6.03
C SER A 24 -18.07 4.98 6.12
N SER A 25 -18.67 6.01 6.70
CA SER A 25 -18.02 7.31 6.83
C SER A 25 -16.79 7.17 7.74
N GLY A 26 -15.76 6.53 7.21
CA GLY A 26 -14.53 6.33 7.97
C GLY A 26 -13.31 6.70 7.13
N LEU A 27 -12.30 5.84 7.13
CA LEU A 27 -11.08 6.10 6.37
C LEU A 27 -11.41 6.48 4.93
N GLY A 28 -10.38 6.54 4.10
CA GLY A 28 -10.55 6.90 2.70
C GLY A 28 -9.27 7.50 2.13
N PHE A 29 -8.34 6.63 1.73
CA PHE A 29 -7.08 7.07 1.18
C PHE A 29 -7.14 7.12 -0.33
N SER A 30 -6.21 7.87 -0.93
CA SER A 30 -6.15 7.98 -2.39
C SER A 30 -4.88 7.32 -2.89
N PHE A 31 -5.05 6.26 -3.69
CA PHE A 31 -3.90 5.55 -4.23
C PHE A 31 -3.57 6.00 -5.64
N SER A 32 -2.32 5.81 -6.04
CA SER A 32 -1.87 6.21 -7.37
C SER A 32 -1.35 5.00 -8.13
N ARG A 33 -1.58 4.98 -9.44
CA ARG A 33 -1.12 3.88 -10.28
C ARG A 33 -0.01 4.37 -11.23
N GLU A 34 1.21 3.96 -10.95
CA GLU A 34 2.35 4.36 -11.77
C GLU A 34 3.21 3.14 -12.12
N ASP A 35 3.58 3.04 -13.40
CA ASP A 35 4.41 1.93 -13.85
C ASP A 35 5.83 2.40 -14.16
N ASN A 36 6.74 1.45 -14.28
CA ASN A 36 8.14 1.77 -14.59
C ASN A 36 8.80 2.47 -13.41
N LEU A 37 8.32 2.18 -12.20
CA LEU A 37 8.87 2.78 -11.00
C LEU A 37 9.74 1.78 -10.24
N ILE A 38 9.13 0.67 -9.83
CA ILE A 38 9.84 -0.36 -9.09
C ILE A 38 9.78 -1.69 -9.83
N PRO A 39 10.63 -1.88 -10.81
CA PRO A 39 10.67 -3.13 -11.61
C PRO A 39 11.47 -4.23 -10.92
N GLU A 40 12.19 -3.86 -9.86
CA GLU A 40 13.00 -4.82 -9.12
C GLU A 40 12.11 -5.74 -8.29
N GLN A 41 11.06 -5.17 -7.69
CA GLN A 41 10.15 -5.93 -6.86
C GLN A 41 9.58 -7.12 -7.63
N ILE A 42 8.46 -7.65 -7.17
CA ILE A 42 7.83 -8.79 -7.84
C ILE A 42 6.45 -8.41 -8.35
N ASN A 43 5.88 -9.28 -9.18
CA ASN A 43 4.56 -9.04 -9.74
C ASN A 43 4.53 -7.71 -10.51
N GLY A 44 5.66 -7.38 -11.13
CA GLY A 44 5.75 -6.13 -11.88
C GLY A 44 5.29 -4.94 -11.06
N SER A 45 5.00 -3.83 -11.73
CA SER A 45 4.56 -2.62 -11.05
C SER A 45 3.34 -2.92 -10.17
N ILE A 46 3.02 -1.98 -9.28
CA ILE A 46 1.88 -2.14 -8.39
C ILE A 46 1.27 -0.79 -8.06
N VAL A 47 0.30 -0.81 -7.14
CA VAL A 47 -0.36 0.42 -6.72
C VAL A 47 0.17 0.88 -5.36
N ARG A 48 0.24 2.18 -5.15
CA ARG A 48 0.74 2.72 -3.89
C ARG A 48 -0.18 3.80 -3.34
N VAL A 49 -0.27 3.89 -2.02
CA VAL A 49 -1.10 4.89 -1.38
C VAL A 49 -0.60 6.30 -1.72
N LYS A 50 -1.52 7.26 -1.78
CA LYS A 50 -1.15 8.63 -2.10
C LYS A 50 -1.63 9.59 -1.02
N LYS A 51 -2.46 9.11 -0.11
CA LYS A 51 -2.98 9.96 0.96
C LYS A 51 -3.57 9.10 2.08
N LEU A 52 -3.35 9.54 3.32
CA LEU A 52 -3.87 8.82 4.47
C LEU A 52 -4.24 9.79 5.59
N PHE A 53 -5.24 9.41 6.39
CA PHE A 53 -5.68 10.24 7.49
C PHE A 53 -5.34 9.58 8.83
N PRO A 54 -4.19 9.88 9.39
CA PRO A 54 -3.76 9.28 10.68
C PRO A 54 -4.86 9.28 11.73
N GLY A 55 -4.99 8.17 12.45
CA GLY A 55 -6.02 8.04 13.48
C GLY A 55 -7.16 7.14 13.01
N GLN A 56 -7.24 6.95 11.70
CA GLN A 56 -8.29 6.11 11.11
C GLN A 56 -7.83 4.66 11.03
N PRO A 57 -8.74 3.72 11.01
CA PRO A 57 -8.41 2.27 10.93
C PRO A 57 -7.23 2.00 10.02
N ALA A 58 -7.38 2.35 8.74
CA ALA A 58 -6.31 2.14 7.77
C ALA A 58 -4.99 2.65 8.31
N ALA A 59 -5.06 3.52 9.30
CA ALA A 59 -3.85 4.08 9.91
C ALA A 59 -3.68 3.57 11.34
N GLU A 60 -4.71 2.90 11.83
CA GLU A 60 -4.67 2.36 13.19
C GLU A 60 -3.89 1.06 13.22
N SER A 61 -3.72 0.45 12.04
CA SER A 61 -3.00 -0.80 11.94
C SER A 61 -1.71 -0.75 12.76
N GLY A 62 -0.96 0.33 12.59
CA GLY A 62 0.29 0.49 13.33
C GLY A 62 1.42 0.95 12.42
N LYS A 63 1.68 0.20 11.37
CA LYS A 63 2.75 0.54 10.44
C LYS A 63 2.20 0.90 9.06
N ILE A 64 1.57 2.06 8.96
CA ILE A 64 1.01 2.50 7.70
C ILE A 64 1.45 3.93 7.40
N ASP A 65 1.70 4.22 6.12
CA ASP A 65 2.12 5.55 5.71
C ASP A 65 1.87 5.75 4.23
N VAL A 66 1.87 7.00 3.79
CA VAL A 66 1.65 7.31 2.38
C VAL A 66 2.71 6.65 1.52
N GLY A 67 2.41 5.45 1.04
CA GLY A 67 3.36 4.73 0.20
C GLY A 67 3.03 3.24 0.18
N ASP A 68 2.37 2.76 1.24
CA ASP A 68 2.00 1.35 1.33
C ASP A 68 1.54 0.83 -0.03
N VAL A 69 1.99 -0.37 -0.37
CA VAL A 69 1.62 -0.97 -1.65
C VAL A 69 0.65 -2.15 -1.44
N ILE A 70 -0.55 -2.03 -2.02
CA ILE A 70 -1.54 -3.08 -1.89
C ILE A 70 -1.24 -4.22 -2.86
N LEU A 71 -1.34 -5.45 -2.39
CA LEU A 71 -1.07 -6.61 -3.24
C LEU A 71 -2.36 -7.32 -3.61
N LYS A 72 -3.11 -7.77 -2.60
CA LYS A 72 -4.36 -8.47 -2.85
C LYS A 72 -5.52 -7.78 -2.15
N VAL A 73 -6.73 -8.25 -2.44
CA VAL A 73 -7.94 -7.68 -1.83
C VAL A 73 -8.96 -8.76 -1.55
N ASN A 74 -8.97 -9.25 -0.31
CA ASN A 74 -9.91 -10.31 0.06
C ASN A 74 -9.42 -11.66 -0.44
N GLY A 75 -8.15 -11.71 -0.81
CA GLY A 75 -7.56 -12.96 -1.31
C GLY A 75 -7.82 -13.12 -2.81
N ALA A 76 -7.88 -12.01 -3.52
CA ALA A 76 -8.13 -12.05 -4.96
C ALA A 76 -6.99 -11.36 -5.71
N PRO A 77 -6.81 -11.69 -6.98
CA PRO A 77 -5.73 -11.09 -7.81
C PRO A 77 -6.08 -9.67 -8.27
N LEU A 78 -5.05 -8.85 -8.47
CA LEU A 78 -5.25 -7.48 -8.93
C LEU A 78 -4.19 -7.10 -9.95
N LYS A 79 -3.33 -8.05 -10.30
CA LYS A 79 -2.28 -7.80 -11.29
C LYS A 79 -2.73 -8.27 -12.67
N GLY A 80 -2.48 -7.44 -13.67
CA GLY A 80 -2.86 -7.78 -15.04
C GLY A 80 -3.83 -6.75 -15.61
N LEU A 81 -4.78 -6.33 -14.79
CA LEU A 81 -5.77 -5.34 -15.22
C LEU A 81 -5.22 -3.92 -15.09
N SER A 82 -5.94 -2.96 -15.64
CA SER A 82 -5.51 -1.57 -15.59
C SER A 82 -6.07 -0.87 -14.35
N GLN A 83 -5.53 0.30 -14.03
CA GLN A 83 -5.99 1.06 -12.87
C GLN A 83 -7.51 0.96 -12.73
N GLN A 84 -8.19 0.88 -13.87
CA GLN A 84 -9.65 0.79 -13.86
C GLN A 84 -10.13 -0.19 -12.80
N ASP A 85 -9.59 -1.41 -12.85
CA ASP A 85 -9.97 -2.45 -11.90
C ASP A 85 -9.57 -2.05 -10.47
N VAL A 86 -8.38 -1.48 -10.33
CA VAL A 86 -7.90 -1.07 -9.01
C VAL A 86 -8.94 -0.21 -8.30
N ILE A 87 -9.44 0.80 -8.99
CA ILE A 87 -10.44 1.70 -8.40
C ILE A 87 -11.75 0.96 -8.18
N SER A 88 -12.09 0.07 -9.09
CA SER A 88 -13.33 -0.69 -8.99
C SER A 88 -13.33 -1.58 -7.75
N ALA A 89 -12.25 -2.33 -7.57
CA ALA A 89 -12.12 -3.22 -6.42
C ALA A 89 -12.01 -2.42 -5.14
N LEU A 90 -11.83 -1.11 -5.28
CA LEU A 90 -11.71 -0.24 -4.12
C LEU A 90 -13.10 0.15 -3.60
N ARG A 91 -14.10 0.04 -4.46
CA ARG A 91 -15.47 0.37 -4.08
C ARG A 91 -15.87 -0.39 -2.83
N GLY A 92 -15.52 -1.68 -2.77
CA GLY A 92 -15.85 -2.50 -1.62
C GLY A 92 -16.71 -3.70 -2.04
N THR A 93 -17.23 -4.41 -1.04
CA THR A 93 -18.06 -5.58 -1.31
C THR A 93 -18.79 -6.02 -0.03
N ALA A 94 -18.27 -7.06 0.60
CA ALA A 94 -18.88 -7.56 1.83
C ALA A 94 -18.45 -6.70 3.02
N PRO A 95 -19.20 -6.75 4.09
CA PRO A 95 -18.89 -5.96 5.31
C PRO A 95 -17.41 -6.00 5.66
N GLU A 96 -16.89 -7.21 5.82
CA GLU A 96 -15.48 -7.39 6.14
C GLU A 96 -14.66 -7.57 4.87
N VAL A 97 -13.70 -6.67 4.64
CA VAL A 97 -12.85 -6.74 3.46
C VAL A 97 -11.38 -6.79 3.86
N SER A 98 -10.78 -7.97 3.76
CA SER A 98 -9.37 -8.13 4.11
C SER A 98 -8.48 -7.72 2.94
N LEU A 99 -7.63 -6.71 3.18
CA LEU A 99 -6.73 -6.23 2.13
C LEU A 99 -5.28 -6.48 2.53
N LEU A 100 -4.49 -7.02 1.60
CA LEU A 100 -3.09 -7.29 1.85
C LEU A 100 -2.22 -6.11 1.42
N LEU A 101 -1.30 -5.71 2.29
CA LEU A 101 -0.42 -4.59 1.99
C LEU A 101 1.02 -4.95 2.34
N CYS A 102 1.95 -4.09 1.95
CA CYS A 102 3.36 -4.33 2.24
C CYS A 102 4.09 -3.03 2.53
N ARG A 103 4.89 -3.04 3.58
CA ARG A 103 5.64 -1.85 3.97
C ARG A 103 7.15 -2.12 3.92
N PRO A 104 7.73 -2.01 2.76
CA PRO A 104 9.19 -2.25 2.56
C PRO A 104 10.05 -1.35 3.47
N ALA A 105 11.35 -1.62 3.50
CA ALA A 105 12.27 -0.84 4.32
C ALA A 105 12.61 0.47 3.62
N PRO A 106 13.15 1.41 4.36
CA PRO A 106 13.54 2.74 3.80
C PRO A 106 14.67 2.63 2.78
N GLY A 107 14.42 3.11 1.57
CA GLY A 107 15.43 3.06 0.52
C GLY A 107 14.93 2.25 -0.67
N VAL A 108 13.63 1.96 -0.69
CA VAL A 108 13.05 1.19 -1.77
C VAL A 108 12.03 2.02 -2.53
N LEU A 109 11.26 2.82 -1.79
CA LEU A 109 10.23 3.67 -2.40
C LEU A 109 10.52 5.14 -2.13
N PRO A 110 11.38 5.74 -2.91
CA PRO A 110 11.75 7.18 -2.76
C PRO A 110 10.52 8.08 -2.69
N GLU A 111 10.71 9.30 -2.21
CA GLU A 111 9.60 10.24 -2.10
C GLU A 111 10.01 11.63 -2.60
N ILE A 112 9.03 12.42 -3.00
CA ILE A 112 9.30 13.77 -3.51
C ILE A 112 9.17 14.79 -2.39
N ASP A 113 10.19 15.63 -2.25
CA ASP A 113 10.18 16.66 -1.21
C ASP A 113 10.39 18.04 -1.81
N THR A 114 9.29 18.79 -1.96
CA THR A 114 9.36 20.12 -2.53
C THR A 114 10.38 20.98 -1.77
N PRO A 115 10.91 21.99 -2.40
CA PRO A 115 11.92 22.89 -1.77
C PRO A 115 11.34 23.66 -0.58
N GLY A 116 12.19 23.94 0.41
CA GLY A 116 11.76 24.66 1.59
C GLY A 116 12.15 23.92 2.86
N ASN A 117 13.35 23.36 2.87
CA ASN A 117 13.84 22.62 4.03
C ASN A 117 15.35 22.41 3.94
N SER A 118 15.85 22.24 2.73
CA SER A 118 17.27 22.03 2.51
C SER A 118 17.80 20.97 3.47
N SER A 119 17.26 19.76 3.38
CA SER A 119 17.68 18.66 4.24
C SER A 119 17.61 19.08 5.71
N THR A 1 20.62 0.69 8.43
CA THR A 1 21.71 -0.19 7.92
C THR A 1 21.10 -1.33 7.11
N PRO A 2 20.57 -1.03 5.95
CA PRO A 2 19.94 -2.04 5.07
C PRO A 2 20.92 -3.12 4.62
N HIS A 3 22.16 -3.00 5.10
CA HIS A 3 23.19 -3.97 4.75
C HIS A 3 23.04 -5.24 5.58
N VAL A 4 22.55 -5.09 6.80
CA VAL A 4 22.36 -6.24 7.70
C VAL A 4 20.98 -6.20 8.34
N LYS A 5 20.37 -7.37 8.48
CA LYS A 5 19.04 -7.46 9.08
C LYS A 5 19.03 -6.80 10.45
N ASP A 6 17.85 -6.38 10.89
CA ASP A 6 17.72 -5.73 12.19
C ASP A 6 16.81 -6.55 13.10
N TYR A 7 15.53 -6.58 12.78
CA TYR A 7 14.57 -7.35 13.57
C TYR A 7 13.87 -8.40 12.72
N SER A 8 13.03 -9.22 13.35
CA SER A 8 12.32 -10.26 12.63
C SER A 8 11.02 -9.71 12.03
N PHE A 9 10.99 -8.39 11.83
CA PHE A 9 9.81 -7.75 11.26
C PHE A 9 10.20 -6.74 10.18
N VAL A 10 10.84 -5.66 10.60
CA VAL A 10 11.27 -4.63 9.65
C VAL A 10 12.28 -5.20 8.66
N THR A 11 11.78 -5.84 7.61
CA THR A 11 12.65 -6.42 6.59
C THR A 11 12.16 -6.06 5.20
N GLU A 12 13.01 -6.29 4.20
CA GLU A 12 12.65 -5.98 2.83
C GLU A 12 11.38 -6.72 2.42
N ASP A 13 11.11 -7.84 3.09
CA ASP A 13 9.92 -8.63 2.78
C ASP A 13 8.76 -8.24 3.70
N ASN A 14 8.87 -7.08 4.32
CA ASN A 14 7.82 -6.61 5.23
C ASN A 14 6.44 -6.89 4.64
N THR A 15 5.55 -7.43 5.45
CA THR A 15 4.20 -7.72 4.99
C THR A 15 3.19 -7.52 6.13
N PHE A 16 1.99 -7.09 5.76
CA PHE A 16 0.94 -6.86 6.75
C PHE A 16 -0.40 -6.62 6.07
N GLU A 17 -1.46 -7.18 6.66
CA GLU A 17 -2.79 -7.02 6.11
C GLU A 17 -3.74 -6.45 7.15
N VAL A 18 -4.65 -5.57 6.71
CA VAL A 18 -5.60 -4.96 7.63
C VAL A 18 -7.02 -5.16 7.12
N LYS A 19 -7.89 -5.65 8.00
CA LYS A 19 -9.28 -5.90 7.63
C LYS A 19 -10.16 -4.73 8.05
N LEU A 20 -10.70 -4.02 7.06
CA LEU A 20 -11.57 -2.88 7.34
C LEU A 20 -13.03 -3.26 7.12
N PHE A 21 -13.92 -2.68 7.92
CA PHE A 21 -15.34 -2.98 7.79
C PHE A 21 -16.18 -1.76 8.14
N LYS A 22 -16.74 -1.12 7.11
CA LYS A 22 -17.57 0.06 7.33
C LYS A 22 -18.65 0.14 6.25
N ASN A 23 -19.74 0.84 6.58
CA ASN A 23 -20.84 0.98 5.63
C ASN A 23 -20.38 1.64 4.34
N SER A 24 -21.31 1.93 3.45
CA SER A 24 -20.99 2.57 2.18
C SER A 24 -20.56 4.02 2.39
N SER A 25 -19.27 4.28 2.18
CA SER A 25 -18.75 5.63 2.35
C SER A 25 -17.39 5.78 1.69
N GLY A 26 -16.73 6.90 1.91
CA GLY A 26 -15.41 7.14 1.33
C GLY A 26 -14.31 6.69 2.28
N LEU A 27 -13.15 6.35 1.72
CA LEU A 27 -12.02 5.91 2.53
C LEU A 27 -11.19 7.11 2.98
N GLY A 28 -10.37 6.89 4.01
CA GLY A 28 -9.52 7.95 4.54
C GLY A 28 -8.17 7.97 3.82
N PHE A 29 -8.09 7.25 2.72
CA PHE A 29 -6.85 7.17 1.95
C PHE A 29 -7.14 7.15 0.46
N SER A 30 -6.13 7.48 -0.33
CA SER A 30 -6.28 7.49 -1.78
C SER A 30 -5.12 6.74 -2.43
N PHE A 31 -5.44 5.64 -3.12
CA PHE A 31 -4.40 4.85 -3.77
C PHE A 31 -3.99 5.48 -5.09
N SER A 32 -2.87 5.01 -5.63
CA SER A 32 -2.37 5.55 -6.90
C SER A 32 -1.65 4.46 -7.69
N ARG A 33 -1.74 4.54 -9.01
CA ARG A 33 -1.08 3.55 -9.87
C ARG A 33 0.22 4.11 -10.41
N GLU A 34 1.32 3.45 -10.08
CA GLU A 34 2.64 3.89 -10.54
C GLU A 34 3.36 2.76 -11.24
N ASP A 35 4.29 3.11 -12.14
CA ASP A 35 5.04 2.11 -12.88
C ASP A 35 6.46 2.60 -13.14
N ASN A 36 7.30 1.71 -13.66
CA ASN A 36 8.69 2.06 -13.95
C ASN A 36 9.38 2.63 -12.71
N LEU A 37 8.83 2.30 -11.54
CA LEU A 37 9.39 2.79 -10.29
C LEU A 37 10.12 1.66 -9.56
N ILE A 38 9.75 0.42 -9.87
CA ILE A 38 10.36 -0.73 -9.25
C ILE A 38 10.18 -1.97 -10.11
N PRO A 39 10.99 -2.13 -11.13
CA PRO A 39 10.91 -3.28 -12.05
C PRO A 39 11.58 -4.53 -11.48
N GLU A 40 12.38 -4.35 -10.44
CA GLU A 40 13.08 -5.47 -9.82
C GLU A 40 12.08 -6.43 -9.19
N GLN A 41 10.82 -5.99 -9.11
CA GLN A 41 9.78 -6.83 -8.54
C GLN A 41 9.32 -7.89 -9.53
N ILE A 42 8.06 -8.30 -9.42
CA ILE A 42 7.51 -9.30 -10.33
C ILE A 42 7.36 -8.73 -11.73
N ASN A 43 6.75 -9.52 -12.61
CA ASN A 43 6.54 -9.09 -13.99
C ASN A 43 5.22 -8.33 -14.13
N GLY A 44 5.23 -7.04 -13.76
CA GLY A 44 4.03 -6.22 -13.85
C GLY A 44 4.17 -4.96 -13.00
N SER A 45 3.03 -4.48 -12.48
CA SER A 45 3.04 -3.28 -11.65
C SER A 45 2.16 -3.47 -10.42
N ILE A 46 2.39 -2.65 -9.41
CA ILE A 46 1.60 -2.73 -8.18
C ILE A 46 1.02 -1.36 -7.82
N VAL A 47 0.14 -1.33 -6.83
CA VAL A 47 -0.48 -0.09 -6.39
C VAL A 47 0.15 0.38 -5.09
N ARG A 48 0.09 1.69 -4.84
CA ARG A 48 0.66 2.25 -3.62
C ARG A 48 -0.29 3.29 -3.02
N VAL A 49 -0.22 3.44 -1.70
CA VAL A 49 -1.07 4.41 -1.01
C VAL A 49 -0.62 5.82 -1.35
N LYS A 50 -1.59 6.71 -1.59
CA LYS A 50 -1.27 8.09 -1.93
C LYS A 50 -1.78 9.05 -0.85
N LYS A 51 -2.57 8.55 0.08
CA LYS A 51 -3.10 9.41 1.14
C LYS A 51 -3.56 8.58 2.34
N LEU A 52 -3.55 9.19 3.52
CA LEU A 52 -3.97 8.51 4.74
C LEU A 52 -4.44 9.53 5.77
N PHE A 53 -5.37 9.10 6.63
CA PHE A 53 -5.90 9.97 7.67
C PHE A 53 -5.43 9.48 9.05
N PRO A 54 -4.35 10.02 9.57
CA PRO A 54 -3.81 9.61 10.89
C PRO A 54 -4.90 9.54 11.97
N GLY A 55 -5.10 8.35 12.51
CA GLY A 55 -6.11 8.15 13.54
C GLY A 55 -7.23 7.23 13.06
N GLN A 56 -7.34 7.08 11.74
CA GLN A 56 -8.37 6.23 11.16
C GLN A 56 -7.89 4.79 11.07
N PRO A 57 -8.79 3.85 11.03
CA PRO A 57 -8.45 2.40 10.94
C PRO A 57 -7.26 2.15 10.03
N ALA A 58 -7.42 2.47 8.75
CA ALA A 58 -6.34 2.28 7.79
C ALA A 58 -5.06 2.93 8.30
N ALA A 59 -5.20 3.79 9.29
CA ALA A 59 -4.06 4.48 9.88
C ALA A 59 -3.83 4.04 11.32
N GLU A 60 -4.76 3.23 11.83
CA GLU A 60 -4.66 2.75 13.19
C GLU A 60 -4.09 1.33 13.22
N SER A 61 -3.94 0.76 12.04
CA SER A 61 -3.41 -0.59 11.92
C SER A 61 -2.18 -0.78 12.80
N GLY A 62 -1.59 0.32 13.24
CA GLY A 62 -0.41 0.26 14.09
C GLY A 62 0.73 1.11 13.53
N LYS A 63 1.07 0.87 12.27
CA LYS A 63 2.15 1.62 11.64
C LYS A 63 1.94 1.69 10.12
N ILE A 64 1.09 2.61 9.70
CA ILE A 64 0.80 2.78 8.28
C ILE A 64 1.29 4.15 7.80
N ASP A 65 1.71 4.22 6.54
CA ASP A 65 2.20 5.47 5.99
C ASP A 65 1.87 5.58 4.50
N VAL A 66 1.91 6.80 3.98
CA VAL A 66 1.61 7.02 2.57
C VAL A 66 2.71 6.43 1.68
N GLY A 67 2.52 5.18 1.26
CA GLY A 67 3.50 4.52 0.41
C GLY A 67 3.29 3.01 0.40
N ASP A 68 2.64 2.50 1.45
CA ASP A 68 2.41 1.07 1.55
C ASP A 68 1.98 0.50 0.20
N VAL A 69 2.60 -0.60 -0.20
CA VAL A 69 2.29 -1.24 -1.47
C VAL A 69 1.23 -2.33 -1.29
N ILE A 70 0.13 -2.21 -2.02
CA ILE A 70 -0.95 -3.19 -1.94
C ILE A 70 -0.71 -4.33 -2.93
N LEU A 71 -1.13 -5.53 -2.57
CA LEU A 71 -0.95 -6.69 -3.45
C LEU A 71 -2.29 -7.33 -3.80
N LYS A 72 -3.03 -7.73 -2.78
CA LYS A 72 -4.32 -8.37 -3.00
C LYS A 72 -5.42 -7.65 -2.22
N VAL A 73 -6.66 -8.09 -2.41
CA VAL A 73 -7.79 -7.48 -1.72
C VAL A 73 -8.87 -8.53 -1.46
N ASN A 74 -8.80 -9.17 -0.30
CA ASN A 74 -9.77 -10.20 0.06
C ASN A 74 -9.66 -11.40 -0.89
N GLY A 75 -8.53 -11.48 -1.57
CA GLY A 75 -8.30 -12.58 -2.52
C GLY A 75 -8.77 -12.20 -3.91
N ALA A 76 -8.49 -10.96 -4.30
CA ALA A 76 -8.88 -10.47 -5.62
C ALA A 76 -7.69 -9.84 -6.34
N PRO A 77 -6.88 -10.65 -6.98
CA PRO A 77 -5.68 -10.15 -7.72
C PRO A 77 -6.05 -9.05 -8.71
N LEU A 78 -5.25 -7.98 -8.71
CA LEU A 78 -5.49 -6.86 -9.62
C LEU A 78 -4.39 -6.77 -10.66
N LYS A 79 -3.61 -7.84 -10.80
CA LYS A 79 -2.52 -7.87 -11.77
C LYS A 79 -3.06 -8.21 -13.16
N GLY A 80 -2.57 -7.48 -14.16
CA GLY A 80 -3.01 -7.71 -15.53
C GLY A 80 -4.04 -6.67 -15.96
N LEU A 81 -4.92 -6.30 -15.04
CA LEU A 81 -5.96 -5.32 -15.33
C LEU A 81 -5.37 -3.91 -15.33
N SER A 82 -6.18 -2.93 -15.72
CA SER A 82 -5.72 -1.55 -15.77
C SER A 82 -6.34 -0.74 -14.63
N GLN A 83 -5.80 0.44 -14.38
CA GLN A 83 -6.30 1.31 -13.32
C GLN A 83 -7.83 1.22 -13.25
N GLN A 84 -8.46 1.04 -14.39
CA GLN A 84 -9.91 0.94 -14.44
C GLN A 84 -10.42 0.01 -13.34
N ASP A 85 -9.98 -1.25 -13.40
CA ASP A 85 -10.39 -2.24 -12.42
C ASP A 85 -9.96 -1.83 -11.01
N VAL A 86 -8.85 -1.11 -10.91
CA VAL A 86 -8.34 -0.68 -9.62
C VAL A 86 -9.33 0.27 -8.94
N ILE A 87 -9.70 1.33 -9.65
CA ILE A 87 -10.64 2.30 -9.11
C ILE A 87 -11.97 1.62 -8.77
N SER A 88 -12.33 0.63 -9.56
CA SER A 88 -13.58 -0.10 -9.34
C SER A 88 -13.48 -0.93 -8.06
N ALA A 89 -12.42 -1.71 -7.94
CA ALA A 89 -12.21 -2.54 -6.76
C ALA A 89 -12.27 -1.70 -5.49
N LEU A 90 -11.71 -0.49 -5.57
CA LEU A 90 -11.69 0.40 -4.43
C LEU A 90 -13.07 0.46 -3.77
N ARG A 91 -14.11 0.36 -4.58
CA ARG A 91 -15.48 0.40 -4.07
C ARG A 91 -15.77 -0.82 -3.21
N GLY A 92 -15.25 -1.97 -3.64
CA GLY A 92 -15.45 -3.21 -2.90
C GLY A 92 -16.92 -3.62 -2.90
N THR A 93 -17.23 -4.71 -2.21
CA THR A 93 -18.60 -5.19 -2.14
C THR A 93 -19.06 -5.31 -0.69
N ALA A 94 -18.61 -6.38 -0.03
CA ALA A 94 -18.97 -6.60 1.37
C ALA A 94 -18.22 -5.63 2.28
N PRO A 95 -18.71 -5.42 3.46
CA PRO A 95 -18.07 -4.50 4.45
C PRO A 95 -16.66 -4.94 4.81
N GLU A 96 -16.54 -6.15 5.34
CA GLU A 96 -15.24 -6.68 5.74
C GLU A 96 -14.37 -6.92 4.51
N VAL A 97 -13.27 -6.18 4.42
CA VAL A 97 -12.36 -6.32 3.28
C VAL A 97 -10.92 -6.46 3.76
N SER A 98 -10.32 -7.62 3.47
CA SER A 98 -8.94 -7.87 3.88
C SER A 98 -7.98 -7.37 2.80
N LEU A 99 -7.27 -6.30 3.10
CA LEU A 99 -6.32 -5.73 2.16
C LEU A 99 -4.89 -6.12 2.50
N LEU A 100 -4.19 -6.70 1.54
CA LEU A 100 -2.80 -7.10 1.74
C LEU A 100 -1.87 -5.93 1.42
N LEU A 101 -0.95 -5.63 2.32
CA LEU A 101 -0.04 -4.52 2.10
C LEU A 101 1.39 -4.92 2.48
N CYS A 102 2.34 -4.04 2.16
CA CYS A 102 3.74 -4.28 2.46
C CYS A 102 4.42 -3.00 2.92
N ARG A 103 5.14 -3.09 4.02
CA ARG A 103 5.83 -1.92 4.56
C ARG A 103 7.34 -2.13 4.54
N PRO A 104 7.97 -1.89 3.41
CA PRO A 104 9.44 -2.06 3.26
C PRO A 104 10.22 -0.85 3.79
N ALA A 105 11.44 -1.09 4.24
CA ALA A 105 12.27 -0.03 4.78
C ALA A 105 12.50 1.05 3.72
N PRO A 106 12.89 2.22 4.15
CA PRO A 106 13.16 3.36 3.22
C PRO A 106 14.39 3.13 2.35
N GLY A 107 14.17 3.09 1.04
CA GLY A 107 15.27 2.87 0.10
C GLY A 107 14.82 2.00 -1.06
N VAL A 108 13.69 1.32 -0.88
CA VAL A 108 13.16 0.44 -1.93
C VAL A 108 12.20 1.22 -2.83
N LEU A 109 11.53 2.22 -2.25
CA LEU A 109 10.59 3.03 -3.01
C LEU A 109 10.94 4.51 -2.88
N PRO A 110 11.89 4.96 -3.65
CA PRO A 110 12.33 6.38 -3.63
C PRO A 110 11.40 7.30 -4.44
N GLU A 111 11.30 8.56 -4.01
CA GLU A 111 10.44 9.50 -4.70
C GLU A 111 11.23 10.74 -5.13
N ILE A 112 10.57 11.64 -5.86
CA ILE A 112 11.22 12.86 -6.32
C ILE A 112 10.35 14.07 -6.05
N ASP A 113 10.98 15.25 -5.98
CA ASP A 113 10.24 16.48 -5.73
C ASP A 113 9.78 17.11 -7.05
N THR A 114 8.48 17.10 -7.28
CA THR A 114 7.94 17.68 -8.51
C THR A 114 8.14 19.19 -8.52
N PRO A 115 8.25 19.78 -9.69
CA PRO A 115 8.44 21.25 -9.83
C PRO A 115 7.59 22.04 -8.84
N GLY A 116 8.24 22.89 -8.05
CA GLY A 116 7.53 23.70 -7.06
C GLY A 116 7.89 25.18 -7.21
N ASN A 117 7.99 25.88 -6.10
CA ASN A 117 8.32 27.30 -6.11
C ASN A 117 9.16 27.67 -4.89
N SER A 118 8.49 27.98 -3.79
CA SER A 118 9.18 28.35 -2.56
C SER A 118 9.88 27.13 -1.97
N SER A 119 9.09 26.15 -1.54
CA SER A 119 9.65 24.94 -0.96
C SER A 119 10.21 24.02 -2.03
N THR A 1 29.31 -8.29 7.30
CA THR A 1 28.05 -7.50 7.42
C THR A 1 27.25 -7.63 6.13
N PRO A 2 26.64 -8.76 5.91
CA PRO A 2 25.83 -9.02 4.68
C PRO A 2 24.45 -8.37 4.76
N HIS A 3 23.67 -8.77 5.75
CA HIS A 3 22.33 -8.21 5.92
C HIS A 3 21.58 -8.92 7.04
N VAL A 4 21.49 -8.26 8.20
CA VAL A 4 20.81 -8.84 9.35
C VAL A 4 19.55 -8.03 9.67
N LYS A 5 18.40 -8.73 9.70
CA LYS A 5 17.13 -8.06 9.98
C LYS A 5 17.08 -7.62 11.44
N ASP A 6 16.11 -6.75 11.74
CA ASP A 6 15.96 -6.23 13.09
C ASP A 6 14.71 -6.84 13.75
N TYR A 7 13.55 -6.53 13.17
CA TYR A 7 12.29 -7.05 13.70
C TYR A 7 11.65 -8.01 12.71
N SER A 8 10.77 -8.87 13.22
CA SER A 8 10.10 -9.84 12.35
C SER A 8 9.09 -9.13 11.46
N PHE A 9 9.10 -7.80 11.49
CA PHE A 9 8.18 -7.02 10.67
C PHE A 9 8.96 -6.19 9.65
N VAL A 10 10.08 -5.63 10.07
CA VAL A 10 10.90 -4.82 9.20
C VAL A 10 12.05 -5.64 8.60
N THR A 11 11.83 -6.19 7.41
CA THR A 11 12.85 -7.00 6.75
C THR A 11 12.57 -7.09 5.26
N GLU A 12 13.20 -8.08 4.61
CA GLU A 12 13.01 -8.27 3.18
C GLU A 12 11.66 -8.93 2.90
N ASP A 13 10.91 -9.19 3.96
CA ASP A 13 9.60 -9.82 3.83
C ASP A 13 8.50 -8.90 4.33
N ASN A 14 8.82 -7.61 4.43
CA ASN A 14 7.84 -6.63 4.91
C ASN A 14 6.46 -6.91 4.32
N THR A 15 5.58 -7.45 5.14
CA THR A 15 4.22 -7.76 4.70
C THR A 15 3.25 -7.77 5.87
N PHE A 16 2.01 -7.37 5.62
CA PHE A 16 1.01 -7.34 6.67
C PHE A 16 -0.39 -7.20 6.06
N GLU A 17 -1.37 -7.87 6.69
CA GLU A 17 -2.74 -7.81 6.21
C GLU A 17 -3.66 -7.24 7.26
N VAL A 18 -4.57 -6.36 6.84
CA VAL A 18 -5.51 -5.74 7.76
C VAL A 18 -6.92 -5.74 7.17
N LYS A 19 -7.88 -6.19 7.96
CA LYS A 19 -9.26 -6.25 7.50
C LYS A 19 -10.05 -5.05 8.01
N LEU A 20 -10.67 -4.32 7.09
CA LEU A 20 -11.46 -3.16 7.46
C LEU A 20 -12.95 -3.43 7.25
N PHE A 21 -13.78 -2.59 7.85
CA PHE A 21 -15.23 -2.76 7.72
C PHE A 21 -15.82 -1.70 6.80
N LYS A 22 -16.51 -2.15 5.76
CA LYS A 22 -17.12 -1.23 4.81
C LYS A 22 -18.41 -0.64 5.37
N ASN A 23 -18.57 0.67 5.21
CA ASN A 23 -19.76 1.34 5.72
C ASN A 23 -20.07 2.57 4.86
N SER A 24 -21.08 3.34 5.28
CA SER A 24 -21.47 4.53 4.55
C SER A 24 -20.56 5.71 4.92
N SER A 25 -19.52 5.91 4.12
CA SER A 25 -18.58 7.00 4.38
C SER A 25 -17.64 7.18 3.18
N GLY A 26 -16.55 7.90 3.41
CA GLY A 26 -15.57 8.13 2.34
C GLY A 26 -14.28 7.39 2.62
N LEU A 27 -13.23 7.74 1.89
CA LEU A 27 -11.93 7.10 2.05
C LEU A 27 -10.94 8.06 2.69
N GLY A 28 -10.29 7.62 3.76
CA GLY A 28 -9.32 8.46 4.46
C GLY A 28 -7.98 8.47 3.71
N PHE A 29 -7.93 7.77 2.58
CA PHE A 29 -6.71 7.72 1.79
C PHE A 29 -7.03 7.67 0.30
N SER A 30 -6.03 8.00 -0.52
CA SER A 30 -6.20 7.97 -1.96
C SER A 30 -5.13 7.09 -2.59
N PHE A 31 -5.56 6.01 -3.23
CA PHE A 31 -4.62 5.09 -3.85
C PHE A 31 -4.31 5.52 -5.28
N SER A 32 -3.19 5.03 -5.80
CA SER A 32 -2.78 5.37 -7.16
C SER A 32 -1.85 4.30 -7.71
N ARG A 33 -2.13 3.85 -8.93
CA ARG A 33 -1.30 2.83 -9.56
C ARG A 33 -0.63 3.40 -10.82
N GLU A 34 0.70 3.39 -10.81
CA GLU A 34 1.46 3.91 -11.94
C GLU A 34 2.84 3.26 -12.00
N ASP A 35 3.58 3.55 -13.07
CA ASP A 35 4.91 2.99 -13.23
C ASP A 35 5.97 4.09 -13.19
N ASN A 36 6.82 4.07 -12.16
CA ASN A 36 7.87 5.07 -12.03
C ASN A 36 8.56 4.93 -10.68
N LEU A 37 8.40 3.77 -10.06
CA LEU A 37 9.01 3.52 -8.76
C LEU A 37 10.09 2.44 -8.89
N ILE A 38 9.69 1.28 -9.40
CA ILE A 38 10.62 0.17 -9.57
C ILE A 38 10.54 -0.37 -11.00
N PRO A 39 11.32 0.17 -11.90
CA PRO A 39 11.33 -0.25 -13.32
C PRO A 39 12.14 -1.54 -13.53
N GLU A 40 12.85 -1.95 -12.49
CA GLU A 40 13.66 -3.16 -12.55
C GLU A 40 12.83 -4.38 -12.22
N GLN A 41 11.71 -4.15 -11.53
CA GLN A 41 10.83 -5.25 -11.14
C GLN A 41 10.38 -6.03 -12.37
N ILE A 42 9.36 -6.87 -12.20
CA ILE A 42 8.85 -7.67 -13.31
C ILE A 42 8.17 -6.78 -14.35
N ASN A 43 7.77 -7.39 -15.46
CA ASN A 43 7.11 -6.64 -16.54
C ASN A 43 5.76 -6.12 -16.08
N GLY A 44 5.77 -4.97 -15.42
CA GLY A 44 4.53 -4.37 -14.93
C GLY A 44 4.79 -3.47 -13.73
N SER A 45 3.76 -3.23 -12.94
CA SER A 45 3.89 -2.38 -11.75
C SER A 45 2.86 -2.77 -10.70
N ILE A 46 2.89 -2.08 -9.56
CA ILE A 46 1.95 -2.37 -8.48
C ILE A 46 1.23 -1.11 -8.05
N VAL A 47 0.23 -1.27 -7.17
CA VAL A 47 -0.53 -0.14 -6.68
C VAL A 47 -0.02 0.28 -5.30
N ARG A 48 0.00 1.58 -5.04
CA ARG A 48 0.48 2.07 -3.75
C ARG A 48 -0.40 3.22 -3.26
N VAL A 49 -0.42 3.41 -1.94
CA VAL A 49 -1.22 4.48 -1.35
C VAL A 49 -0.70 5.84 -1.81
N LYS A 50 -1.59 6.80 -1.92
CA LYS A 50 -1.19 8.14 -2.35
C LYS A 50 -1.46 9.17 -1.26
N LYS A 51 -2.23 8.79 -0.24
CA LYS A 51 -2.54 9.71 0.84
C LYS A 51 -3.13 8.97 2.03
N LEU A 52 -2.96 9.54 3.23
CA LEU A 52 -3.48 8.94 4.44
C LEU A 52 -3.77 10.00 5.49
N PHE A 53 -4.82 9.78 6.26
CA PHE A 53 -5.21 10.73 7.30
C PHE A 53 -5.05 10.08 8.69
N PRO A 54 -4.01 10.41 9.43
CA PRO A 54 -3.78 9.82 10.77
C PRO A 54 -5.06 9.79 11.62
N GLY A 55 -5.41 8.59 12.10
CA GLY A 55 -6.61 8.43 12.91
C GLY A 55 -7.62 7.54 12.20
N GLN A 56 -7.52 7.49 10.87
CA GLN A 56 -8.42 6.68 10.08
C GLN A 56 -7.96 5.22 10.08
N PRO A 57 -8.87 4.29 9.86
CA PRO A 57 -8.55 2.84 9.83
C PRO A 57 -7.22 2.55 9.15
N ALA A 58 -7.12 2.93 7.87
CA ALA A 58 -5.90 2.71 7.11
C ALA A 58 -4.70 3.29 7.87
N ALA A 59 -4.99 4.01 8.95
CA ALA A 59 -3.95 4.61 9.76
C ALA A 59 -4.02 4.08 11.18
N GLU A 60 -5.06 3.32 11.47
CA GLU A 60 -5.26 2.74 12.78
C GLU A 60 -4.55 1.39 12.87
N SER A 61 -4.24 0.84 11.71
CA SER A 61 -3.55 -0.45 11.65
C SER A 61 -2.39 -0.50 12.64
N GLY A 62 -1.75 0.64 12.86
CA GLY A 62 -0.64 0.71 13.79
C GLY A 62 0.53 1.50 13.21
N LYS A 63 0.92 1.16 11.99
CA LYS A 63 2.03 1.84 11.32
C LYS A 63 1.83 1.87 9.81
N ILE A 64 0.97 2.76 9.36
CA ILE A 64 0.68 2.88 7.93
C ILE A 64 1.11 4.25 7.42
N ASP A 65 1.36 4.35 6.12
CA ASP A 65 1.78 5.63 5.53
C ASP A 65 1.83 5.51 4.01
N VAL A 66 1.81 6.66 3.34
CA VAL A 66 1.86 6.68 1.89
C VAL A 66 3.01 5.83 1.37
N GLY A 67 2.67 4.73 0.70
CA GLY A 67 3.70 3.83 0.16
C GLY A 67 3.25 2.38 0.27
N ASP A 68 2.39 2.09 1.24
CA ASP A 68 1.91 0.74 1.45
C ASP A 68 1.44 0.14 0.12
N VAL A 69 2.16 -0.87 -0.37
CA VAL A 69 1.81 -1.51 -1.62
C VAL A 69 0.77 -2.60 -1.40
N ILE A 70 -0.40 -2.42 -2.01
CA ILE A 70 -1.47 -3.40 -1.87
C ILE A 70 -1.24 -4.58 -2.81
N LEU A 71 -1.14 -5.78 -2.25
CA LEU A 71 -0.91 -6.97 -3.06
C LEU A 71 -2.24 -7.58 -3.50
N LYS A 72 -3.08 -7.92 -2.54
CA LYS A 72 -4.37 -8.52 -2.84
C LYS A 72 -5.47 -7.88 -2.00
N VAL A 73 -6.71 -8.16 -2.36
CA VAL A 73 -7.86 -7.61 -1.64
C VAL A 73 -9.02 -8.61 -1.65
N ASN A 74 -9.08 -9.45 -0.62
CA ASN A 74 -10.14 -10.44 -0.53
C ASN A 74 -9.87 -11.60 -1.48
N GLY A 75 -8.64 -11.69 -1.97
CA GLY A 75 -8.27 -12.75 -2.90
C GLY A 75 -8.60 -12.37 -4.34
N ALA A 76 -8.29 -11.14 -4.70
CA ALA A 76 -8.57 -10.66 -6.05
C ALA A 76 -7.32 -10.02 -6.66
N PRO A 77 -6.44 -10.82 -7.21
CA PRO A 77 -5.18 -10.32 -7.85
C PRO A 77 -5.46 -9.24 -8.88
N LEU A 78 -4.74 -8.13 -8.76
CA LEU A 78 -4.90 -7.02 -9.70
C LEU A 78 -3.75 -6.97 -10.69
N LYS A 79 -3.26 -8.16 -11.08
CA LYS A 79 -2.16 -8.24 -12.02
C LYS A 79 -2.68 -8.29 -13.45
N GLY A 80 -2.17 -7.41 -14.30
CA GLY A 80 -2.60 -7.36 -15.69
C GLY A 80 -3.77 -6.41 -15.87
N LEU A 81 -4.75 -6.50 -14.98
CA LEU A 81 -5.93 -5.64 -15.05
C LEU A 81 -5.51 -4.17 -15.14
N SER A 82 -6.48 -3.30 -15.43
CA SER A 82 -6.21 -1.88 -15.53
C SER A 82 -6.79 -1.13 -14.34
N GLN A 83 -6.43 0.15 -14.21
CA GLN A 83 -6.92 0.97 -13.12
C GLN A 83 -8.41 0.74 -12.89
N GLN A 84 -9.09 0.23 -13.91
CA GLN A 84 -10.52 -0.04 -13.81
C GLN A 84 -10.80 -0.97 -12.65
N ASP A 85 -10.23 -2.16 -12.69
CA ASP A 85 -10.43 -3.15 -11.64
C ASP A 85 -9.84 -2.66 -10.32
N VAL A 86 -9.02 -1.61 -10.39
CA VAL A 86 -8.40 -1.06 -9.19
C VAL A 86 -9.36 -0.11 -8.48
N ILE A 87 -9.97 0.79 -9.24
CA ILE A 87 -10.91 1.74 -8.67
C ILE A 87 -12.16 1.02 -8.17
N SER A 88 -12.48 -0.11 -8.81
CA SER A 88 -13.65 -0.89 -8.43
C SER A 88 -13.29 -1.86 -7.31
N ALA A 89 -12.06 -2.33 -7.32
CA ALA A 89 -11.61 -3.28 -6.30
C ALA A 89 -11.83 -2.70 -4.90
N LEU A 90 -11.53 -1.42 -4.75
CA LEU A 90 -11.70 -0.75 -3.47
C LEU A 90 -13.19 -0.63 -3.12
N ARG A 91 -14.03 -0.69 -4.14
CA ARG A 91 -15.47 -0.59 -3.93
C ARG A 91 -16.01 -1.86 -3.27
N GLY A 92 -15.29 -2.35 -2.26
CA GLY A 92 -15.70 -3.55 -1.55
C GLY A 92 -17.20 -3.53 -1.27
N THR A 93 -17.85 -4.68 -1.42
CA THR A 93 -19.28 -4.79 -1.17
C THR A 93 -19.55 -5.39 0.20
N ALA A 94 -18.98 -6.57 0.45
CA ALA A 94 -19.17 -7.25 1.73
C ALA A 94 -18.74 -6.34 2.88
N PRO A 95 -19.22 -6.62 4.06
CA PRO A 95 -18.88 -5.81 5.27
C PRO A 95 -17.40 -5.90 5.64
N GLU A 96 -16.90 -7.13 5.77
CA GLU A 96 -15.50 -7.34 6.11
C GLU A 96 -14.67 -7.60 4.86
N VAL A 97 -13.68 -6.76 4.63
CA VAL A 97 -12.82 -6.90 3.45
C VAL A 97 -11.35 -6.96 3.87
N SER A 98 -10.67 -8.02 3.44
CA SER A 98 -9.25 -8.19 3.77
C SER A 98 -8.37 -7.49 2.74
N LEU A 99 -7.42 -6.70 3.21
CA LEU A 99 -6.53 -5.97 2.31
C LEU A 99 -5.06 -6.26 2.65
N LEU A 100 -4.38 -6.95 1.73
CA LEU A 100 -2.98 -7.29 1.94
C LEU A 100 -2.11 -6.11 1.53
N LEU A 101 -1.12 -5.77 2.36
CA LEU A 101 -0.23 -4.65 2.05
C LEU A 101 1.22 -5.03 2.35
N CYS A 102 2.13 -4.14 1.98
CA CYS A 102 3.55 -4.37 2.21
C CYS A 102 4.27 -3.05 2.48
N ARG A 103 5.03 -3.01 3.55
CA ARG A 103 5.77 -1.80 3.91
C ARG A 103 7.27 -2.06 3.90
N PRO A 104 7.89 -1.98 2.75
CA PRO A 104 9.35 -2.20 2.61
C PRO A 104 10.16 -1.29 3.54
N ALA A 105 11.45 -1.59 3.69
CA ALA A 105 12.30 -0.79 4.55
C ALA A 105 13.01 0.30 3.75
N PRO A 106 13.42 1.36 4.40
CA PRO A 106 14.12 2.49 3.73
C PRO A 106 15.10 2.01 2.67
N GLY A 107 15.09 2.67 1.52
CA GLY A 107 16.00 2.31 0.44
C GLY A 107 15.23 1.74 -0.75
N VAL A 108 13.98 1.35 -0.51
CA VAL A 108 13.15 0.80 -1.57
C VAL A 108 12.35 1.89 -2.26
N LEU A 109 11.81 2.81 -1.48
CA LEU A 109 11.03 3.91 -2.04
C LEU A 109 11.64 5.26 -1.65
N PRO A 110 12.65 5.68 -2.35
CA PRO A 110 13.34 6.98 -2.09
C PRO A 110 12.35 8.14 -1.96
N GLU A 111 12.50 8.93 -0.90
CA GLU A 111 11.62 10.07 -0.69
C GLU A 111 11.98 11.21 -1.62
N ILE A 112 11.16 12.26 -1.62
CA ILE A 112 11.41 13.42 -2.47
C ILE A 112 11.95 14.59 -1.65
N ASP A 113 12.96 15.26 -2.19
CA ASP A 113 13.56 16.41 -1.51
C ASP A 113 13.14 17.72 -2.17
N THR A 114 12.49 18.58 -1.40
CA THR A 114 12.03 19.86 -1.93
C THR A 114 13.22 20.80 -2.13
N PRO A 115 13.11 21.74 -3.03
CA PRO A 115 14.20 22.72 -3.32
C PRO A 115 14.37 23.73 -2.18
N GLY A 116 15.60 24.19 -1.98
CA GLY A 116 15.88 25.17 -0.93
C GLY A 116 16.15 24.47 0.39
N ASN A 117 16.82 25.18 1.29
CA ASN A 117 17.14 24.62 2.61
C ASN A 117 15.88 24.12 3.29
N SER A 118 14.79 24.88 3.16
CA SER A 118 13.52 24.51 3.77
C SER A 118 13.11 23.10 3.33
N SER A 119 12.24 22.47 4.11
CA SER A 119 11.78 21.13 3.80
C SER A 119 10.28 21.13 3.55
N THR A 1 11.02 -6.46 29.39
CA THR A 1 10.68 -5.51 28.29
C THR A 1 11.75 -4.44 28.18
N PRO A 2 12.96 -4.84 27.92
CA PRO A 2 14.11 -3.91 27.78
C PRO A 2 14.10 -3.14 26.46
N HIS A 3 14.53 -1.89 26.50
CA HIS A 3 14.57 -1.07 25.31
C HIS A 3 13.21 -1.10 24.60
N VAL A 4 13.10 -0.32 23.52
CA VAL A 4 11.86 -0.26 22.76
C VAL A 4 12.04 -0.92 21.39
N LYS A 5 11.49 -2.12 21.24
CA LYS A 5 11.60 -2.84 19.97
C LYS A 5 10.55 -2.34 18.98
N ASP A 6 10.94 -2.28 17.71
CA ASP A 6 10.04 -1.81 16.67
C ASP A 6 9.48 -2.99 15.88
N TYR A 7 10.30 -3.53 14.97
CA TYR A 7 9.89 -4.66 14.16
C TYR A 7 10.85 -5.83 14.33
N SER A 8 10.53 -6.96 13.70
CA SER A 8 11.37 -8.14 13.79
C SER A 8 11.39 -8.88 12.45
N PHE A 9 10.78 -8.27 11.44
CA PHE A 9 10.75 -8.88 10.11
C PHE A 9 10.73 -7.80 9.03
N VAL A 10 11.28 -6.64 9.36
CA VAL A 10 11.33 -5.54 8.40
C VAL A 10 12.37 -5.81 7.32
N THR A 11 11.92 -6.43 6.22
CA THR A 11 12.82 -6.75 5.12
C THR A 11 12.04 -6.81 3.82
N GLU A 12 12.76 -7.00 2.71
CA GLU A 12 12.11 -7.09 1.41
C GLU A 12 10.89 -8.00 1.48
N ASP A 13 10.80 -8.76 2.56
CA ASP A 13 9.69 -9.67 2.76
C ASP A 13 8.58 -8.99 3.57
N ASN A 14 8.65 -7.67 3.64
CA ASN A 14 7.67 -6.90 4.39
C ASN A 14 6.27 -7.10 3.80
N THR A 15 5.38 -7.67 4.59
CA THR A 15 4.01 -7.91 4.12
C THR A 15 3.05 -7.95 5.30
N PHE A 16 1.88 -7.34 5.13
CA PHE A 16 0.87 -7.32 6.18
C PHE A 16 -0.52 -7.08 5.59
N GLU A 17 -1.53 -7.56 6.29
CA GLU A 17 -2.91 -7.40 5.83
C GLU A 17 -3.81 -6.94 6.95
N VAL A 18 -4.79 -6.10 6.61
CA VAL A 18 -5.72 -5.58 7.60
C VAL A 18 -7.14 -5.56 7.02
N LYS A 19 -8.11 -5.91 7.85
CA LYS A 19 -9.50 -5.94 7.41
C LYS A 19 -10.26 -4.71 7.91
N LEU A 20 -10.94 -4.03 6.99
CA LEU A 20 -11.71 -2.84 7.33
C LEU A 20 -13.20 -3.10 7.12
N PHE A 21 -14.03 -2.26 7.73
CA PHE A 21 -15.47 -2.42 7.59
C PHE A 21 -16.07 -1.28 6.78
N LYS A 22 -17.11 -1.59 6.01
CA LYS A 22 -17.76 -0.58 5.16
C LYS A 22 -18.22 0.60 6.01
N ASN A 23 -18.14 1.79 5.41
CA ASN A 23 -18.56 3.01 6.12
C ASN A 23 -18.79 4.14 5.13
N SER A 24 -20.02 4.63 5.07
CA SER A 24 -20.36 5.71 4.15
C SER A 24 -19.68 7.01 4.58
N SER A 25 -18.50 7.27 4.03
CA SER A 25 -17.77 8.48 4.36
C SER A 25 -16.58 8.67 3.41
N GLY A 26 -16.03 9.87 3.39
CA GLY A 26 -14.90 10.17 2.52
C GLY A 26 -13.65 9.44 2.99
N LEU A 27 -13.08 8.62 2.10
CA LEU A 27 -11.87 7.87 2.44
C LEU A 27 -10.83 8.79 3.07
N GLY A 28 -10.08 8.26 4.02
CA GLY A 28 -9.05 9.04 4.70
C GLY A 28 -7.74 9.03 3.90
N PHE A 29 -7.70 8.18 2.89
CA PHE A 29 -6.50 8.08 2.05
C PHE A 29 -6.87 8.07 0.58
N SER A 30 -5.88 8.37 -0.26
CA SER A 30 -6.09 8.38 -1.70
C SER A 30 -5.07 7.48 -2.39
N PHE A 31 -5.55 6.45 -3.08
CA PHE A 31 -4.67 5.52 -3.76
C PHE A 31 -4.37 5.99 -5.18
N SER A 32 -3.28 5.49 -5.74
CA SER A 32 -2.89 5.86 -7.10
C SER A 32 -2.00 4.78 -7.71
N ARG A 33 -1.99 4.72 -9.04
CA ARG A 33 -1.18 3.74 -9.74
C ARG A 33 0.14 4.36 -10.20
N GLU A 34 1.25 3.81 -9.73
CA GLU A 34 2.56 4.32 -10.10
C GLU A 34 3.35 3.27 -10.87
N ASP A 35 4.33 3.72 -11.65
CA ASP A 35 5.15 2.81 -12.44
C ASP A 35 6.62 3.19 -12.33
N ASN A 36 7.47 2.47 -13.07
CA ASN A 36 8.90 2.74 -13.04
C ASN A 36 9.36 3.08 -11.63
N LEU A 37 8.73 2.46 -10.64
CA LEU A 37 9.08 2.72 -9.25
C LEU A 37 9.71 1.48 -8.62
N ILE A 38 9.42 0.32 -9.20
CA ILE A 38 9.97 -0.93 -8.68
C ILE A 38 9.80 -2.06 -9.70
N PRO A 39 10.63 -2.07 -10.71
CA PRO A 39 10.59 -3.12 -11.77
C PRO A 39 11.28 -4.41 -11.34
N GLU A 40 11.94 -4.36 -10.18
CA GLU A 40 12.64 -5.53 -9.67
C GLU A 40 11.74 -6.76 -9.71
N GLN A 41 10.43 -6.53 -9.67
CA GLN A 41 9.48 -7.63 -9.71
C GLN A 41 9.01 -7.90 -11.13
N ILE A 42 7.96 -8.69 -11.28
CA ILE A 42 7.42 -9.01 -12.59
C ILE A 42 7.44 -7.77 -13.49
N ASN A 43 7.56 -8.00 -14.79
CA ASN A 43 7.58 -6.91 -15.75
C ASN A 43 6.24 -6.18 -15.78
N GLY A 44 5.92 -5.50 -14.68
CA GLY A 44 4.67 -4.76 -14.59
C GLY A 44 4.76 -3.64 -13.55
N SER A 45 3.61 -3.15 -13.11
CA SER A 45 3.58 -2.08 -12.12
C SER A 45 2.66 -2.45 -10.96
N ILE A 46 2.61 -1.59 -9.95
CA ILE A 46 1.78 -1.84 -8.78
C ILE A 46 1.14 -0.54 -8.30
N VAL A 47 0.12 -0.67 -7.46
CA VAL A 47 -0.57 0.49 -6.92
C VAL A 47 -0.24 0.65 -5.45
N ARG A 48 -0.15 1.90 -5.00
CA ARG A 48 0.16 2.16 -3.60
C ARG A 48 -0.59 3.39 -3.09
N VAL A 49 -0.63 3.55 -1.77
CA VAL A 49 -1.33 4.68 -1.17
C VAL A 49 -0.67 5.99 -1.57
N LYS A 50 -1.48 7.03 -1.72
CA LYS A 50 -0.95 8.34 -2.12
C LYS A 50 -1.22 9.38 -1.03
N LYS A 51 -2.08 9.04 -0.09
CA LYS A 51 -2.41 9.97 1.00
C LYS A 51 -2.98 9.22 2.19
N LEU A 52 -2.75 9.76 3.39
CA LEU A 52 -3.26 9.14 4.61
C LEU A 52 -3.42 10.18 5.71
N PHE A 53 -4.42 9.98 6.56
CA PHE A 53 -4.68 10.91 7.66
C PHE A 53 -4.52 10.19 9.00
N PRO A 54 -4.10 10.90 10.03
CA PRO A 54 -3.91 10.29 11.38
C PRO A 54 -5.23 10.04 12.09
N GLY A 55 -5.48 8.78 12.46
CA GLY A 55 -6.71 8.44 13.15
C GLY A 55 -7.66 7.64 12.25
N GLN A 56 -7.33 7.57 10.96
CA GLN A 56 -8.15 6.85 10.02
C GLN A 56 -7.78 5.37 10.00
N PRO A 57 -8.72 4.50 9.68
CA PRO A 57 -8.48 3.03 9.63
C PRO A 57 -7.12 2.70 9.01
N ALA A 58 -6.96 3.03 7.73
CA ALA A 58 -5.69 2.77 7.04
C ALA A 58 -4.53 3.33 7.86
N ALA A 59 -4.86 4.10 8.89
CA ALA A 59 -3.84 4.69 9.75
C ALA A 59 -4.01 4.21 11.18
N GLU A 60 -5.13 3.52 11.43
CA GLU A 60 -5.42 3.00 12.75
C GLU A 60 -4.72 1.66 12.95
N SER A 61 -4.33 1.04 11.85
CA SER A 61 -3.66 -0.25 11.90
C SER A 61 -2.57 -0.23 12.97
N GLY A 62 -1.78 0.83 13.00
CA GLY A 62 -0.70 0.94 13.98
C GLY A 62 0.56 1.55 13.37
N LYS A 63 0.95 1.05 12.20
CA LYS A 63 2.15 1.54 11.54
C LYS A 63 1.95 1.62 10.03
N ILE A 64 1.15 2.59 9.59
CA ILE A 64 0.89 2.76 8.16
C ILE A 64 1.37 4.14 7.70
N ASP A 65 1.62 4.27 6.41
CA ASP A 65 2.08 5.55 5.86
C ASP A 65 1.82 5.61 4.36
N VAL A 66 2.04 6.79 3.77
CA VAL A 66 1.83 6.97 2.34
C VAL A 66 2.92 6.26 1.54
N GLY A 67 2.58 5.10 0.99
CA GLY A 67 3.52 4.32 0.21
C GLY A 67 3.12 2.85 0.16
N ASP A 68 2.34 2.44 1.15
CA ASP A 68 1.89 1.05 1.22
C ASP A 68 1.50 0.55 -0.18
N VAL A 69 2.06 -0.60 -0.57
CA VAL A 69 1.76 -1.17 -1.87
C VAL A 69 0.68 -2.23 -1.76
N ILE A 70 -0.48 -1.98 -2.36
CA ILE A 70 -1.58 -2.94 -2.32
C ILE A 70 -1.35 -4.05 -3.33
N LEU A 71 -1.70 -5.28 -2.95
CA LEU A 71 -1.51 -6.42 -3.85
C LEU A 71 -2.86 -7.09 -4.15
N LYS A 72 -3.55 -7.53 -3.11
CA LYS A 72 -4.83 -8.19 -3.28
C LYS A 72 -5.91 -7.50 -2.44
N VAL A 73 -7.14 -7.95 -2.61
CA VAL A 73 -8.27 -7.39 -1.87
C VAL A 73 -9.33 -8.45 -1.63
N ASN A 74 -9.21 -9.17 -0.51
CA ASN A 74 -10.17 -10.21 -0.17
C ASN A 74 -9.89 -11.47 -0.97
N GLY A 75 -8.90 -11.40 -1.85
CA GLY A 75 -8.53 -12.54 -2.67
C GLY A 75 -8.66 -12.20 -4.15
N ALA A 76 -8.40 -10.95 -4.50
CA ALA A 76 -8.50 -10.51 -5.89
C ALA A 76 -7.21 -9.80 -6.31
N PRO A 77 -6.20 -10.55 -6.64
CA PRO A 77 -4.89 -10.00 -7.07
C PRO A 77 -5.03 -9.01 -8.23
N LEU A 78 -4.42 -7.84 -8.08
CA LEU A 78 -4.49 -6.81 -9.10
C LEU A 78 -3.36 -6.98 -10.10
N LYS A 79 -2.96 -8.22 -10.34
CA LYS A 79 -1.88 -8.50 -11.28
C LYS A 79 -2.44 -8.86 -12.65
N GLY A 80 -2.11 -8.04 -13.65
CA GLY A 80 -2.59 -8.28 -15.00
C GLY A 80 -3.84 -7.46 -15.30
N LEU A 81 -4.29 -6.70 -14.31
CA LEU A 81 -5.48 -5.88 -14.49
C LEU A 81 -5.10 -4.42 -14.69
N SER A 82 -6.09 -3.60 -15.05
CA SER A 82 -5.84 -2.17 -15.27
C SER A 82 -6.41 -1.34 -14.12
N GLN A 83 -6.22 -0.03 -14.21
CA GLN A 83 -6.71 0.87 -13.17
C GLN A 83 -8.18 0.58 -12.86
N GLN A 84 -8.89 0.03 -13.84
CA GLN A 84 -10.29 -0.29 -13.67
C GLN A 84 -10.50 -1.14 -12.42
N ASP A 85 -9.83 -2.28 -12.37
CA ASP A 85 -9.96 -3.19 -11.24
C ASP A 85 -9.34 -2.59 -9.98
N VAL A 86 -8.56 -1.54 -10.13
CA VAL A 86 -7.92 -0.90 -8.98
C VAL A 86 -8.94 -0.06 -8.22
N ILE A 87 -9.64 0.80 -8.95
CA ILE A 87 -10.65 1.66 -8.32
C ILE A 87 -11.82 0.83 -7.82
N SER A 88 -12.17 -0.22 -8.56
CA SER A 88 -13.28 -1.08 -8.18
C SER A 88 -12.89 -1.96 -7.00
N ALA A 89 -11.76 -2.67 -7.14
CA ALA A 89 -11.30 -3.55 -6.08
C ALA A 89 -11.36 -2.85 -4.73
N LEU A 90 -11.03 -1.55 -4.72
CA LEU A 90 -11.05 -0.77 -3.49
C LEU A 90 -12.45 -0.79 -2.88
N ARG A 91 -13.47 -0.76 -3.74
CA ARG A 91 -14.85 -0.78 -3.27
C ARG A 91 -15.10 -1.98 -2.37
N GLY A 92 -14.53 -3.13 -2.75
CA GLY A 92 -14.69 -4.34 -1.97
C GLY A 92 -16.12 -4.88 -2.10
N THR A 93 -16.34 -6.08 -1.59
CA THR A 93 -17.66 -6.70 -1.65
C THR A 93 -18.29 -6.74 -0.27
N ALA A 94 -18.27 -7.90 0.36
CA ALA A 94 -18.85 -8.06 1.68
C ALA A 94 -18.30 -7.00 2.64
N PRO A 95 -19.01 -6.71 3.70
CA PRO A 95 -18.56 -5.70 4.70
C PRO A 95 -17.09 -5.86 5.05
N GLU A 96 -16.74 -7.05 5.54
CA GLU A 96 -15.36 -7.34 5.91
C GLU A 96 -14.49 -7.48 4.66
N VAL A 97 -13.57 -6.55 4.49
CA VAL A 97 -12.68 -6.57 3.33
C VAL A 97 -11.23 -6.68 3.77
N SER A 98 -10.60 -7.82 3.47
CA SER A 98 -9.20 -8.02 3.83
C SER A 98 -8.29 -7.49 2.74
N LEU A 99 -7.54 -6.44 3.05
CA LEU A 99 -6.63 -5.84 2.08
C LEU A 99 -5.19 -6.23 2.36
N LEU A 100 -4.51 -6.70 1.31
CA LEU A 100 -3.11 -7.10 1.44
C LEU A 100 -2.21 -5.91 1.15
N LEU A 101 -1.27 -5.63 2.05
CA LEU A 101 -0.38 -4.49 1.86
C LEU A 101 1.06 -4.89 2.12
N CYS A 102 1.99 -3.99 1.79
CA CYS A 102 3.40 -4.26 2.00
C CYS A 102 4.14 -2.99 2.41
N ARG A 103 4.95 -3.11 3.47
CA ARG A 103 5.71 -1.97 3.96
C ARG A 103 7.20 -2.24 3.88
N PRO A 104 7.80 -2.01 2.73
CA PRO A 104 9.26 -2.24 2.52
C PRO A 104 10.11 -1.46 3.51
N ALA A 105 11.43 -1.65 3.43
CA ALA A 105 12.35 -0.96 4.33
C ALA A 105 12.22 0.55 4.16
N PRO A 106 12.69 1.30 5.12
CA PRO A 106 12.63 2.79 5.09
C PRO A 106 13.57 3.38 4.03
N GLY A 107 13.00 3.90 2.96
CA GLY A 107 13.78 4.49 1.89
C GLY A 107 14.32 3.42 0.95
N VAL A 108 13.42 2.64 0.36
CA VAL A 108 13.83 1.59 -0.56
C VAL A 108 13.62 2.03 -2.01
N LEU A 109 12.37 2.35 -2.35
CA LEU A 109 12.05 2.79 -3.71
C LEU A 109 12.27 4.29 -3.85
N PRO A 110 12.44 4.76 -5.05
CA PRO A 110 12.66 6.21 -5.34
C PRO A 110 11.50 7.07 -4.83
N GLU A 111 11.58 8.37 -5.13
CA GLU A 111 10.54 9.30 -4.70
C GLU A 111 10.47 10.50 -5.63
N ILE A 112 9.39 11.27 -5.52
CA ILE A 112 9.22 12.46 -6.36
C ILE A 112 9.89 13.67 -5.73
N ASP A 113 10.55 14.47 -6.55
CA ASP A 113 11.24 15.65 -6.06
C ASP A 113 10.37 16.89 -6.23
N THR A 114 9.75 17.33 -5.15
CA THR A 114 8.89 18.52 -5.20
C THR A 114 9.68 19.72 -5.71
N PRO A 115 9.02 20.66 -6.35
CA PRO A 115 9.68 21.88 -6.88
C PRO A 115 10.33 22.72 -5.77
N GLY A 116 11.63 22.94 -5.90
CA GLY A 116 12.36 23.72 -4.91
C GLY A 116 12.67 25.13 -5.43
N ASN A 117 12.19 26.14 -4.71
CA ASN A 117 12.42 27.53 -5.10
C ASN A 117 13.90 27.79 -5.29
N SER A 118 14.73 26.87 -4.80
CA SER A 118 16.18 27.01 -4.92
C SER A 118 16.82 25.69 -5.35
N SER A 119 18.01 25.77 -5.93
CA SER A 119 18.71 24.57 -6.38
C SER A 119 18.58 23.45 -5.35
N THR A 1 21.98 -14.85 3.16
CA THR A 1 21.46 -15.93 4.05
C THR A 1 21.58 -15.47 5.50
N PRO A 2 20.94 -14.39 5.85
CA PRO A 2 20.97 -13.84 7.23
C PRO A 2 20.15 -14.68 8.21
N HIS A 3 20.82 -15.21 9.23
CA HIS A 3 20.14 -16.03 10.21
C HIS A 3 19.63 -15.18 11.37
N VAL A 4 20.22 -14.01 11.53
CA VAL A 4 19.83 -13.11 12.60
C VAL A 4 18.45 -12.52 12.32
N LYS A 5 17.49 -12.80 13.22
CA LYS A 5 16.14 -12.29 13.05
C LYS A 5 15.81 -11.27 14.14
N ASP A 6 15.86 -10.00 13.78
CA ASP A 6 15.57 -8.93 14.73
C ASP A 6 14.06 -8.82 14.96
N TYR A 7 13.33 -8.50 13.89
CA TYR A 7 11.88 -8.37 13.99
C TYR A 7 11.20 -9.06 12.81
N SER A 8 9.98 -9.53 13.04
CA SER A 8 9.23 -10.21 11.99
C SER A 8 8.51 -9.21 11.10
N PHE A 9 8.57 -7.93 11.48
CA PHE A 9 7.91 -6.89 10.71
C PHE A 9 8.89 -6.27 9.70
N VAL A 10 10.11 -6.04 10.15
CA VAL A 10 11.13 -5.46 9.29
C VAL A 10 11.98 -6.55 8.66
N THR A 11 11.50 -7.11 7.56
CA THR A 11 12.23 -8.17 6.87
C THR A 11 12.04 -8.07 5.36
N GLU A 12 13.03 -8.57 4.62
CA GLU A 12 12.97 -8.53 3.16
C GLU A 12 11.58 -8.92 2.67
N ASP A 13 10.81 -9.58 3.53
CA ASP A 13 9.47 -10.00 3.17
C ASP A 13 8.43 -9.05 3.75
N ASN A 14 8.84 -7.80 3.98
CA ASN A 14 7.93 -6.80 4.53
C ASN A 14 6.53 -6.98 3.95
N THR A 15 5.66 -7.62 4.72
CA THR A 15 4.29 -7.86 4.27
C THR A 15 3.35 -7.98 5.47
N PHE A 16 2.17 -7.38 5.37
CA PHE A 16 1.20 -7.43 6.45
C PHE A 16 -0.22 -7.29 5.91
N GLU A 17 -1.17 -7.92 6.59
CA GLU A 17 -2.57 -7.86 6.19
C GLU A 17 -3.41 -7.24 7.29
N VAL A 18 -4.49 -6.56 6.89
CA VAL A 18 -5.36 -5.92 7.86
C VAL A 18 -6.79 -5.82 7.32
N LYS A 19 -7.75 -6.18 8.16
CA LYS A 19 -9.15 -6.14 7.76
C LYS A 19 -9.84 -4.91 8.36
N LEU A 20 -10.59 -4.20 7.52
CA LEU A 20 -11.29 -3.01 7.98
C LEU A 20 -12.78 -3.14 7.75
N PHE A 21 -13.55 -2.25 8.38
CA PHE A 21 -15.00 -2.27 8.25
C PHE A 21 -15.52 -0.87 7.91
N LYS A 22 -15.91 -0.67 6.66
CA LYS A 22 -16.41 0.63 6.23
C LYS A 22 -17.77 0.48 5.54
N ASN A 23 -18.70 1.37 5.88
CA ASN A 23 -20.03 1.34 5.29
C ASN A 23 -20.00 1.94 3.89
N SER A 24 -21.17 2.05 3.27
CA SER A 24 -21.27 2.61 1.93
C SER A 24 -20.88 4.09 1.94
N SER A 25 -19.61 4.37 1.68
CA SER A 25 -19.12 5.75 1.65
C SER A 25 -17.74 5.81 1.02
N GLY A 26 -17.02 6.89 1.30
CA GLY A 26 -15.68 7.08 0.75
C GLY A 26 -14.61 6.65 1.75
N LEU A 27 -13.37 6.61 1.30
CA LEU A 27 -12.26 6.22 2.17
C LEU A 27 -11.57 7.45 2.75
N GLY A 28 -10.60 7.22 3.63
CA GLY A 28 -9.87 8.32 4.23
C GLY A 28 -8.51 8.51 3.56
N PHE A 29 -8.24 7.70 2.55
CA PHE A 29 -6.98 7.78 1.82
C PHE A 29 -7.23 7.81 0.31
N SER A 30 -6.26 8.33 -0.42
CA SER A 30 -6.37 8.40 -1.87
C SER A 30 -5.33 7.49 -2.51
N PHE A 31 -5.79 6.47 -3.23
CA PHE A 31 -4.88 5.53 -3.88
C PHE A 31 -4.61 5.95 -5.31
N SER A 32 -3.48 5.50 -5.85
CA SER A 32 -3.11 5.83 -7.22
C SER A 32 -2.15 4.80 -7.78
N ARG A 33 -2.29 4.49 -9.06
CA ARG A 33 -1.42 3.52 -9.71
C ARG A 33 -0.68 4.14 -10.89
N GLU A 34 0.64 4.21 -10.79
CA GLU A 34 1.45 4.80 -11.85
C GLU A 34 2.70 3.96 -12.10
N ASP A 35 3.47 4.34 -13.11
CA ASP A 35 4.70 3.62 -13.43
C ASP A 35 5.86 4.60 -13.66
N ASN A 36 6.92 4.41 -12.88
CA ASN A 36 8.09 5.28 -13.00
C ASN A 36 9.07 5.03 -11.86
N LEU A 37 8.84 3.93 -11.14
CA LEU A 37 9.69 3.58 -10.01
C LEU A 37 10.45 2.29 -10.31
N ILE A 38 9.70 1.22 -10.54
CA ILE A 38 10.32 -0.08 -10.84
C ILE A 38 9.60 -0.76 -12.01
N PRO A 39 9.69 -0.19 -13.18
CA PRO A 39 9.03 -0.77 -14.39
C PRO A 39 9.62 -2.12 -14.78
N GLU A 40 10.75 -2.46 -14.15
CA GLU A 40 11.40 -3.73 -14.42
C GLU A 40 10.86 -4.81 -13.50
N GLN A 41 10.02 -4.40 -12.57
CA GLN A 41 9.41 -5.35 -11.62
C GLN A 41 8.67 -6.45 -12.36
N ILE A 42 7.42 -6.70 -11.96
CA ILE A 42 6.61 -7.72 -12.60
C ILE A 42 5.49 -7.10 -13.40
N ASN A 43 4.94 -7.87 -14.35
CA ASN A 43 3.84 -7.38 -15.17
C ASN A 43 4.12 -5.97 -15.65
N GLY A 44 3.28 -5.03 -15.21
CA GLY A 44 3.43 -3.64 -15.60
C GLY A 44 3.75 -2.77 -14.38
N SER A 45 2.71 -2.41 -13.64
CA SER A 45 2.90 -1.57 -12.45
C SER A 45 2.00 -2.06 -11.32
N ILE A 46 2.08 -1.38 -10.18
CA ILE A 46 1.27 -1.76 -9.02
C ILE A 46 0.54 -0.55 -8.46
N VAL A 47 -0.21 -0.77 -7.38
CA VAL A 47 -0.96 0.32 -6.76
C VAL A 47 -0.33 0.69 -5.43
N ARG A 48 -0.38 1.98 -5.09
CA ARG A 48 0.19 2.46 -3.85
C ARG A 48 -0.63 3.60 -3.27
N VAL A 49 -0.72 3.68 -1.95
CA VAL A 49 -1.48 4.73 -1.30
C VAL A 49 -0.91 6.10 -1.71
N LYS A 50 -1.79 7.09 -1.80
CA LYS A 50 -1.35 8.43 -2.19
C LYS A 50 -1.58 9.42 -1.06
N LYS A 51 -2.38 9.03 -0.08
CA LYS A 51 -2.66 9.92 1.06
C LYS A 51 -3.30 9.15 2.21
N LEU A 52 -2.93 9.52 3.42
CA LEU A 52 -3.47 8.88 4.62
C LEU A 52 -3.55 9.89 5.76
N PHE A 53 -4.65 9.84 6.51
CA PHE A 53 -4.83 10.76 7.63
C PHE A 53 -4.73 9.99 8.95
N PRO A 54 -4.38 10.66 10.02
CA PRO A 54 -4.24 10.03 11.36
C PRO A 54 -5.60 9.72 11.99
N GLY A 55 -5.77 8.49 12.44
CA GLY A 55 -7.02 8.07 13.07
C GLY A 55 -7.86 7.21 12.13
N GLN A 56 -7.47 7.17 10.86
CA GLN A 56 -8.22 6.39 9.87
C GLN A 56 -7.74 4.94 9.88
N PRO A 57 -8.60 4.01 9.53
CA PRO A 57 -8.24 2.57 9.49
C PRO A 57 -6.85 2.33 8.90
N ALA A 58 -6.69 2.74 7.64
CA ALA A 58 -5.41 2.57 6.96
C ALA A 58 -4.27 3.10 7.83
N ALA A 59 -4.62 3.80 8.89
CA ALA A 59 -3.62 4.35 9.80
C ALA A 59 -3.80 3.79 11.20
N GLU A 60 -4.92 3.08 11.40
CA GLU A 60 -5.22 2.49 12.68
C GLU A 60 -4.48 1.18 12.85
N SER A 61 -4.06 0.61 11.72
CA SER A 61 -3.34 -0.66 11.73
C SER A 61 -2.25 -0.64 12.79
N GLY A 62 -1.44 0.43 12.79
CA GLY A 62 -0.36 0.55 13.77
C GLY A 62 0.88 1.19 13.14
N LYS A 63 1.26 0.70 11.97
CA LYS A 63 2.43 1.23 11.28
C LYS A 63 2.18 1.33 9.78
N ILE A 64 1.42 2.34 9.38
CA ILE A 64 1.10 2.54 7.97
C ILE A 64 1.52 3.94 7.52
N ASP A 65 1.66 4.12 6.21
CA ASP A 65 2.04 5.43 5.67
C ASP A 65 1.71 5.51 4.18
N VAL A 66 2.13 6.60 3.55
CA VAL A 66 1.88 6.80 2.13
C VAL A 66 2.91 6.04 1.29
N GLY A 67 2.46 5.00 0.61
CA GLY A 67 3.36 4.20 -0.22
C GLY A 67 3.02 2.71 -0.13
N ASP A 68 2.34 2.32 0.95
CA ASP A 68 1.98 0.94 1.14
C ASP A 68 1.50 0.32 -0.17
N VAL A 69 2.15 -0.75 -0.60
CA VAL A 69 1.79 -1.42 -1.84
C VAL A 69 0.76 -2.52 -1.58
N ILE A 70 -0.44 -2.34 -2.14
CA ILE A 70 -1.51 -3.32 -1.97
C ILE A 70 -1.31 -4.50 -2.92
N LEU A 71 -1.13 -5.69 -2.36
CA LEU A 71 -0.92 -6.87 -3.18
C LEU A 71 -2.26 -7.50 -3.58
N LYS A 72 -3.05 -7.87 -2.57
CA LYS A 72 -4.35 -8.48 -2.82
C LYS A 72 -5.44 -7.80 -1.99
N VAL A 73 -6.69 -8.12 -2.30
CA VAL A 73 -7.81 -7.54 -1.58
C VAL A 73 -8.89 -8.59 -1.36
N ASN A 74 -8.83 -9.28 -0.22
CA ASN A 74 -9.81 -10.31 0.10
C ASN A 74 -9.60 -11.53 -0.77
N GLY A 75 -8.60 -11.46 -1.66
CA GLY A 75 -8.31 -12.58 -2.56
C GLY A 75 -8.47 -12.15 -4.01
N ALA A 76 -8.24 -10.87 -4.28
CA ALA A 76 -8.37 -10.35 -5.63
C ALA A 76 -7.09 -9.66 -6.06
N PRO A 77 -6.13 -10.40 -6.54
CA PRO A 77 -4.82 -9.84 -6.99
C PRO A 77 -4.91 -9.21 -8.38
N LEU A 78 -4.40 -7.99 -8.50
CA LEU A 78 -4.43 -7.28 -9.77
C LEU A 78 -3.40 -7.86 -10.73
N LYS A 79 -3.30 -9.19 -10.76
CA LYS A 79 -2.37 -9.86 -11.64
C LYS A 79 -2.72 -9.60 -13.11
N GLY A 80 -2.08 -8.61 -13.70
CA GLY A 80 -2.34 -8.27 -15.09
C GLY A 80 -3.73 -7.66 -15.27
N LEU A 81 -4.08 -6.75 -14.37
CA LEU A 81 -5.39 -6.11 -14.43
C LEU A 81 -5.23 -4.65 -14.86
N SER A 82 -6.36 -4.00 -15.17
CA SER A 82 -6.34 -2.62 -15.59
C SER A 82 -6.89 -1.71 -14.49
N GLN A 83 -6.58 -0.42 -14.58
CA GLN A 83 -7.04 0.54 -13.58
C GLN A 83 -8.44 0.18 -13.11
N GLN A 84 -9.30 -0.16 -14.07
CA GLN A 84 -10.68 -0.53 -13.76
C GLN A 84 -10.73 -1.42 -12.52
N ASP A 85 -9.87 -2.42 -12.48
CA ASP A 85 -9.83 -3.35 -11.35
C ASP A 85 -9.15 -2.71 -10.15
N VAL A 86 -8.37 -1.66 -10.38
CA VAL A 86 -7.68 -0.98 -9.30
C VAL A 86 -8.64 -0.06 -8.54
N ILE A 87 -9.59 0.50 -9.27
CA ILE A 87 -10.56 1.41 -8.68
C ILE A 87 -11.77 0.65 -8.13
N SER A 88 -12.06 -0.51 -8.72
CA SER A 88 -13.19 -1.31 -8.27
C SER A 88 -12.79 -2.30 -7.19
N ALA A 89 -11.75 -3.08 -7.45
CA ALA A 89 -11.28 -4.06 -6.48
C ALA A 89 -10.98 -3.39 -5.14
N LEU A 90 -10.56 -2.13 -5.20
CA LEU A 90 -10.24 -1.39 -3.98
C LEU A 90 -11.51 -0.84 -3.34
N ARG A 91 -12.61 -0.90 -4.09
CA ARG A 91 -13.89 -0.40 -3.59
C ARG A 91 -14.60 -1.48 -2.77
N GLY A 92 -14.42 -2.73 -3.18
CA GLY A 92 -15.06 -3.85 -2.48
C GLY A 92 -16.55 -3.59 -2.31
N THR A 93 -17.19 -4.40 -1.46
CA THR A 93 -18.61 -4.26 -1.21
C THR A 93 -18.92 -4.36 0.29
N ALA A 94 -18.90 -5.59 0.79
CA ALA A 94 -19.17 -5.83 2.22
C ALA A 94 -18.23 -4.98 3.08
N PRO A 95 -18.61 -4.76 4.31
CA PRO A 95 -17.79 -3.95 5.26
C PRO A 95 -16.46 -4.64 5.60
N GLU A 96 -16.55 -5.87 6.10
CA GLU A 96 -15.35 -6.62 6.45
C GLU A 96 -14.58 -7.01 5.20
N VAL A 97 -13.49 -6.28 4.94
CA VAL A 97 -12.67 -6.57 3.76
C VAL A 97 -11.20 -6.69 4.15
N SER A 98 -10.57 -7.78 3.72
CA SER A 98 -9.16 -8.01 4.03
C SER A 98 -8.28 -7.43 2.92
N LEU A 99 -7.25 -6.70 3.32
CA LEU A 99 -6.34 -6.09 2.35
C LEU A 99 -4.88 -6.39 2.68
N LEU A 100 -4.19 -7.00 1.73
CA LEU A 100 -2.78 -7.33 1.92
C LEU A 100 -1.91 -6.17 1.44
N LEU A 101 -1.00 -5.72 2.29
CA LEU A 101 -0.12 -4.60 1.93
C LEU A 101 1.34 -4.96 2.17
N CYS A 102 2.23 -4.10 1.70
CA CYS A 102 3.65 -4.32 1.88
C CYS A 102 4.35 -3.02 2.25
N ARG A 103 5.24 -3.09 3.23
CA ARG A 103 5.97 -1.91 3.68
C ARG A 103 7.48 -2.17 3.64
N PRO A 104 8.06 -2.13 2.47
CA PRO A 104 9.52 -2.36 2.28
C PRO A 104 10.36 -1.46 3.19
N ALA A 105 11.63 -1.83 3.37
CA ALA A 105 12.52 -1.05 4.21
C ALA A 105 13.27 -0.02 3.36
N PRO A 106 13.73 1.05 3.98
CA PRO A 106 14.47 2.12 3.27
C PRO A 106 15.43 1.57 2.22
N GLY A 107 15.45 2.20 1.05
CA GLY A 107 16.32 1.75 -0.02
C GLY A 107 15.52 1.18 -1.18
N VAL A 108 14.23 0.98 -0.97
CA VAL A 108 13.36 0.43 -2.00
C VAL A 108 12.51 1.54 -2.64
N LEU A 109 12.03 2.45 -1.81
CA LEU A 109 11.22 3.56 -2.29
C LEU A 109 11.72 4.88 -1.73
N PRO A 110 12.88 5.30 -2.15
CA PRO A 110 13.50 6.58 -1.67
C PRO A 110 12.89 7.80 -2.35
N GLU A 111 13.12 8.97 -1.76
CA GLU A 111 12.58 10.21 -2.30
C GLU A 111 13.54 10.78 -3.35
N ILE A 112 12.98 11.48 -4.34
CA ILE A 112 13.79 12.08 -5.39
C ILE A 112 14.08 13.54 -5.07
N ASP A 113 15.31 13.97 -5.33
CA ASP A 113 15.71 15.35 -5.07
C ASP A 113 14.77 16.32 -5.77
N THR A 114 13.90 16.95 -4.99
CA THR A 114 12.94 17.90 -5.57
C THR A 114 13.62 19.25 -5.79
N PRO A 115 13.09 20.04 -6.69
CA PRO A 115 13.65 21.40 -7.00
C PRO A 115 13.46 22.38 -5.84
N GLY A 116 14.54 23.05 -5.47
CA GLY A 116 14.49 24.02 -4.39
C GLY A 116 15.26 25.29 -4.73
N ASN A 117 16.55 25.29 -4.45
CA ASN A 117 17.39 26.46 -4.76
C ASN A 117 18.82 26.03 -5.02
N SER A 118 19.12 24.75 -4.78
CA SER A 118 20.45 24.23 -5.01
C SER A 118 20.39 22.86 -5.69
N SER A 119 21.28 22.65 -6.65
CA SER A 119 21.31 21.38 -7.37
C SER A 119 22.29 21.45 -8.54
N THR A 1 29.34 -6.11 4.15
CA THR A 1 28.73 -7.45 3.98
C THR A 1 27.81 -7.73 5.15
N PRO A 2 26.61 -7.19 5.12
CA PRO A 2 25.61 -7.38 6.19
C PRO A 2 24.84 -8.70 6.05
N HIS A 3 24.43 -9.26 7.17
CA HIS A 3 23.69 -10.52 7.16
C HIS A 3 23.16 -10.86 8.55
N VAL A 4 22.95 -9.83 9.36
CA VAL A 4 22.46 -10.01 10.71
C VAL A 4 21.00 -9.57 10.82
N LYS A 5 20.21 -10.30 11.60
CA LYS A 5 18.81 -9.97 11.79
C LYS A 5 18.65 -8.99 12.94
N ASP A 6 17.73 -8.04 12.77
CA ASP A 6 17.49 -7.04 13.81
C ASP A 6 16.07 -7.17 14.35
N TYR A 7 15.10 -7.10 13.43
CA TYR A 7 13.69 -7.21 13.83
C TYR A 7 13.09 -8.50 13.27
N SER A 8 11.80 -8.68 13.47
CA SER A 8 11.10 -9.87 12.99
C SER A 8 10.03 -9.49 11.97
N PHE A 9 9.97 -8.20 11.63
CA PHE A 9 8.98 -7.73 10.67
C PHE A 9 9.67 -7.06 9.48
N VAL A 10 10.77 -6.38 9.75
CA VAL A 10 11.52 -5.69 8.69
C VAL A 10 12.35 -6.70 7.90
N THR A 11 11.78 -7.21 6.82
CA THR A 11 12.46 -8.19 5.98
C THR A 11 12.16 -7.93 4.51
N GLU A 12 13.05 -8.39 3.64
CA GLU A 12 12.87 -8.22 2.20
C GLU A 12 11.51 -8.75 1.77
N ASP A 13 10.82 -9.43 2.68
CA ASP A 13 9.51 -9.98 2.39
C ASP A 13 8.42 -9.21 3.12
N ASN A 14 8.71 -7.96 3.45
CA ASN A 14 7.74 -7.13 4.15
C ASN A 14 6.35 -7.33 3.58
N THR A 15 5.43 -7.79 4.43
CA THR A 15 4.05 -8.01 4.00
C THR A 15 3.10 -7.94 5.19
N PHE A 16 1.95 -7.30 4.99
CA PHE A 16 0.97 -7.16 6.06
C PHE A 16 -0.42 -6.94 5.48
N GLU A 17 -1.44 -7.42 6.19
CA GLU A 17 -2.81 -7.27 5.74
C GLU A 17 -3.71 -6.75 6.87
N VAL A 18 -4.72 -5.99 6.51
CA VAL A 18 -5.64 -5.44 7.48
C VAL A 18 -7.08 -5.48 6.97
N LYS A 19 -8.01 -5.87 7.85
CA LYS A 19 -9.41 -5.96 7.46
C LYS A 19 -10.20 -4.77 8.01
N LEU A 20 -11.02 -4.18 7.16
CA LEU A 20 -11.83 -3.04 7.57
C LEU A 20 -13.32 -3.40 7.56
N PHE A 21 -14.10 -2.65 8.34
CA PHE A 21 -15.54 -2.91 8.41
C PHE A 21 -16.32 -1.69 7.95
N LYS A 22 -17.19 -1.89 6.97
CA LYS A 22 -18.01 -0.80 6.44
C LYS A 22 -18.41 0.16 7.55
N ASN A 23 -18.23 1.45 7.30
CA ASN A 23 -18.57 2.46 8.30
C ASN A 23 -19.02 3.75 7.61
N SER A 24 -20.00 4.43 8.21
CA SER A 24 -20.51 5.67 7.65
C SER A 24 -19.56 6.82 7.94
N SER A 25 -18.65 7.09 7.01
CA SER A 25 -17.69 8.17 7.18
C SER A 25 -16.95 8.45 5.88
N GLY A 26 -16.04 9.43 5.92
CA GLY A 26 -15.27 9.77 4.73
C GLY A 26 -13.85 9.21 4.82
N LEU A 27 -13.43 8.51 3.77
CA LEU A 27 -12.10 7.93 3.75
C LEU A 27 -11.05 8.98 4.10
N GLY A 28 -9.93 8.52 4.67
CA GLY A 28 -8.86 9.43 5.05
C GLY A 28 -7.66 9.30 4.12
N PHE A 29 -7.59 8.18 3.40
CA PHE A 29 -6.49 7.95 2.48
C PHE A 29 -6.99 7.94 1.04
N SER A 30 -6.07 8.05 0.10
CA SER A 30 -6.41 8.04 -1.31
C SER A 30 -5.44 7.14 -2.08
N PHE A 31 -5.97 6.06 -2.65
CA PHE A 31 -5.14 5.12 -3.40
C PHE A 31 -4.85 5.66 -4.80
N SER A 32 -3.74 5.20 -5.38
CA SER A 32 -3.37 5.63 -6.72
C SER A 32 -2.39 4.65 -7.36
N ARG A 33 -2.38 4.61 -8.68
CA ARG A 33 -1.48 3.71 -9.41
C ARG A 33 -0.25 4.48 -9.91
N GLU A 34 0.89 3.82 -9.93
CA GLU A 34 2.12 4.45 -10.39
C GLU A 34 2.89 3.54 -11.33
N ASP A 35 3.82 4.12 -12.07
CA ASP A 35 4.63 3.35 -13.02
C ASP A 35 6.07 3.80 -12.99
N ASN A 36 6.97 2.95 -13.49
CA ASN A 36 8.39 3.28 -13.52
C ASN A 36 8.87 3.72 -12.13
N LEU A 37 8.18 3.25 -11.10
CA LEU A 37 8.55 3.60 -9.73
C LEU A 37 9.36 2.48 -9.10
N ILE A 38 8.91 1.25 -9.30
CA ILE A 38 9.61 0.09 -8.75
C ILE A 38 9.92 -0.91 -9.86
N PRO A 39 10.98 -0.67 -10.60
CA PRO A 39 11.39 -1.58 -11.71
C PRO A 39 12.10 -2.83 -11.19
N GLU A 40 12.41 -2.82 -9.91
CA GLU A 40 13.09 -3.96 -9.29
C GLU A 40 12.11 -5.11 -9.08
N GLN A 41 10.84 -4.76 -8.82
CA GLN A 41 9.81 -5.77 -8.60
C GLN A 41 9.61 -6.62 -9.85
N ILE A 42 8.43 -7.23 -9.95
CA ILE A 42 8.12 -8.07 -11.11
C ILE A 42 8.07 -7.24 -12.39
N ASN A 43 7.82 -7.91 -13.51
CA ASN A 43 7.74 -7.23 -14.79
C ASN A 43 6.38 -6.55 -14.96
N GLY A 44 6.17 -5.48 -14.20
CA GLY A 44 4.92 -4.74 -14.28
C GLY A 44 4.90 -3.60 -13.27
N SER A 45 3.72 -3.28 -12.76
CA SER A 45 3.58 -2.20 -11.79
C SER A 45 2.68 -2.63 -10.63
N ILE A 46 2.51 -1.75 -9.65
CA ILE A 46 1.68 -2.06 -8.50
C ILE A 46 0.95 -0.80 -8.01
N VAL A 47 -0.03 -1.00 -7.13
CA VAL A 47 -0.79 0.11 -6.59
C VAL A 47 -0.32 0.42 -5.18
N ARG A 48 -0.32 1.70 -4.82
CA ARG A 48 0.11 2.09 -3.48
C ARG A 48 -0.74 3.25 -2.97
N VAL A 49 -0.73 3.43 -1.65
CA VAL A 49 -1.50 4.51 -1.03
C VAL A 49 -0.96 5.85 -1.47
N LYS A 50 -1.86 6.80 -1.70
CA LYS A 50 -1.47 8.14 -2.12
C LYS A 50 -1.65 9.15 -0.98
N LYS A 51 -2.45 8.77 0.01
CA LYS A 51 -2.70 9.65 1.14
C LYS A 51 -2.90 8.83 2.40
N LEU A 52 -2.36 9.32 3.52
CA LEU A 52 -2.50 8.61 4.78
C LEU A 52 -2.37 9.59 5.94
N PHE A 53 -3.42 9.70 6.74
CA PHE A 53 -3.42 10.61 7.88
C PHE A 53 -3.58 9.83 9.18
N PRO A 54 -3.22 10.41 10.29
CA PRO A 54 -3.35 9.76 11.62
C PRO A 54 -4.78 9.80 12.15
N GLY A 55 -5.38 8.63 12.33
CA GLY A 55 -6.75 8.55 12.82
C GLY A 55 -7.58 7.53 12.06
N GLN A 56 -7.57 7.65 10.73
CA GLN A 56 -8.34 6.73 9.89
C GLN A 56 -7.93 5.29 10.18
N PRO A 57 -8.77 4.36 9.83
CA PRO A 57 -8.50 2.91 10.05
C PRO A 57 -7.20 2.48 9.37
N ALA A 58 -7.09 2.79 8.08
CA ALA A 58 -5.90 2.44 7.34
C ALA A 58 -4.66 3.02 8.02
N ALA A 59 -4.90 3.92 8.97
CA ALA A 59 -3.82 4.55 9.71
C ALA A 59 -3.82 4.07 11.16
N GLU A 60 -4.86 3.32 11.52
CA GLU A 60 -4.98 2.80 12.86
C GLU A 60 -4.34 1.43 12.95
N SER A 61 -4.07 0.85 11.79
CA SER A 61 -3.44 -0.47 11.73
C SER A 61 -2.26 -0.55 12.69
N GLY A 62 -1.58 0.57 12.91
CA GLY A 62 -0.45 0.59 13.83
C GLY A 62 0.74 1.34 13.22
N LYS A 63 1.14 0.92 12.02
CA LYS A 63 2.28 1.55 11.36
C LYS A 63 2.07 1.62 9.84
N ILE A 64 1.21 2.53 9.43
CA ILE A 64 0.92 2.70 8.01
C ILE A 64 1.32 4.09 7.54
N ASP A 65 1.76 4.19 6.30
CA ASP A 65 2.19 5.49 5.74
C ASP A 65 2.08 5.49 4.22
N VAL A 66 1.93 6.68 3.66
CA VAL A 66 1.82 6.81 2.21
C VAL A 66 2.89 5.99 1.51
N GLY A 67 2.48 4.93 0.83
CA GLY A 67 3.43 4.07 0.13
C GLY A 67 2.96 2.61 0.16
N ASP A 68 2.23 2.25 1.21
CA ASP A 68 1.74 0.88 1.35
C ASP A 68 1.32 0.33 -0.01
N VAL A 69 2.08 -0.65 -0.50
CA VAL A 69 1.77 -1.25 -1.80
C VAL A 69 0.69 -2.32 -1.65
N ILE A 70 -0.44 -2.10 -2.32
CA ILE A 70 -1.53 -3.06 -2.27
C ILE A 70 -1.35 -4.16 -3.30
N LEU A 71 -1.57 -5.40 -2.88
CA LEU A 71 -1.43 -6.53 -3.79
C LEU A 71 -2.78 -7.15 -4.11
N LYS A 72 -3.50 -7.58 -3.07
CA LYS A 72 -4.80 -8.18 -3.25
C LYS A 72 -5.87 -7.41 -2.47
N VAL A 73 -7.12 -7.78 -2.69
CA VAL A 73 -8.23 -7.12 -1.99
C VAL A 73 -9.40 -8.08 -1.84
N ASN A 74 -9.42 -8.80 -0.71
CA ASN A 74 -10.49 -9.76 -0.45
C ASN A 74 -10.26 -11.04 -1.25
N GLY A 75 -9.17 -11.06 -2.03
CA GLY A 75 -8.85 -12.23 -2.84
C GLY A 75 -8.95 -11.90 -4.33
N ALA A 76 -8.53 -10.69 -4.68
CA ALA A 76 -8.56 -10.26 -6.07
C ALA A 76 -7.21 -9.71 -6.50
N PRO A 77 -6.30 -10.59 -6.83
CA PRO A 77 -4.92 -10.19 -7.27
C PRO A 77 -4.95 -9.12 -8.36
N LEU A 78 -3.78 -8.56 -8.68
CA LEU A 78 -3.70 -7.53 -9.70
C LEU A 78 -2.85 -8.00 -10.87
N LYS A 79 -1.84 -8.83 -10.57
CA LYS A 79 -0.97 -9.34 -11.61
C LYS A 79 -1.78 -10.00 -12.72
N GLY A 80 -1.90 -9.32 -13.85
CA GLY A 80 -2.65 -9.84 -14.98
C GLY A 80 -3.89 -9.00 -15.24
N LEU A 81 -4.33 -8.26 -14.23
CA LEU A 81 -5.51 -7.41 -14.36
C LEU A 81 -5.10 -5.97 -14.65
N SER A 82 -6.08 -5.13 -14.93
CA SER A 82 -5.82 -3.73 -15.24
C SER A 82 -6.27 -2.84 -14.09
N GLN A 83 -5.94 -1.55 -14.18
CA GLN A 83 -6.32 -0.60 -13.14
C GLN A 83 -7.79 -0.75 -12.77
N GLN A 84 -8.56 -1.35 -13.68
CA GLN A 84 -9.98 -1.55 -13.43
C GLN A 84 -10.21 -2.24 -12.08
N ASP A 85 -9.53 -3.35 -11.88
CA ASP A 85 -9.66 -4.10 -10.63
C ASP A 85 -9.21 -3.27 -9.44
N VAL A 86 -8.25 -2.38 -9.67
CA VAL A 86 -7.74 -1.52 -8.61
C VAL A 86 -8.75 -0.43 -8.27
N ILE A 87 -9.48 0.03 -9.28
CA ILE A 87 -10.49 1.07 -9.08
C ILE A 87 -11.76 0.47 -8.48
N SER A 88 -12.08 -0.75 -8.88
CA SER A 88 -13.28 -1.41 -8.38
C SER A 88 -13.04 -1.98 -6.98
N ALA A 89 -11.93 -2.70 -6.83
CA ALA A 89 -11.59 -3.30 -5.53
C ALA A 89 -11.72 -2.27 -4.42
N LEU A 90 -11.73 -0.99 -4.79
CA LEU A 90 -11.84 0.08 -3.80
C LEU A 90 -13.29 0.23 -3.35
N ARG A 91 -14.21 0.16 -4.31
CA ARG A 91 -15.63 0.29 -4.00
C ARG A 91 -16.09 -0.85 -3.09
N GLY A 92 -15.82 -2.08 -3.51
CA GLY A 92 -16.22 -3.25 -2.72
C GLY A 92 -17.70 -3.18 -2.37
N THR A 93 -18.11 -4.04 -1.44
CA THR A 93 -19.51 -4.07 -1.02
C THR A 93 -19.67 -4.85 0.28
N ALA A 94 -19.06 -6.03 0.33
CA ALA A 94 -19.14 -6.88 1.52
C ALA A 94 -18.75 -6.08 2.76
N PRO A 95 -19.16 -6.54 3.92
CA PRO A 95 -18.85 -5.86 5.21
C PRO A 95 -17.37 -5.97 5.57
N GLU A 96 -16.86 -7.19 5.61
CA GLU A 96 -15.46 -7.41 5.95
C GLU A 96 -14.61 -7.37 4.68
N VAL A 97 -13.69 -6.41 4.61
CA VAL A 97 -12.82 -6.27 3.46
C VAL A 97 -11.37 -6.47 3.84
N SER A 98 -10.81 -7.62 3.46
CA SER A 98 -9.42 -7.92 3.75
C SER A 98 -8.52 -7.40 2.63
N LEU A 99 -7.56 -6.55 2.99
CA LEU A 99 -6.65 -5.99 2.00
C LEU A 99 -5.21 -6.38 2.27
N LEU A 100 -4.52 -6.86 1.25
CA LEU A 100 -3.12 -7.25 1.37
C LEU A 100 -2.23 -6.06 1.03
N LEU A 101 -1.25 -5.79 1.89
CA LEU A 101 -0.35 -4.66 1.65
C LEU A 101 1.09 -5.06 1.91
N CYS A 102 2.01 -4.19 1.51
CA CYS A 102 3.43 -4.46 1.70
C CYS A 102 4.17 -3.19 2.09
N ARG A 103 4.96 -3.27 3.16
CA ARG A 103 5.72 -2.11 3.63
C ARG A 103 7.22 -2.39 3.59
N PRO A 104 7.85 -2.19 2.45
CA PRO A 104 9.31 -2.41 2.29
C PRO A 104 10.13 -1.45 3.15
N ALA A 105 11.42 -1.75 3.32
CA ALA A 105 12.29 -0.89 4.10
C ALA A 105 12.31 0.52 3.52
N PRO A 106 12.75 1.48 4.30
CA PRO A 106 12.83 2.90 3.86
C PRO A 106 13.96 3.13 2.87
N GLY A 107 13.60 3.46 1.63
CA GLY A 107 14.60 3.71 0.60
C GLY A 107 14.13 3.20 -0.76
N VAL A 108 13.46 2.06 -0.75
CA VAL A 108 12.96 1.46 -1.99
C VAL A 108 12.24 2.51 -2.83
N LEU A 109 11.32 3.23 -2.21
CA LEU A 109 10.56 4.27 -2.92
C LEU A 109 11.28 5.62 -2.81
N PRO A 110 11.13 6.47 -3.78
CA PRO A 110 11.78 7.81 -3.77
C PRO A 110 11.10 8.77 -2.80
N GLU A 111 11.63 9.98 -2.69
CA GLU A 111 11.07 10.98 -1.78
C GLU A 111 11.24 10.55 -0.33
N ILE A 112 11.38 11.54 0.55
CA ILE A 112 11.55 11.25 1.98
C ILE A 112 10.19 11.24 2.68
N ASP A 113 10.06 10.36 3.67
CA ASP A 113 8.81 10.24 4.41
C ASP A 113 8.97 10.82 5.82
N THR A 114 8.39 11.99 6.05
CA THR A 114 8.47 12.64 7.35
C THR A 114 8.00 11.69 8.45
N PRO A 115 8.43 11.92 9.66
CA PRO A 115 8.04 11.06 10.83
C PRO A 115 6.57 11.25 11.20
N GLY A 116 5.91 10.15 11.53
CA GLY A 116 4.49 10.21 11.91
C GLY A 116 4.30 11.07 13.15
N ASN A 117 4.29 10.44 14.31
CA ASN A 117 4.10 11.16 15.57
C ASN A 117 4.97 12.42 15.59
N SER A 118 4.39 13.52 16.07
CA SER A 118 5.12 14.78 16.13
C SER A 118 5.59 15.20 14.75
N SER A 119 4.93 16.22 14.18
CA SER A 119 5.29 16.71 12.86
C SER A 119 5.38 18.23 12.86
N THR A 1 27.79 -14.78 11.71
CA THR A 1 26.64 -13.84 11.71
C THR A 1 27.11 -12.45 12.12
N PRO A 2 28.02 -11.89 11.36
CA PRO A 2 28.59 -10.54 11.64
C PRO A 2 27.59 -9.42 11.32
N HIS A 3 26.31 -9.79 11.21
CA HIS A 3 25.27 -8.82 10.91
C HIS A 3 24.30 -8.70 12.07
N VAL A 4 23.45 -7.67 12.02
CA VAL A 4 22.47 -7.45 13.08
C VAL A 4 21.08 -7.24 12.48
N LYS A 5 20.12 -8.02 12.98
CA LYS A 5 18.74 -7.92 12.49
C LYS A 5 17.87 -7.16 13.49
N ASP A 6 17.23 -6.10 13.02
CA ASP A 6 16.37 -5.29 13.88
C ASP A 6 15.21 -6.13 14.42
N TYR A 7 14.31 -6.54 13.53
CA TYR A 7 13.17 -7.34 13.93
C TYR A 7 12.80 -8.34 12.84
N SER A 8 12.11 -9.41 13.22
CA SER A 8 11.70 -10.43 12.26
C SER A 8 10.39 -10.03 11.58
N PHE A 9 10.37 -8.84 11.00
CA PHE A 9 9.18 -8.35 10.32
C PHE A 9 9.54 -7.39 9.20
N VAL A 10 10.56 -6.57 9.44
CA VAL A 10 11.02 -5.60 8.45
C VAL A 10 12.07 -6.22 7.54
N THR A 11 11.64 -6.71 6.38
CA THR A 11 12.55 -7.33 5.43
C THR A 11 11.97 -7.30 4.02
N GLU A 12 12.61 -8.02 3.11
CA GLU A 12 12.14 -8.07 1.73
C GLU A 12 10.76 -8.72 1.66
N ASP A 13 10.41 -9.45 2.71
CA ASP A 13 9.12 -10.12 2.76
C ASP A 13 8.09 -9.28 3.52
N ASN A 14 8.41 -8.00 3.71
CA ASN A 14 7.52 -7.09 4.42
C ASN A 14 6.09 -7.25 3.91
N THR A 15 5.22 -7.80 4.76
CA THR A 15 3.83 -8.00 4.38
C THR A 15 2.92 -7.88 5.60
N PHE A 16 1.75 -7.26 5.41
CA PHE A 16 0.81 -7.10 6.50
C PHE A 16 -0.60 -6.87 5.95
N GLU A 17 -1.60 -7.37 6.67
CA GLU A 17 -2.98 -7.23 6.23
C GLU A 17 -3.84 -6.66 7.37
N VAL A 18 -4.87 -5.91 7.00
CA VAL A 18 -5.76 -5.32 7.99
C VAL A 18 -7.21 -5.36 7.49
N LYS A 19 -8.12 -5.75 8.38
CA LYS A 19 -9.53 -5.84 8.01
C LYS A 19 -10.32 -4.69 8.63
N LEU A 20 -11.16 -4.05 7.83
CA LEU A 20 -11.97 -2.93 8.31
C LEU A 20 -13.45 -3.25 8.16
N PHE A 21 -14.27 -2.60 8.99
CA PHE A 21 -15.71 -2.81 8.95
C PHE A 21 -16.44 -1.50 9.20
N LYS A 22 -17.20 -1.05 8.20
CA LYS A 22 -17.95 0.20 8.31
C LYS A 22 -19.25 0.12 7.52
N ASN A 23 -19.82 1.28 7.21
CA ASN A 23 -21.06 1.32 6.46
C ASN A 23 -20.78 1.36 4.95
N SER A 24 -21.83 1.50 4.16
CA SER A 24 -21.68 1.54 2.71
C SER A 24 -20.94 2.81 2.29
N SER A 25 -19.64 2.68 2.09
CA SER A 25 -18.83 3.83 1.69
C SER A 25 -17.52 3.36 1.06
N GLY A 26 -16.65 4.31 0.73
CA GLY A 26 -15.36 3.99 0.12
C GLY A 26 -14.25 4.01 1.17
N LEU A 27 -13.10 3.45 0.81
CA LEU A 27 -11.97 3.41 1.73
C LEU A 27 -11.67 4.80 2.27
N GLY A 28 -10.88 4.88 3.33
CA GLY A 28 -10.54 6.15 3.93
C GLY A 28 -9.28 6.74 3.31
N PHE A 29 -8.74 6.05 2.30
CA PHE A 29 -7.53 6.50 1.62
C PHE A 29 -7.67 6.35 0.12
N SER A 30 -6.92 7.17 -0.61
CA SER A 30 -6.94 7.11 -2.06
C SER A 30 -5.77 6.26 -2.56
N PHE A 31 -5.71 6.06 -3.88
CA PHE A 31 -4.62 5.27 -4.44
C PHE A 31 -4.11 5.89 -5.74
N SER A 32 -2.89 5.53 -6.10
CA SER A 32 -2.27 6.06 -7.32
C SER A 32 -1.74 4.91 -8.18
N ARG A 33 -1.86 5.08 -9.49
CA ARG A 33 -1.39 4.06 -10.42
C ARG A 33 -0.34 4.65 -11.37
N GLU A 34 0.90 4.19 -11.23
CA GLU A 34 1.99 4.69 -12.07
C GLU A 34 3.00 3.58 -12.33
N ASP A 35 3.98 3.87 -13.19
CA ASP A 35 5.01 2.89 -13.53
C ASP A 35 6.39 3.52 -13.45
N ASN A 36 7.42 2.69 -13.61
CA ASN A 36 8.80 3.17 -13.56
C ASN A 36 9.13 3.69 -12.16
N LEU A 37 8.64 3.00 -11.14
CA LEU A 37 8.89 3.39 -9.76
C LEU A 37 9.79 2.37 -9.06
N ILE A 38 9.35 1.11 -9.08
CA ILE A 38 10.12 0.04 -8.44
C ILE A 38 10.61 -0.95 -9.49
N PRO A 39 11.73 -0.68 -10.10
CA PRO A 39 12.32 -1.57 -11.14
C PRO A 39 13.06 -2.75 -10.53
N GLU A 40 13.25 -2.71 -9.21
CA GLU A 40 13.94 -3.79 -8.51
C GLU A 40 13.11 -5.07 -8.53
N GLN A 41 11.80 -4.90 -8.45
CA GLN A 41 10.89 -6.06 -8.46
C GLN A 41 10.64 -6.52 -9.89
N ILE A 42 9.74 -7.48 -10.04
CA ILE A 42 9.42 -8.01 -11.36
C ILE A 42 8.96 -6.89 -12.29
N ASN A 43 8.81 -7.22 -13.57
CA ASN A 43 8.38 -6.24 -14.55
C ASN A 43 6.86 -6.11 -14.56
N GLY A 44 6.31 -5.52 -13.50
CA GLY A 44 4.87 -5.35 -13.40
C GLY A 44 4.51 -4.30 -12.37
N SER A 45 4.10 -3.13 -12.84
CA SER A 45 3.73 -2.03 -11.94
C SER A 45 2.63 -2.47 -10.99
N ILE A 46 2.42 -1.69 -9.94
CA ILE A 46 1.39 -2.00 -8.96
C ILE A 46 0.72 -0.73 -8.45
N VAL A 47 -0.22 -0.89 -7.52
CA VAL A 47 -0.93 0.24 -6.95
C VAL A 47 -0.33 0.64 -5.61
N ARG A 48 -0.38 1.93 -5.30
CA ARG A 48 0.17 2.42 -4.05
C ARG A 48 -0.73 3.49 -3.44
N VAL A 49 -0.92 3.42 -2.12
CA VAL A 49 -1.76 4.40 -1.43
C VAL A 49 -1.38 5.81 -1.87
N LYS A 50 -2.38 6.68 -1.96
CA LYS A 50 -2.12 8.07 -2.36
C LYS A 50 -2.22 9.00 -1.16
N LYS A 51 -2.92 8.57 -0.12
CA LYS A 51 -3.07 9.39 1.07
C LYS A 51 -3.80 8.63 2.17
N LEU A 52 -3.40 8.90 3.42
CA LEU A 52 -4.00 8.25 4.57
C LEU A 52 -3.98 9.19 5.77
N PHE A 53 -5.15 9.48 6.32
CA PHE A 53 -5.24 10.37 7.48
C PHE A 53 -5.02 9.58 8.78
N PRO A 54 -4.45 10.21 9.78
CA PRO A 54 -4.19 9.54 11.10
C PRO A 54 -5.47 9.33 11.90
N GLY A 55 -5.69 8.09 12.34
CA GLY A 55 -6.87 7.78 13.12
C GLY A 55 -7.75 6.74 12.42
N GLN A 56 -7.55 6.59 11.12
CA GLN A 56 -8.33 5.64 10.34
C GLN A 56 -7.74 4.22 10.48
N PRO A 57 -8.57 3.20 10.45
CA PRO A 57 -8.10 1.80 10.57
C PRO A 57 -6.83 1.55 9.77
N ALA A 58 -6.92 1.70 8.45
CA ALA A 58 -5.77 1.50 7.57
C ALA A 58 -4.54 2.18 8.15
N ALA A 59 -4.76 3.09 9.10
CA ALA A 59 -3.67 3.81 9.73
C ALA A 59 -3.47 3.33 11.17
N GLU A 60 -4.51 2.68 11.70
CA GLU A 60 -4.47 2.17 13.06
C GLU A 60 -3.60 0.92 13.14
N SER A 61 -3.33 0.35 11.98
CA SER A 61 -2.51 -0.86 11.90
C SER A 61 -1.27 -0.72 12.79
N GLY A 62 -0.56 0.39 12.64
CA GLY A 62 0.63 0.63 13.44
C GLY A 62 1.78 1.15 12.58
N LYS A 63 2.15 0.38 11.56
CA LYS A 63 3.24 0.77 10.67
C LYS A 63 2.71 1.02 9.26
N ILE A 64 2.08 2.18 9.06
CA ILE A 64 1.53 2.52 7.76
C ILE A 64 2.05 3.87 7.28
N ASP A 65 1.95 4.11 5.98
CA ASP A 65 2.41 5.37 5.40
C ASP A 65 2.00 5.47 3.94
N VAL A 66 1.62 6.67 3.51
CA VAL A 66 1.22 6.88 2.13
C VAL A 66 2.23 6.27 1.17
N GLY A 67 1.94 5.06 0.71
CA GLY A 67 2.83 4.38 -0.22
C GLY A 67 2.66 2.86 -0.15
N ASP A 68 2.01 2.39 0.91
CA ASP A 68 1.78 0.96 1.07
C ASP A 68 1.37 0.33 -0.25
N VAL A 69 1.98 -0.81 -0.57
CA VAL A 69 1.66 -1.51 -1.81
C VAL A 69 0.57 -2.55 -1.58
N ILE A 70 -0.57 -2.36 -2.22
CA ILE A 70 -1.69 -3.28 -2.10
C ILE A 70 -1.47 -4.51 -2.97
N LEU A 71 -1.45 -5.68 -2.35
CA LEU A 71 -1.25 -6.92 -3.10
C LEU A 71 -2.58 -7.55 -3.46
N LYS A 72 -3.40 -7.85 -2.45
CA LYS A 72 -4.69 -8.47 -2.67
C LYS A 72 -5.77 -7.80 -1.83
N VAL A 73 -7.01 -8.13 -2.10
CA VAL A 73 -8.13 -7.56 -1.37
C VAL A 73 -9.11 -8.66 -0.94
N ASN A 74 -8.83 -9.27 0.20
CA ASN A 74 -9.69 -10.34 0.72
C ASN A 74 -9.59 -11.58 -0.18
N GLY A 75 -8.58 -11.60 -1.06
CA GLY A 75 -8.40 -12.73 -1.95
C GLY A 75 -8.65 -12.32 -3.40
N ALA A 76 -8.33 -11.07 -3.71
CA ALA A 76 -8.53 -10.56 -5.06
C ALA A 76 -7.26 -9.90 -5.58
N PRO A 77 -6.31 -10.70 -5.98
CA PRO A 77 -5.00 -10.20 -6.51
C PRO A 77 -5.18 -9.17 -7.62
N LEU A 78 -4.50 -8.05 -7.48
CA LEU A 78 -4.60 -6.98 -8.48
C LEU A 78 -3.38 -6.99 -9.40
N LYS A 79 -2.70 -8.14 -9.46
CA LYS A 79 -1.52 -8.27 -10.30
C LYS A 79 -1.90 -8.80 -11.68
N GLY A 80 -1.75 -7.96 -12.70
CA GLY A 80 -2.09 -8.36 -14.07
C GLY A 80 -3.30 -7.58 -14.57
N LEU A 81 -3.92 -6.83 -13.68
CA LEU A 81 -5.10 -6.04 -14.03
C LEU A 81 -4.70 -4.60 -14.35
N SER A 82 -5.67 -3.83 -14.83
CA SER A 82 -5.41 -2.43 -15.17
C SER A 82 -6.15 -1.49 -14.22
N GLN A 83 -5.68 -0.25 -14.14
CA GLN A 83 -6.30 0.74 -13.26
C GLN A 83 -7.81 0.56 -13.22
N GLN A 84 -8.37 0.02 -14.29
CA GLN A 84 -9.81 -0.20 -14.36
C GLN A 84 -10.32 -0.96 -13.13
N ASP A 85 -9.77 -2.14 -12.90
CA ASP A 85 -10.19 -2.96 -11.76
C ASP A 85 -9.74 -2.34 -10.44
N VAL A 86 -8.77 -1.43 -10.50
CA VAL A 86 -8.28 -0.78 -9.29
C VAL A 86 -9.34 0.17 -8.72
N ILE A 87 -9.87 1.03 -9.58
CA ILE A 87 -10.90 1.98 -9.14
C ILE A 87 -12.19 1.24 -8.80
N SER A 88 -12.58 0.32 -9.67
CA SER A 88 -13.79 -0.47 -9.46
C SER A 88 -13.68 -1.29 -8.19
N ALA A 89 -12.49 -1.84 -7.95
CA ALA A 89 -12.26 -2.66 -6.76
C ALA A 89 -12.45 -1.83 -5.50
N LEU A 90 -11.87 -0.63 -5.49
CA LEU A 90 -11.97 0.25 -4.34
C LEU A 90 -13.43 0.42 -3.92
N ARG A 91 -14.34 0.24 -4.88
CA ARG A 91 -15.76 0.37 -4.59
C ARG A 91 -16.21 -0.71 -3.63
N GLY A 92 -15.52 -1.85 -3.65
CA GLY A 92 -15.86 -2.96 -2.77
C GLY A 92 -17.36 -3.22 -2.78
N THR A 93 -17.87 -3.69 -1.65
CA THR A 93 -19.30 -3.98 -1.53
C THR A 93 -19.67 -4.29 -0.08
N ALA A 94 -19.16 -5.39 0.44
CA ALA A 94 -19.44 -5.77 1.82
C ALA A 94 -18.70 -4.88 2.80
N PRO A 95 -19.17 -4.80 4.02
CA PRO A 95 -18.53 -3.96 5.08
C PRO A 95 -17.20 -4.54 5.54
N GLU A 96 -17.20 -5.83 5.87
CA GLU A 96 -15.99 -6.50 6.32
C GLU A 96 -15.11 -6.87 5.13
N VAL A 97 -14.03 -6.12 4.94
CA VAL A 97 -13.12 -6.39 3.83
C VAL A 97 -11.67 -6.47 4.31
N SER A 98 -10.94 -7.45 3.80
CA SER A 98 -9.55 -7.63 4.16
C SER A 98 -8.63 -7.13 3.05
N LEU A 99 -7.65 -6.30 3.41
CA LEU A 99 -6.73 -5.75 2.43
C LEU A 99 -5.29 -6.13 2.76
N LEU A 100 -4.65 -6.81 1.82
CA LEU A 100 -3.26 -7.22 1.99
C LEU A 100 -2.33 -6.14 1.44
N LEU A 101 -1.39 -5.69 2.26
CA LEU A 101 -0.46 -4.67 1.82
C LEU A 101 0.98 -5.05 2.15
N CYS A 102 1.92 -4.29 1.62
CA CYS A 102 3.34 -4.56 1.87
C CYS A 102 4.06 -3.26 2.21
N ARG A 103 4.88 -3.32 3.25
CA ARG A 103 5.65 -2.16 3.67
C ARG A 103 7.14 -2.44 3.62
N PRO A 104 7.75 -2.29 2.47
CA PRO A 104 9.21 -2.54 2.29
C PRO A 104 10.06 -1.55 3.08
N ALA A 105 11.33 -1.89 3.27
CA ALA A 105 12.23 -1.02 4.00
C ALA A 105 12.48 0.27 3.23
N PRO A 106 12.92 1.30 3.91
CA PRO A 106 13.19 2.63 3.29
C PRO A 106 14.37 2.57 2.32
N GLY A 107 14.42 3.53 1.40
CA GLY A 107 15.51 3.57 0.43
C GLY A 107 15.04 3.05 -0.93
N VAL A 108 14.22 2.01 -0.91
CA VAL A 108 13.71 1.41 -2.14
C VAL A 108 12.76 2.38 -2.84
N LEU A 109 11.88 3.01 -2.07
CA LEU A 109 10.93 3.95 -2.62
C LEU A 109 11.46 5.38 -2.49
N PRO A 110 11.10 6.26 -3.38
CA PRO A 110 11.56 7.68 -3.35
C PRO A 110 11.61 8.24 -1.93
N GLU A 111 12.32 9.35 -1.76
CA GLU A 111 12.45 9.98 -0.45
C GLU A 111 12.93 8.96 0.59
N ILE A 112 13.25 9.47 1.78
CA ILE A 112 13.71 8.61 2.86
C ILE A 112 13.07 9.03 4.18
N ASP A 113 13.16 8.15 5.18
CA ASP A 113 12.58 8.44 6.48
C ASP A 113 13.47 9.40 7.27
N THR A 114 13.11 10.68 7.24
CA THR A 114 13.89 11.69 7.96
C THR A 114 13.77 11.47 9.46
N PRO A 115 14.73 11.96 10.21
CA PRO A 115 14.74 11.82 11.69
C PRO A 115 13.65 12.66 12.37
N GLY A 116 13.19 12.21 13.52
CA GLY A 116 12.14 12.92 14.25
C GLY A 116 12.75 13.98 15.17
N ASN A 117 12.05 15.10 15.30
CA ASN A 117 12.52 16.18 16.16
C ASN A 117 12.85 15.65 17.55
N SER A 118 13.46 16.51 18.37
CA SER A 118 13.82 16.12 19.73
C SER A 118 13.67 17.29 20.69
N SER A 119 13.98 18.49 20.20
CA SER A 119 13.89 19.69 21.03
C SER A 119 14.62 19.48 22.35
N THR A 1 27.17 -1.23 4.86
CA THR A 1 25.96 -2.10 5.02
C THR A 1 24.77 -1.24 5.45
N PRO A 2 24.36 -0.34 4.61
CA PRO A 2 23.22 0.57 4.89
C PRO A 2 22.03 -0.18 5.48
N HIS A 3 21.71 -1.33 4.90
CA HIS A 3 20.59 -2.14 5.39
C HIS A 3 21.05 -3.10 6.46
N VAL A 4 20.17 -3.39 7.43
CA VAL A 4 20.51 -4.30 8.50
C VAL A 4 19.25 -4.88 9.14
N LYS A 5 19.31 -6.14 9.54
CA LYS A 5 18.17 -6.80 10.17
C LYS A 5 18.21 -6.63 11.68
N ASP A 6 17.14 -6.07 12.24
CA ASP A 6 17.07 -5.84 13.67
C ASP A 6 15.94 -6.67 14.28
N TYR A 7 14.71 -6.41 13.86
CA TYR A 7 13.56 -7.14 14.36
C TYR A 7 13.03 -8.11 13.32
N SER A 8 11.86 -8.69 13.59
CA SER A 8 11.24 -9.64 12.66
C SER A 8 10.06 -9.00 11.95
N PHE A 9 10.04 -7.67 11.91
CA PHE A 9 8.96 -6.95 11.25
C PHE A 9 9.47 -6.20 10.03
N VAL A 10 10.69 -5.67 10.14
CA VAL A 10 11.29 -4.93 9.04
C VAL A 10 12.34 -5.77 8.33
N THR A 11 11.88 -6.58 7.38
CA THR A 11 12.79 -7.45 6.62
C THR A 11 12.72 -7.13 5.13
N GLU A 12 13.12 -8.09 4.30
CA GLU A 12 13.09 -7.91 2.86
C GLU A 12 11.77 -8.42 2.29
N ASP A 13 10.94 -9.00 3.15
CA ASP A 13 9.65 -9.53 2.72
C ASP A 13 8.51 -8.76 3.37
N ASN A 14 8.79 -7.52 3.75
CA ASN A 14 7.78 -6.67 4.39
C ASN A 14 6.41 -6.94 3.79
N THR A 15 5.51 -7.49 4.61
CA THR A 15 4.15 -7.78 4.16
C THR A 15 3.18 -7.76 5.33
N PHE A 16 1.94 -7.36 5.07
CA PHE A 16 0.93 -7.31 6.11
C PHE A 16 -0.46 -7.06 5.51
N GLU A 17 -1.49 -7.50 6.21
CA GLU A 17 -2.85 -7.32 5.75
C GLU A 17 -3.74 -6.75 6.85
N VAL A 18 -4.71 -5.95 6.46
CA VAL A 18 -5.62 -5.34 7.43
C VAL A 18 -7.07 -5.46 6.96
N LYS A 19 -7.97 -5.68 7.91
CA LYS A 19 -9.39 -5.82 7.58
C LYS A 19 -10.16 -4.58 8.02
N LEU A 20 -11.05 -4.12 7.14
CA LEU A 20 -11.86 -2.93 7.44
C LEU A 20 -13.35 -3.30 7.49
N PHE A 21 -14.13 -2.46 8.16
CA PHE A 21 -15.56 -2.71 8.26
C PHE A 21 -16.36 -1.55 7.69
N LYS A 22 -17.58 -1.84 7.22
CA LYS A 22 -18.43 -0.81 6.64
C LYS A 22 -18.22 0.53 7.34
N ASN A 23 -18.21 1.60 6.56
CA ASN A 23 -18.00 2.94 7.11
C ASN A 23 -18.68 3.99 6.23
N SER A 24 -18.46 5.26 6.57
CA SER A 24 -19.05 6.35 5.81
C SER A 24 -18.43 6.44 4.42
N SER A 25 -19.23 6.82 3.43
CA SER A 25 -18.74 6.94 2.06
C SER A 25 -17.69 8.04 1.96
N GLY A 26 -16.44 7.68 2.24
CA GLY A 26 -15.34 8.64 2.18
C GLY A 26 -14.06 8.04 2.72
N LEU A 27 -13.25 7.48 1.82
CA LEU A 27 -11.99 6.86 2.21
C LEU A 27 -11.04 7.90 2.81
N GLY A 28 -10.38 7.53 3.91
CA GLY A 28 -9.45 8.44 4.55
C GLY A 28 -8.14 8.52 3.78
N PHE A 29 -8.08 7.79 2.67
CA PHE A 29 -6.87 7.78 1.84
C PHE A 29 -7.22 7.71 0.36
N SER A 30 -6.26 8.03 -0.48
CA SER A 30 -6.46 7.97 -1.92
C SER A 30 -5.30 7.22 -2.57
N PHE A 31 -5.61 6.08 -3.18
CA PHE A 31 -4.58 5.28 -3.82
C PHE A 31 -4.53 5.56 -5.31
N SER A 32 -3.44 5.14 -5.95
CA SER A 32 -3.27 5.36 -7.39
C SER A 32 -2.26 4.37 -7.95
N ARG A 33 -2.18 4.32 -9.28
CA ARG A 33 -1.26 3.43 -9.96
C ARG A 33 -0.15 4.22 -10.65
N GLU A 34 1.09 4.03 -10.20
CA GLU A 34 2.22 4.75 -10.79
C GLU A 34 3.29 3.78 -11.27
N ASP A 35 3.97 4.14 -12.34
CA ASP A 35 5.02 3.29 -12.90
C ASP A 35 6.32 4.09 -13.05
N ASN A 36 7.37 3.42 -13.49
CA ASN A 36 8.66 4.07 -13.68
C ASN A 36 9.22 4.54 -12.34
N LEU A 37 8.71 3.96 -11.26
CA LEU A 37 9.17 4.32 -9.93
C LEU A 37 9.91 3.15 -9.28
N ILE A 38 9.44 1.93 -9.56
CA ILE A 38 10.05 0.74 -8.99
C ILE A 38 10.73 -0.09 -10.10
N PRO A 39 12.01 0.10 -10.32
CA PRO A 39 12.75 -0.65 -11.38
C PRO A 39 13.10 -2.07 -10.94
N GLU A 40 12.94 -2.33 -9.64
CA GLU A 40 13.23 -3.66 -9.11
C GLU A 40 12.36 -4.71 -9.79
N GLN A 41 11.22 -4.26 -10.32
CA GLN A 41 10.31 -5.15 -11.01
C GLN A 41 10.46 -5.04 -12.52
N ILE A 42 9.79 -5.92 -13.25
CA ILE A 42 9.87 -5.89 -14.70
C ILE A 42 8.50 -6.13 -15.33
N ASN A 43 8.16 -5.32 -16.32
CA ASN A 43 6.87 -5.44 -17.00
C ASN A 43 5.77 -5.74 -15.99
N GLY A 44 5.97 -5.30 -14.74
CA GLY A 44 4.99 -5.53 -13.69
C GLY A 44 4.94 -4.35 -12.73
N SER A 45 3.75 -3.75 -12.59
CA SER A 45 3.58 -2.62 -11.70
C SER A 45 2.60 -2.97 -10.58
N ILE A 46 2.47 -2.07 -9.60
CA ILE A 46 1.57 -2.30 -8.49
C ILE A 46 0.86 -1.01 -8.10
N VAL A 47 -0.02 -1.11 -7.10
CA VAL A 47 -0.77 0.05 -6.63
C VAL A 47 -0.29 0.45 -5.24
N ARG A 48 -0.29 1.74 -4.96
CA ARG A 48 0.15 2.23 -3.66
C ARG A 48 -0.72 3.38 -3.18
N VAL A 49 -0.68 3.63 -1.87
CA VAL A 49 -1.48 4.71 -1.28
C VAL A 49 -0.91 6.06 -1.68
N LYS A 50 -1.80 7.04 -1.90
CA LYS A 50 -1.37 8.37 -2.31
C LYS A 50 -1.66 9.40 -1.21
N LYS A 51 -2.37 8.98 -0.17
CA LYS A 51 -2.69 9.90 0.92
C LYS A 51 -3.24 9.14 2.12
N LEU A 52 -2.81 9.54 3.31
CA LEU A 52 -3.27 8.89 4.54
C LEU A 52 -3.16 9.85 5.72
N PHE A 53 -4.13 9.79 6.63
CA PHE A 53 -4.12 10.64 7.80
C PHE A 53 -4.02 9.81 9.08
N PRO A 54 -3.36 10.30 10.09
CA PRO A 54 -3.20 9.55 11.38
C PRO A 54 -4.49 9.53 12.19
N GLY A 55 -5.03 8.33 12.39
CA GLY A 55 -6.26 8.18 13.17
C GLY A 55 -7.32 7.40 12.39
N GLN A 56 -7.14 7.33 11.07
CA GLN A 56 -8.09 6.61 10.23
C GLN A 56 -7.77 5.12 10.23
N PRO A 57 -8.76 4.29 10.02
CA PRO A 57 -8.56 2.81 9.99
C PRO A 57 -7.25 2.41 9.32
N ALA A 58 -7.16 2.68 8.03
CA ALA A 58 -5.95 2.35 7.27
C ALA A 58 -4.72 2.90 7.99
N ALA A 59 -4.94 3.83 8.91
CA ALA A 59 -3.84 4.43 9.65
C ALA A 59 -3.92 4.03 11.12
N GLU A 60 -5.02 3.37 11.48
CA GLU A 60 -5.23 2.93 12.86
C GLU A 60 -4.58 1.57 13.08
N SER A 61 -4.27 0.90 11.98
CA SER A 61 -3.65 -0.42 12.05
C SER A 61 -2.49 -0.41 13.05
N GLY A 62 -1.61 0.57 12.92
CA GLY A 62 -0.47 0.68 13.82
C GLY A 62 0.78 1.13 13.08
N LYS A 63 1.09 0.47 11.97
CA LYS A 63 2.28 0.82 11.20
C LYS A 63 1.94 0.98 9.72
N ILE A 64 1.25 2.07 9.39
CA ILE A 64 0.87 2.33 8.01
C ILE A 64 1.28 3.76 7.60
N ASP A 65 1.36 3.99 6.31
CA ASP A 65 1.73 5.31 5.81
C ASP A 65 1.51 5.39 4.30
N VAL A 66 1.61 6.60 3.75
CA VAL A 66 1.41 6.80 2.33
C VAL A 66 2.51 6.10 1.53
N GLY A 67 2.22 4.91 1.04
CA GLY A 67 3.20 4.15 0.26
C GLY A 67 2.86 2.66 0.28
N ASP A 68 2.07 2.24 1.25
CA ASP A 68 1.68 0.84 1.37
C ASP A 68 1.22 0.30 0.01
N VAL A 69 1.93 -0.69 -0.50
CA VAL A 69 1.59 -1.28 -1.78
C VAL A 69 0.57 -2.40 -1.61
N ILE A 70 -0.58 -2.27 -2.28
CA ILE A 70 -1.63 -3.27 -2.18
C ILE A 70 -1.37 -4.40 -3.19
N LEU A 71 -1.67 -5.62 -2.78
CA LEU A 71 -1.46 -6.78 -3.66
C LEU A 71 -2.80 -7.43 -4.00
N LYS A 72 -3.53 -7.86 -2.97
CA LYS A 72 -4.81 -8.51 -3.17
C LYS A 72 -5.92 -7.77 -2.41
N VAL A 73 -7.15 -8.18 -2.66
CA VAL A 73 -8.29 -7.55 -2.01
C VAL A 73 -9.39 -8.56 -1.76
N ASN A 74 -9.40 -9.14 -0.57
CA ASN A 74 -10.42 -10.14 -0.22
C ASN A 74 -10.21 -11.41 -1.04
N GLY A 75 -9.11 -11.45 -1.79
CA GLY A 75 -8.81 -12.60 -2.62
C GLY A 75 -9.03 -12.29 -4.10
N ALA A 76 -8.64 -11.09 -4.50
CA ALA A 76 -8.81 -10.67 -5.88
C ALA A 76 -7.48 -10.13 -6.44
N PRO A 77 -6.62 -11.00 -6.88
CA PRO A 77 -5.30 -10.61 -7.45
C PRO A 77 -5.44 -9.60 -8.58
N LEU A 78 -4.64 -8.54 -8.52
CA LEU A 78 -4.68 -7.50 -9.53
C LEU A 78 -3.64 -7.75 -10.62
N LYS A 79 -2.84 -8.80 -10.43
CA LYS A 79 -1.81 -9.14 -11.40
C LYS A 79 -2.41 -9.34 -12.79
N GLY A 80 -2.11 -8.41 -13.69
CA GLY A 80 -2.63 -8.50 -15.06
C GLY A 80 -3.58 -7.35 -15.36
N LEU A 81 -4.59 -7.19 -14.53
CA LEU A 81 -5.56 -6.12 -14.72
C LEU A 81 -4.90 -4.76 -14.58
N SER A 82 -5.63 -3.71 -14.91
CA SER A 82 -5.11 -2.35 -14.82
C SER A 82 -5.79 -1.58 -13.70
N GLN A 83 -5.44 -0.31 -13.55
CA GLN A 83 -6.04 0.54 -12.51
C GLN A 83 -7.54 0.30 -12.42
N GLN A 84 -8.15 -0.06 -13.55
CA GLN A 84 -9.58 -0.32 -13.58
C GLN A 84 -10.00 -1.23 -12.43
N ASP A 85 -9.37 -2.40 -12.35
CA ASP A 85 -9.68 -3.36 -11.30
C ASP A 85 -9.25 -2.83 -9.94
N VAL A 86 -8.20 -2.02 -9.91
CA VAL A 86 -7.70 -1.46 -8.66
C VAL A 86 -8.75 -0.56 -8.02
N ILE A 87 -9.53 0.13 -8.86
CA ILE A 87 -10.56 1.03 -8.35
C ILE A 87 -11.90 0.31 -8.22
N SER A 88 -12.16 -0.64 -9.12
CA SER A 88 -13.41 -1.38 -9.09
C SER A 88 -13.44 -2.38 -7.94
N ALA A 89 -12.28 -2.95 -7.61
CA ALA A 89 -12.20 -3.91 -6.52
C ALA A 89 -12.29 -3.20 -5.18
N LEU A 90 -11.44 -2.20 -4.99
CA LEU A 90 -11.42 -1.44 -3.76
C LEU A 90 -12.85 -1.06 -3.36
N ARG A 91 -13.67 -0.74 -4.35
CA ARG A 91 -15.06 -0.36 -4.10
C ARG A 91 -15.90 -1.59 -3.77
N GLY A 92 -15.38 -2.45 -2.90
CA GLY A 92 -16.10 -3.66 -2.50
C GLY A 92 -17.49 -3.31 -1.98
N THR A 93 -18.24 -4.34 -1.56
CA THR A 93 -19.57 -4.12 -1.03
C THR A 93 -19.84 -5.05 0.15
N ALA A 94 -18.82 -5.76 0.58
CA ALA A 94 -18.96 -6.69 1.70
C ALA A 94 -18.77 -5.95 3.03
N PRO A 95 -19.27 -6.52 4.09
CA PRO A 95 -19.16 -5.91 5.45
C PRO A 95 -17.71 -5.86 5.93
N GLU A 96 -17.01 -6.98 5.78
CA GLU A 96 -15.61 -7.07 6.20
C GLU A 96 -14.73 -7.39 5.00
N VAL A 97 -13.81 -6.49 4.68
CA VAL A 97 -12.91 -6.69 3.55
C VAL A 97 -11.46 -6.77 4.01
N SER A 98 -10.76 -7.79 3.54
CA SER A 98 -9.35 -7.97 3.91
C SER A 98 -8.46 -7.62 2.73
N LEU A 99 -7.62 -6.60 2.91
CA LEU A 99 -6.71 -6.18 1.85
C LEU A 99 -5.26 -6.43 2.23
N LEU A 100 -4.51 -7.01 1.29
CA LEU A 100 -3.10 -7.30 1.51
C LEU A 100 -2.25 -6.09 1.15
N LEU A 101 -1.26 -5.77 1.99
CA LEU A 101 -0.40 -4.63 1.73
C LEU A 101 1.05 -4.98 1.99
N CYS A 102 1.94 -4.03 1.73
CA CYS A 102 3.37 -4.25 1.94
C CYS A 102 4.06 -2.94 2.30
N ARG A 103 4.95 -3.01 3.28
CA ARG A 103 5.68 -1.83 3.71
C ARG A 103 7.19 -2.03 3.56
N PRO A 104 7.70 -1.83 2.37
CA PRO A 104 9.15 -2.01 2.08
C PRO A 104 10.02 -1.16 3.00
N ALA A 105 11.26 -1.60 3.21
CA ALA A 105 12.19 -0.88 4.06
C ALA A 105 12.59 0.45 3.42
N PRO A 106 13.14 1.34 4.21
CA PRO A 106 13.58 2.68 3.72
C PRO A 106 14.73 2.58 2.72
N GLY A 107 14.47 2.95 1.47
CA GLY A 107 15.50 2.90 0.43
C GLY A 107 15.01 2.09 -0.77
N VAL A 108 13.74 1.69 -0.73
CA VAL A 108 13.17 0.91 -1.82
C VAL A 108 12.34 1.79 -2.73
N LEU A 109 11.82 2.89 -2.18
CA LEU A 109 10.99 3.81 -2.96
C LEU A 109 11.58 5.22 -2.89
N PRO A 110 12.62 5.48 -3.65
CA PRO A 110 13.28 6.80 -3.68
C PRO A 110 12.55 7.80 -4.58
N GLU A 111 12.18 8.94 -4.00
CA GLU A 111 11.46 9.97 -4.76
C GLU A 111 12.45 10.92 -5.44
N ILE A 112 11.96 11.63 -6.45
CA ILE A 112 12.80 12.57 -7.18
C ILE A 112 12.09 13.92 -7.33
N ASP A 113 12.88 14.98 -7.46
CA ASP A 113 12.32 16.32 -7.61
C ASP A 113 12.37 16.76 -9.07
N THR A 114 11.20 16.83 -9.71
CA THR A 114 11.12 17.24 -11.09
C THR A 114 11.72 18.63 -11.28
N PRO A 115 12.14 18.96 -12.48
CA PRO A 115 12.74 20.29 -12.79
C PRO A 115 12.02 21.42 -12.06
N GLY A 116 12.80 22.28 -11.40
CA GLY A 116 12.23 23.41 -10.67
C GLY A 116 13.17 24.61 -10.69
N ASN A 117 13.52 25.06 -11.89
CA ASN A 117 14.42 26.21 -12.02
C ASN A 117 13.64 27.45 -12.43
N SER A 118 14.15 28.62 -12.03
CA SER A 118 13.49 29.88 -12.36
C SER A 118 14.03 30.45 -13.66
N SER A 119 13.22 31.25 -14.33
CA SER A 119 13.63 31.87 -15.60
C SER A 119 14.18 33.26 -15.36
N THR A 1 20.13 -17.57 2.05
CA THR A 1 19.45 -16.28 2.33
C THR A 1 19.41 -16.04 3.83
N PRO A 2 19.19 -14.81 4.24
CA PRO A 2 19.12 -14.43 5.66
C PRO A 2 18.42 -15.50 6.51
N HIS A 3 19.21 -16.42 7.07
CA HIS A 3 18.66 -17.48 7.89
C HIS A 3 17.97 -16.90 9.12
N VAL A 4 18.76 -16.31 10.01
CA VAL A 4 18.21 -15.71 11.22
C VAL A 4 17.92 -14.22 11.00
N LYS A 5 16.71 -13.80 11.34
CA LYS A 5 16.32 -12.41 11.17
C LYS A 5 16.22 -11.71 12.53
N ASP A 6 15.82 -10.43 12.50
CA ASP A 6 15.67 -9.66 13.72
C ASP A 6 14.24 -9.74 14.24
N TYR A 7 13.34 -8.98 13.61
CA TYR A 7 11.94 -8.97 14.02
C TYR A 7 11.06 -9.64 12.96
N SER A 8 9.78 -9.80 13.28
CA SER A 8 8.85 -10.42 12.35
C SER A 8 8.08 -9.36 11.57
N PHE A 9 8.76 -8.28 11.19
CA PHE A 9 8.12 -7.22 10.45
C PHE A 9 9.10 -6.62 9.43
N VAL A 10 10.16 -5.99 9.93
CA VAL A 10 11.15 -5.39 9.05
C VAL A 10 12.08 -6.44 8.47
N THR A 11 11.76 -6.90 7.26
CA THR A 11 12.57 -7.92 6.60
C THR A 11 12.47 -7.77 5.09
N GLU A 12 12.91 -8.81 4.37
CA GLU A 12 12.86 -8.79 2.91
C GLU A 12 11.48 -9.18 2.42
N ASP A 13 10.57 -9.41 3.36
CA ASP A 13 9.20 -9.79 3.01
C ASP A 13 8.19 -8.85 3.65
N ASN A 14 8.62 -7.62 3.94
CA ASN A 14 7.73 -6.64 4.55
C ASN A 14 6.33 -6.78 3.99
N THR A 15 5.47 -7.48 4.72
CA THR A 15 4.10 -7.68 4.28
C THR A 15 3.16 -7.77 5.49
N PHE A 16 1.93 -7.28 5.30
CA PHE A 16 0.94 -7.31 6.38
C PHE A 16 -0.46 -7.07 5.82
N GLU A 17 -1.45 -7.71 6.43
CA GLU A 17 -2.83 -7.57 5.98
C GLU A 17 -3.68 -7.00 7.12
N VAL A 18 -4.65 -6.17 6.75
CA VAL A 18 -5.53 -5.56 7.75
C VAL A 18 -6.99 -5.61 7.27
N LYS A 19 -7.90 -5.85 8.19
CA LYS A 19 -9.32 -5.91 7.84
C LYS A 19 -10.06 -4.69 8.37
N LEU A 20 -10.87 -4.08 7.52
CA LEU A 20 -11.64 -2.90 7.89
C LEU A 20 -13.01 -2.91 7.23
N PHE A 21 -13.87 -2.00 7.67
CA PHE A 21 -15.22 -1.90 7.12
C PHE A 21 -15.30 -0.76 6.11
N LYS A 22 -15.79 -1.06 4.91
CA LYS A 22 -15.92 -0.06 3.86
C LYS A 22 -17.39 0.20 3.54
N ASN A 23 -17.70 1.46 3.24
CA ASN A 23 -19.07 1.84 2.90
C ASN A 23 -19.08 2.94 1.85
N SER A 24 -20.26 3.27 1.35
CA SER A 24 -20.38 4.31 0.34
C SER A 24 -20.03 5.68 0.92
N SER A 25 -18.77 6.06 0.79
CA SER A 25 -18.32 7.34 1.31
C SER A 25 -16.92 7.67 0.80
N GLY A 26 -16.22 8.56 1.50
CA GLY A 26 -14.87 8.95 1.12
C GLY A 26 -13.83 8.25 1.99
N LEU A 27 -13.06 7.35 1.39
CA LEU A 27 -12.03 6.62 2.12
C LEU A 27 -11.10 7.60 2.83
N GLY A 28 -10.28 7.07 3.75
CA GLY A 28 -9.35 7.90 4.49
C GLY A 28 -8.04 8.08 3.73
N PHE A 29 -7.93 7.38 2.60
CA PHE A 29 -6.72 7.47 1.79
C PHE A 29 -7.04 7.40 0.30
N SER A 30 -6.06 7.73 -0.52
CA SER A 30 -6.24 7.69 -1.97
C SER A 30 -5.06 6.98 -2.61
N PHE A 31 -5.33 5.85 -3.24
CA PHE A 31 -4.27 5.07 -3.88
C PHE A 31 -4.17 5.42 -5.36
N SER A 32 -3.01 5.17 -5.94
CA SER A 32 -2.80 5.45 -7.36
C SER A 32 -1.93 4.37 -8.00
N ARG A 33 -1.98 4.29 -9.32
CA ARG A 33 -1.20 3.30 -10.05
C ARG A 33 -0.12 4.00 -10.87
N GLU A 34 1.13 3.88 -10.42
CA GLU A 34 2.24 4.50 -11.12
C GLU A 34 3.26 3.45 -11.55
N ASP A 35 4.17 3.86 -12.44
CA ASP A 35 5.20 2.94 -12.93
C ASP A 35 6.54 3.65 -13.01
N ASN A 36 7.52 2.98 -13.59
CA ASN A 36 8.86 3.55 -13.72
C ASN A 36 9.33 4.10 -12.37
N LEU A 37 8.70 3.63 -11.30
CA LEU A 37 9.06 4.07 -9.96
C LEU A 37 9.71 2.94 -9.18
N ILE A 38 9.34 1.70 -9.50
CA ILE A 38 9.89 0.54 -8.83
C ILE A 38 9.97 -0.65 -9.79
N PRO A 39 11.00 -0.71 -10.60
CA PRO A 39 11.18 -1.81 -11.58
C PRO A 39 11.75 -3.07 -10.93
N GLU A 40 12.20 -2.94 -9.69
CA GLU A 40 12.76 -4.08 -8.97
C GLU A 40 11.76 -5.24 -8.92
N GLN A 41 10.48 -4.90 -9.05
CA GLN A 41 9.43 -5.92 -9.03
C GLN A 41 9.51 -6.80 -10.27
N ILE A 42 8.35 -7.09 -10.86
CA ILE A 42 8.30 -7.91 -12.06
C ILE A 42 7.48 -7.24 -13.15
N ASN A 43 7.58 -7.76 -14.36
CA ASN A 43 6.86 -7.20 -15.50
C ASN A 43 5.42 -6.86 -15.10
N GLY A 44 5.20 -5.62 -14.70
CA GLY A 44 3.86 -5.18 -14.28
C GLY A 44 3.95 -4.12 -13.19
N SER A 45 3.03 -3.15 -13.25
CA SER A 45 3.02 -2.08 -12.26
C SER A 45 2.29 -2.54 -10.99
N ILE A 46 2.19 -1.65 -10.01
CA ILE A 46 1.53 -1.97 -8.76
C ILE A 46 0.74 -0.77 -8.23
N VAL A 47 0.01 -0.99 -7.15
CA VAL A 47 -0.78 0.07 -6.53
C VAL A 47 -0.19 0.46 -5.18
N ARG A 48 -0.16 1.76 -4.91
CA ARG A 48 0.37 2.24 -3.64
C ARG A 48 -0.47 3.38 -3.09
N VAL A 49 -0.41 3.58 -1.78
CA VAL A 49 -1.16 4.65 -1.13
C VAL A 49 -0.62 6.01 -1.53
N LYS A 50 -1.51 6.96 -1.78
CA LYS A 50 -1.10 8.30 -2.18
C LYS A 50 -1.46 9.32 -1.12
N LYS A 51 -2.30 8.93 -0.15
CA LYS A 51 -2.70 9.84 0.91
C LYS A 51 -3.27 9.06 2.10
N LEU A 52 -3.16 9.64 3.29
CA LEU A 52 -3.67 8.99 4.49
C LEU A 52 -4.07 10.04 5.54
N PHE A 53 -5.16 9.76 6.23
CA PHE A 53 -5.65 10.67 7.28
C PHE A 53 -5.45 10.03 8.65
N PRO A 54 -4.40 10.38 9.36
CA PRO A 54 -4.13 9.81 10.72
C PRO A 54 -5.38 9.73 11.57
N GLY A 55 -5.70 8.52 12.03
CA GLY A 55 -6.88 8.30 12.86
C GLY A 55 -7.82 7.30 12.22
N GLN A 56 -7.72 7.15 10.90
CA GLN A 56 -8.56 6.22 10.17
C GLN A 56 -7.97 4.81 10.23
N PRO A 57 -8.78 3.80 10.05
CA PRO A 57 -8.32 2.39 10.07
C PRO A 57 -6.98 2.21 9.38
N ALA A 58 -6.90 2.64 8.12
CA ALA A 58 -5.67 2.53 7.35
C ALA A 58 -4.50 3.14 8.13
N ALA A 59 -4.81 3.75 9.26
CA ALA A 59 -3.79 4.37 10.10
C ALA A 59 -3.83 3.79 11.50
N GLU A 60 -4.87 3.00 11.76
CA GLU A 60 -5.03 2.36 13.06
C GLU A 60 -4.27 1.05 13.09
N SER A 61 -3.93 0.55 11.92
CA SER A 61 -3.19 -0.71 11.82
C SER A 61 -2.03 -0.74 12.80
N GLY A 62 -1.45 0.44 13.06
CA GLY A 62 -0.33 0.53 13.99
C GLY A 62 0.79 1.38 13.42
N LYS A 63 1.24 1.05 12.22
CA LYS A 63 2.31 1.79 11.58
C LYS A 63 2.11 1.83 10.06
N ILE A 64 1.24 2.73 9.61
CA ILE A 64 0.95 2.86 8.19
C ILE A 64 1.42 4.23 7.70
N ASP A 65 1.73 4.33 6.41
CA ASP A 65 2.18 5.59 5.83
C ASP A 65 1.78 5.69 4.37
N VAL A 66 2.09 6.84 3.77
CA VAL A 66 1.76 7.07 2.37
C VAL A 66 2.80 6.40 1.47
N GLY A 67 2.49 5.20 0.99
CA GLY A 67 3.40 4.47 0.13
C GLY A 67 3.08 2.98 0.14
N ASP A 68 2.47 2.52 1.23
CA ASP A 68 2.12 1.10 1.35
C ASP A 68 1.68 0.54 0.00
N VAL A 69 2.24 -0.60 -0.36
CA VAL A 69 1.89 -1.23 -1.64
C VAL A 69 0.85 -2.32 -1.43
N ILE A 70 -0.28 -2.20 -2.13
CA ILE A 70 -1.35 -3.19 -2.02
C ILE A 70 -1.06 -4.38 -2.93
N LEU A 71 -1.07 -5.57 -2.36
CA LEU A 71 -0.80 -6.78 -3.13
C LEU A 71 -2.09 -7.39 -3.65
N LYS A 72 -3.01 -7.71 -2.74
CA LYS A 72 -4.27 -8.30 -3.12
C LYS A 72 -5.42 -7.72 -2.31
N VAL A 73 -6.58 -8.36 -2.42
CA VAL A 73 -7.77 -7.93 -1.69
C VAL A 73 -8.55 -9.13 -1.18
N ASN A 74 -8.26 -9.53 0.05
CA ASN A 74 -8.93 -10.68 0.65
C ASN A 74 -8.31 -11.98 0.16
N GLY A 75 -7.21 -11.86 -0.58
CA GLY A 75 -6.53 -13.03 -1.11
C GLY A 75 -6.98 -13.34 -2.52
N ALA A 76 -7.35 -12.30 -3.27
CA ALA A 76 -7.81 -12.48 -4.64
C ALA A 76 -6.85 -11.81 -5.62
N PRO A 77 -6.88 -12.22 -6.87
CA PRO A 77 -6.00 -11.63 -7.92
C PRO A 77 -6.46 -10.25 -8.36
N LEU A 78 -5.50 -9.37 -8.62
CA LEU A 78 -5.82 -8.01 -9.05
C LEU A 78 -4.86 -7.56 -10.15
N LYS A 79 -3.59 -7.94 -10.01
CA LYS A 79 -2.58 -7.57 -10.99
C LYS A 79 -3.01 -8.01 -12.39
N GLY A 80 -2.32 -7.51 -13.40
CA GLY A 80 -2.64 -7.85 -14.78
C GLY A 80 -3.72 -6.93 -15.33
N LEU A 81 -4.72 -6.63 -14.49
CA LEU A 81 -5.81 -5.76 -14.91
C LEU A 81 -5.36 -4.31 -14.90
N SER A 82 -6.20 -3.42 -15.43
CA SER A 82 -5.88 -2.00 -15.48
C SER A 82 -6.42 -1.28 -14.24
N GLN A 83 -5.79 -0.17 -13.89
CA GLN A 83 -6.22 0.60 -12.72
C GLN A 83 -7.74 0.59 -12.59
N GLN A 84 -8.42 0.38 -13.71
CA GLN A 84 -9.88 0.35 -13.71
C GLN A 84 -10.40 -0.61 -12.65
N ASP A 85 -9.89 -1.84 -12.68
CA ASP A 85 -10.31 -2.85 -11.72
C ASP A 85 -9.75 -2.55 -10.33
N VAL A 86 -8.68 -1.77 -10.28
CA VAL A 86 -8.05 -1.43 -9.01
C VAL A 86 -8.89 -0.37 -8.28
N ILE A 87 -9.53 0.50 -9.06
CA ILE A 87 -10.36 1.56 -8.48
C ILE A 87 -11.72 0.99 -8.05
N SER A 88 -12.27 0.10 -8.87
CA SER A 88 -13.56 -0.50 -8.56
C SER A 88 -13.42 -1.59 -7.49
N ALA A 89 -12.38 -2.39 -7.61
CA ALA A 89 -12.14 -3.46 -6.65
C ALA A 89 -11.98 -2.90 -5.24
N LEU A 90 -11.53 -1.65 -5.16
CA LEU A 90 -11.34 -0.99 -3.88
C LEU A 90 -12.67 -0.85 -3.15
N ARG A 91 -13.75 -0.72 -3.92
CA ARG A 91 -15.08 -0.59 -3.34
C ARG A 91 -15.54 -1.92 -2.74
N GLY A 92 -15.21 -3.01 -3.43
CA GLY A 92 -15.60 -4.34 -2.96
C GLY A 92 -17.10 -4.44 -2.78
N THR A 93 -17.54 -5.47 -2.06
CA THR A 93 -18.97 -5.66 -1.82
C THR A 93 -19.28 -5.61 -0.33
N ALA A 94 -19.01 -6.72 0.37
CA ALA A 94 -19.27 -6.78 1.81
C ALA A 94 -18.44 -5.74 2.54
N PRO A 95 -18.85 -5.39 3.73
CA PRO A 95 -18.13 -4.38 4.57
C PRO A 95 -16.78 -4.89 5.06
N GLU A 96 -16.80 -6.03 5.74
CA GLU A 96 -15.56 -6.61 6.27
C GLU A 96 -14.71 -7.17 5.13
N VAL A 97 -13.60 -6.50 4.84
CA VAL A 97 -12.71 -6.94 3.78
C VAL A 97 -11.25 -6.91 4.26
N SER A 98 -10.48 -7.90 3.83
CA SER A 98 -9.06 -7.97 4.21
C SER A 98 -8.16 -7.61 3.04
N LEU A 99 -7.50 -6.47 3.16
CA LEU A 99 -6.60 -6.01 2.10
C LEU A 99 -5.15 -6.30 2.46
N LEU A 100 -4.37 -6.73 1.48
CA LEU A 100 -2.96 -7.03 1.71
C LEU A 100 -2.09 -5.83 1.36
N LEU A 101 -1.18 -5.48 2.26
CA LEU A 101 -0.30 -4.34 2.03
C LEU A 101 1.15 -4.71 2.27
N CYS A 102 2.06 -3.82 1.88
CA CYS A 102 3.48 -4.07 2.06
C CYS A 102 4.20 -2.78 2.44
N ARG A 103 5.06 -2.88 3.45
CA ARG A 103 5.81 -1.71 3.92
C ARG A 103 7.31 -1.98 3.83
N PRO A 104 7.88 -1.82 2.66
CA PRO A 104 9.34 -2.04 2.44
C PRO A 104 10.19 -1.21 3.39
N ALA A 105 11.43 -1.64 3.59
CA ALA A 105 12.34 -0.91 4.47
C ALA A 105 12.91 0.31 3.76
N PRO A 106 13.39 1.26 4.51
CA PRO A 106 13.98 2.52 3.95
C PRO A 106 15.10 2.22 2.96
N GLY A 107 14.86 2.51 1.68
CA GLY A 107 15.86 2.27 0.65
C GLY A 107 15.20 1.76 -0.63
N VAL A 108 13.99 1.22 -0.49
CA VAL A 108 13.26 0.68 -1.63
C VAL A 108 12.63 1.82 -2.43
N LEU A 109 11.79 2.61 -1.77
CA LEU A 109 11.13 3.73 -2.43
C LEU A 109 11.83 5.05 -2.07
N PRO A 110 11.84 6.00 -2.96
CA PRO A 110 12.49 7.32 -2.70
C PRO A 110 11.70 8.17 -1.72
N GLU A 111 12.29 9.28 -1.30
CA GLU A 111 11.62 10.18 -0.36
C GLU A 111 11.39 11.55 -1.00
N ILE A 112 10.55 12.36 -0.36
CA ILE A 112 10.25 13.69 -0.88
C ILE A 112 10.74 14.77 0.08
N ASP A 113 10.98 15.96 -0.45
CA ASP A 113 11.44 17.07 0.38
C ASP A 113 10.59 18.31 0.12
N THR A 114 9.67 18.60 1.04
CA THR A 114 8.80 19.76 0.89
C THR A 114 9.61 21.06 0.92
N PRO A 115 9.09 22.11 0.35
CA PRO A 115 9.79 23.43 0.32
C PRO A 115 9.83 24.09 1.70
N GLY A 116 11.00 24.60 2.07
CA GLY A 116 11.16 25.26 3.35
C GLY A 116 11.70 26.68 3.17
N ASN A 117 11.62 27.48 4.24
CA ASN A 117 12.10 28.86 4.18
C ASN A 117 12.50 29.33 5.57
N SER A 118 12.32 28.48 6.56
CA SER A 118 12.67 28.83 7.94
C SER A 118 13.09 27.59 8.72
N SER A 119 12.25 26.57 8.72
CA SER A 119 12.55 25.33 9.42
C SER A 119 13.35 24.38 8.53
N THR A 1 20.52 -3.41 3.78
CA THR A 1 21.34 -4.22 4.72
C THR A 1 20.53 -5.41 5.21
N PRO A 2 20.07 -6.23 4.30
CA PRO A 2 19.26 -7.44 4.63
C PRO A 2 20.09 -8.53 5.31
N HIS A 3 21.42 -8.39 5.21
CA HIS A 3 22.31 -9.36 5.81
C HIS A 3 21.84 -9.73 7.22
N VAL A 4 21.74 -8.72 8.09
CA VAL A 4 21.30 -8.94 9.46
C VAL A 4 19.80 -8.71 9.58
N LYS A 5 19.11 -9.63 10.26
CA LYS A 5 17.68 -9.52 10.45
C LYS A 5 17.36 -9.05 11.87
N ASP A 6 17.15 -7.75 12.02
CA ASP A 6 16.84 -7.20 13.34
C ASP A 6 15.54 -7.80 13.88
N TYR A 7 14.41 -7.26 13.43
CA TYR A 7 13.11 -7.75 13.87
C TYR A 7 12.32 -8.30 12.70
N SER A 8 11.40 -9.21 12.99
CA SER A 8 10.57 -9.80 11.95
C SER A 8 9.59 -8.78 11.39
N PHE A 9 9.85 -7.51 11.66
CA PHE A 9 8.97 -6.44 11.18
C PHE A 9 9.65 -5.67 10.06
N VAL A 10 10.95 -5.91 9.88
CA VAL A 10 11.70 -5.22 8.83
C VAL A 10 12.51 -6.22 8.01
N THR A 11 11.89 -6.76 6.96
CA THR A 11 12.57 -7.73 6.11
C THR A 11 12.29 -7.43 4.64
N GLU A 12 13.08 -8.03 3.76
CA GLU A 12 12.92 -7.81 2.32
C GLU A 12 11.55 -8.34 1.86
N ASP A 13 10.95 -9.18 2.68
CA ASP A 13 9.64 -9.75 2.35
C ASP A 13 8.55 -9.11 3.20
N ASN A 14 8.83 -7.92 3.71
CA ASN A 14 7.87 -7.21 4.55
C ASN A 14 6.45 -7.34 3.97
N THR A 15 5.51 -7.74 4.81
CA THR A 15 4.14 -7.91 4.37
C THR A 15 3.18 -7.86 5.57
N PHE A 16 1.99 -7.33 5.34
CA PHE A 16 0.99 -7.23 6.40
C PHE A 16 -0.38 -6.95 5.81
N GLU A 17 -1.39 -7.64 6.32
CA GLU A 17 -2.76 -7.46 5.83
C GLU A 17 -3.65 -6.93 6.95
N VAL A 18 -4.58 -6.05 6.59
CA VAL A 18 -5.49 -5.48 7.58
C VAL A 18 -6.90 -5.40 7.02
N LYS A 19 -7.89 -5.66 7.88
CA LYS A 19 -9.29 -5.62 7.47
C LYS A 19 -10.03 -4.50 8.17
N LEU A 20 -10.92 -3.83 7.45
CA LEU A 20 -11.70 -2.74 8.02
C LEU A 20 -13.17 -2.86 7.63
N PHE A 21 -14.04 -2.23 8.40
CA PHE A 21 -15.47 -2.28 8.13
C PHE A 21 -16.08 -0.89 8.19
N LYS A 22 -16.72 -0.48 7.10
CA LYS A 22 -17.35 0.83 7.04
C LYS A 22 -18.70 0.75 6.33
N ASN A 23 -19.33 1.91 6.13
CA ASN A 23 -20.61 1.95 5.46
C ASN A 23 -20.45 2.18 3.96
N SER A 24 -21.57 2.35 3.26
CA SER A 24 -21.53 2.58 1.83
C SER A 24 -20.96 3.96 1.52
N SER A 25 -19.65 4.03 1.31
CA SER A 25 -18.99 5.29 1.01
C SER A 25 -17.56 5.06 0.54
N GLY A 26 -16.75 6.12 0.57
CA GLY A 26 -15.37 6.02 0.14
C GLY A 26 -14.47 5.60 1.30
N LEU A 27 -13.16 5.61 1.06
CA LEU A 27 -12.21 5.24 2.10
C LEU A 27 -11.55 6.48 2.71
N GLY A 28 -10.64 6.24 3.66
CA GLY A 28 -9.95 7.36 4.31
C GLY A 28 -8.62 7.65 3.63
N PHE A 29 -8.37 6.97 2.51
CA PHE A 29 -7.12 7.17 1.78
C PHE A 29 -7.35 7.04 0.28
N SER A 30 -6.46 7.64 -0.50
CA SER A 30 -6.56 7.59 -1.96
C SER A 30 -5.30 6.95 -2.54
N PHE A 31 -5.47 5.82 -3.21
CA PHE A 31 -4.34 5.12 -3.81
C PHE A 31 -4.09 5.61 -5.23
N SER A 32 -2.86 5.41 -5.71
CA SER A 32 -2.50 5.83 -7.05
C SER A 32 -1.83 4.69 -7.80
N ARG A 33 -1.98 4.69 -9.12
CA ARG A 33 -1.39 3.65 -9.97
C ARG A 33 -0.32 4.26 -10.88
N GLU A 34 0.93 3.90 -10.62
CA GLU A 34 2.03 4.41 -11.43
C GLU A 34 3.06 3.32 -11.70
N ASP A 35 3.87 3.52 -12.73
CA ASP A 35 4.89 2.55 -13.09
C ASP A 35 6.24 3.22 -13.27
N ASN A 36 7.24 2.46 -13.70
CA ASN A 36 8.57 2.99 -13.89
C ASN A 36 9.20 3.41 -12.57
N LEU A 37 8.65 2.89 -11.48
CA LEU A 37 9.16 3.21 -10.15
C LEU A 37 10.03 2.07 -9.62
N ILE A 38 9.53 0.85 -9.74
CA ILE A 38 10.26 -0.33 -9.27
C ILE A 38 10.46 -1.32 -10.42
N PRO A 39 11.51 -1.17 -11.17
CA PRO A 39 11.80 -2.07 -12.32
C PRO A 39 12.42 -3.39 -11.88
N GLU A 40 12.82 -3.45 -10.61
CA GLU A 40 13.42 -4.67 -10.06
C GLU A 40 12.34 -5.66 -9.67
N GLN A 41 11.13 -5.15 -9.41
CA GLN A 41 10.02 -5.99 -9.03
C GLN A 41 9.69 -6.99 -10.14
N ILE A 42 8.41 -7.23 -10.35
CA ILE A 42 7.98 -8.16 -11.39
C ILE A 42 7.41 -7.41 -12.59
N ASN A 43 7.52 -8.00 -13.77
CA ASN A 43 7.02 -7.37 -14.98
C ASN A 43 5.58 -6.93 -14.79
N GLY A 44 5.39 -5.68 -14.39
CA GLY A 44 4.06 -5.13 -14.17
C GLY A 44 4.11 -3.90 -13.28
N SER A 45 2.94 -3.44 -12.83
CA SER A 45 2.86 -2.28 -11.96
C SER A 45 2.00 -2.58 -10.74
N ILE A 46 2.38 -2.01 -9.60
CA ILE A 46 1.63 -2.21 -8.36
C ILE A 46 0.94 -0.93 -7.94
N VAL A 47 0.10 -1.04 -6.90
CA VAL A 47 -0.63 0.12 -6.40
C VAL A 47 -0.02 0.59 -5.09
N ARG A 48 0.00 1.91 -4.88
CA ARG A 48 0.55 2.47 -3.66
C ARG A 48 -0.33 3.57 -3.11
N VAL A 49 -0.43 3.64 -1.78
CA VAL A 49 -1.25 4.66 -1.14
C VAL A 49 -0.78 6.05 -1.56
N LYS A 50 -1.71 7.00 -1.64
CA LYS A 50 -1.36 8.36 -2.04
C LYS A 50 -1.73 9.36 -0.96
N LYS A 51 -2.48 8.92 0.03
CA LYS A 51 -2.88 9.81 1.11
C LYS A 51 -3.58 9.05 2.23
N LEU A 52 -3.19 9.32 3.46
CA LEU A 52 -3.79 8.67 4.62
C LEU A 52 -3.88 9.65 5.79
N PHE A 53 -5.08 9.82 6.33
CA PHE A 53 -5.28 10.73 7.45
C PHE A 53 -4.96 10.02 8.77
N PRO A 54 -4.41 10.72 9.73
CA PRO A 54 -4.07 10.13 11.05
C PRO A 54 -5.30 9.88 11.91
N GLY A 55 -5.33 8.73 12.59
CA GLY A 55 -6.47 8.39 13.45
C GLY A 55 -7.45 7.48 12.72
N GLN A 56 -7.27 7.35 11.41
CA GLN A 56 -8.15 6.51 10.61
C GLN A 56 -7.68 5.05 10.66
N PRO A 57 -8.59 4.12 10.51
CA PRO A 57 -8.25 2.66 10.53
C PRO A 57 -6.94 2.37 9.78
N ALA A 58 -6.91 2.71 8.50
CA ALA A 58 -5.72 2.48 7.69
C ALA A 58 -4.49 3.06 8.38
N ALA A 59 -4.72 3.84 9.43
CA ALA A 59 -3.64 4.44 10.18
C ALA A 59 -3.64 3.93 11.62
N GLU A 60 -4.68 3.21 11.97
CA GLU A 60 -4.80 2.66 13.31
C GLU A 60 -4.13 1.30 13.40
N SER A 61 -3.86 0.72 12.24
CA SER A 61 -3.20 -0.59 12.17
C SER A 61 -2.02 -0.64 13.12
N GLY A 62 -1.26 0.46 13.19
CA GLY A 62 -0.10 0.51 14.07
C GLY A 62 1.09 1.17 13.38
N LYS A 63 1.41 0.73 12.17
CA LYS A 63 2.53 1.29 11.43
C LYS A 63 2.21 1.41 9.95
N ILE A 64 1.37 2.37 9.60
CA ILE A 64 0.99 2.58 8.20
C ILE A 64 1.42 3.97 7.76
N ASP A 65 1.50 4.17 6.44
CA ASP A 65 1.89 5.47 5.91
C ASP A 65 1.53 5.56 4.42
N VAL A 66 1.95 6.65 3.80
CA VAL A 66 1.67 6.87 2.38
C VAL A 66 2.72 6.17 1.52
N GLY A 67 2.37 4.99 1.00
CA GLY A 67 3.30 4.25 0.15
C GLY A 67 3.06 2.75 0.24
N ASP A 68 2.24 2.33 1.21
CA ASP A 68 1.94 0.91 1.39
C ASP A 68 1.55 0.28 0.05
N VAL A 69 2.28 -0.76 -0.34
CA VAL A 69 2.00 -1.44 -1.60
C VAL A 69 0.96 -2.54 -1.40
N ILE A 70 -0.18 -2.38 -2.08
CA ILE A 70 -1.25 -3.37 -1.97
C ILE A 70 -1.08 -4.46 -3.02
N LEU A 71 -1.23 -5.71 -2.60
CA LEU A 71 -1.09 -6.83 -3.53
C LEU A 71 -2.46 -7.37 -3.94
N LYS A 72 -3.25 -7.79 -2.97
CA LYS A 72 -4.58 -8.32 -3.25
C LYS A 72 -5.63 -7.61 -2.41
N VAL A 73 -6.90 -7.87 -2.74
CA VAL A 73 -8.01 -7.25 -2.02
C VAL A 73 -9.23 -8.15 -2.04
N ASN A 74 -9.40 -8.95 -0.98
CA ASN A 74 -10.54 -9.85 -0.89
C ASN A 74 -10.33 -11.05 -1.81
N GLY A 75 -9.08 -11.31 -2.16
CA GLY A 75 -8.76 -12.43 -3.04
C GLY A 75 -8.98 -12.06 -4.51
N ALA A 76 -8.61 -10.83 -4.86
CA ALA A 76 -8.77 -10.36 -6.24
C ALA A 76 -7.47 -9.76 -6.75
N PRO A 77 -6.53 -10.60 -7.11
CA PRO A 77 -5.21 -10.15 -7.64
C PRO A 77 -5.35 -9.12 -8.76
N LEU A 78 -4.26 -8.41 -9.04
CA LEU A 78 -4.26 -7.40 -10.09
C LEU A 78 -3.60 -7.95 -11.35
N LYS A 79 -2.63 -8.85 -11.16
CA LYS A 79 -1.92 -9.44 -12.29
C LYS A 79 -2.87 -9.68 -13.46
N GLY A 80 -2.87 -8.77 -14.42
CA GLY A 80 -3.73 -8.89 -15.59
C GLY A 80 -4.56 -7.63 -15.79
N LEU A 81 -5.32 -7.25 -14.76
CA LEU A 81 -6.15 -6.06 -14.84
C LEU A 81 -5.33 -4.80 -14.62
N SER A 82 -5.88 -3.66 -15.00
CA SER A 82 -5.18 -2.39 -14.84
C SER A 82 -5.89 -1.51 -13.82
N GLN A 83 -5.38 -0.29 -13.64
CA GLN A 83 -5.96 0.64 -12.68
C GLN A 83 -7.48 0.53 -12.67
N GLN A 84 -8.07 0.25 -13.83
CA GLN A 84 -9.51 0.13 -13.94
C GLN A 84 -10.07 -0.73 -12.81
N ASP A 85 -9.57 -1.96 -12.71
CA ASP A 85 -10.03 -2.89 -11.68
C ASP A 85 -9.64 -2.40 -10.29
N VAL A 86 -8.44 -1.86 -10.18
CA VAL A 86 -7.95 -1.36 -8.89
C VAL A 86 -8.94 -0.38 -8.27
N ILE A 87 -9.59 0.42 -9.12
CA ILE A 87 -10.55 1.40 -8.64
C ILE A 87 -11.91 0.74 -8.42
N SER A 88 -12.24 -0.23 -9.26
CA SER A 88 -13.51 -0.92 -9.15
C SER A 88 -13.58 -1.72 -7.85
N ALA A 89 -12.59 -2.58 -7.64
CA ALA A 89 -12.54 -3.39 -6.43
C ALA A 89 -12.49 -2.51 -5.19
N LEU A 90 -11.88 -1.34 -5.32
CA LEU A 90 -11.76 -0.41 -4.20
C LEU A 90 -13.15 -0.12 -3.63
N ARG A 91 -14.17 -0.25 -4.46
CA ARG A 91 -15.55 0.01 -4.04
C ARG A 91 -15.93 -0.90 -2.87
N GLY A 92 -15.67 -2.19 -3.02
CA GLY A 92 -16.01 -3.16 -1.98
C GLY A 92 -17.49 -3.12 -1.65
N THR A 93 -18.27 -3.91 -2.38
CA THR A 93 -19.71 -3.97 -2.17
C THR A 93 -20.04 -4.40 -0.74
N ALA A 94 -19.17 -5.24 -0.17
CA ALA A 94 -19.39 -5.72 1.19
C ALA A 94 -18.77 -4.77 2.21
N PRO A 95 -19.22 -4.81 3.43
CA PRO A 95 -18.69 -3.95 4.52
C PRO A 95 -17.28 -4.33 4.94
N GLU A 96 -17.12 -5.59 5.33
CA GLU A 96 -15.81 -6.10 5.75
C GLU A 96 -14.94 -6.38 4.54
N VAL A 97 -13.78 -5.71 4.48
CA VAL A 97 -12.86 -5.90 3.37
C VAL A 97 -11.44 -6.12 3.87
N SER A 98 -10.78 -7.15 3.35
CA SER A 98 -9.41 -7.46 3.75
C SER A 98 -8.45 -7.12 2.61
N LEU A 99 -7.48 -6.27 2.89
CA LEU A 99 -6.52 -5.87 1.87
C LEU A 99 -5.09 -6.17 2.31
N LEU A 100 -4.35 -6.86 1.44
CA LEU A 100 -2.96 -7.20 1.72
C LEU A 100 -2.07 -6.00 1.41
N LEU A 101 -1.13 -5.70 2.30
CA LEU A 101 -0.24 -4.57 2.10
C LEU A 101 1.22 -4.96 2.28
N CYS A 102 2.11 -4.07 1.89
CA CYS A 102 3.54 -4.32 2.02
C CYS A 102 4.26 -3.04 2.42
N ARG A 103 5.14 -3.16 3.41
CA ARG A 103 5.88 -2.00 3.89
C ARG A 103 7.39 -2.28 3.91
N PRO A 104 8.01 -2.24 2.76
CA PRO A 104 9.48 -2.50 2.63
C PRO A 104 10.30 -1.53 3.48
N ALA A 105 11.61 -1.75 3.54
CA ALA A 105 12.49 -0.90 4.31
C ALA A 105 12.71 0.43 3.60
N PRO A 106 13.19 1.41 4.31
CA PRO A 106 13.48 2.76 3.73
C PRO A 106 14.67 2.74 2.78
N GLY A 107 14.40 2.94 1.50
CA GLY A 107 15.47 2.94 0.50
C GLY A 107 14.93 2.51 -0.86
N VAL A 108 13.98 1.59 -0.85
CA VAL A 108 13.39 1.10 -2.10
C VAL A 108 12.35 2.09 -2.61
N LEU A 109 11.78 2.87 -1.71
CA LEU A 109 10.77 3.85 -2.07
C LEU A 109 11.15 5.24 -1.53
N PRO A 110 10.85 6.29 -2.25
CA PRO A 110 11.18 7.68 -1.80
C PRO A 110 10.26 8.16 -0.68
N GLU A 111 10.79 9.02 0.19
CA GLU A 111 10.01 9.54 1.30
C GLU A 111 9.34 10.85 0.90
N ILE A 112 8.40 11.31 1.71
CA ILE A 112 7.70 12.56 1.42
C ILE A 112 8.66 13.75 1.52
N ASP A 113 8.51 14.70 0.61
CA ASP A 113 9.36 15.88 0.59
C ASP A 113 9.43 16.51 1.98
N THR A 114 10.46 16.18 2.74
CA THR A 114 10.62 16.72 4.07
C THR A 114 10.95 18.21 4.02
N PRO A 115 10.62 18.94 5.05
CA PRO A 115 10.88 20.41 5.11
C PRO A 115 12.37 20.73 5.30
N GLY A 116 12.73 21.99 5.10
CA GLY A 116 14.11 22.42 5.25
C GLY A 116 14.75 22.72 3.90
N ASN A 117 15.47 23.84 3.82
CA ASN A 117 16.12 24.23 2.58
C ASN A 117 16.84 23.03 1.96
N SER A 118 16.35 22.58 0.81
CA SER A 118 16.96 21.44 0.13
C SER A 118 18.36 21.79 -0.36
N SER A 119 19.21 20.78 -0.48
CA SER A 119 20.57 20.99 -0.95
C SER A 119 20.78 20.34 -2.31
N THR A 1 19.03 -15.80 30.97
CA THR A 1 20.04 -14.97 30.25
C THR A 1 19.73 -14.98 28.75
N PRO A 2 18.61 -14.42 28.37
CA PRO A 2 18.19 -14.36 26.95
C PRO A 2 18.93 -13.27 26.17
N HIS A 3 19.02 -13.45 24.86
CA HIS A 3 19.70 -12.48 24.00
C HIS A 3 18.69 -11.60 23.28
N VAL A 4 19.17 -10.50 22.72
CA VAL A 4 18.29 -9.57 22.01
C VAL A 4 18.28 -9.90 20.51
N LYS A 5 17.13 -9.71 19.88
CA LYS A 5 16.98 -9.98 18.46
C LYS A 5 17.08 -8.69 17.66
N ASP A 6 17.40 -8.81 16.37
CA ASP A 6 17.52 -7.65 15.51
C ASP A 6 16.30 -7.53 14.59
N TYR A 7 15.69 -8.67 14.27
CA TYR A 7 14.53 -8.66 13.40
C TYR A 7 13.28 -9.13 14.15
N SER A 8 12.13 -8.62 13.73
CA SER A 8 10.86 -8.98 14.36
C SER A 8 9.70 -8.65 13.42
N PHE A 9 9.99 -7.85 12.41
CA PHE A 9 8.98 -7.44 11.44
C PHE A 9 9.61 -6.66 10.30
N VAL A 10 10.90 -6.90 10.06
CA VAL A 10 11.62 -6.22 8.99
C VAL A 10 12.23 -7.22 8.03
N THR A 11 11.44 -7.67 7.06
CA THR A 11 11.91 -8.65 6.08
C THR A 11 11.74 -8.12 4.67
N GLU A 12 12.60 -8.56 3.76
CA GLU A 12 12.53 -8.12 2.37
C GLU A 12 11.17 -8.45 1.78
N ASP A 13 10.32 -9.08 2.58
CA ASP A 13 8.98 -9.46 2.14
C ASP A 13 7.92 -8.72 2.94
N ASN A 14 8.29 -7.54 3.45
CA ASN A 14 7.36 -6.74 4.23
C ASN A 14 5.95 -6.85 3.67
N THR A 15 5.06 -7.48 4.43
CA THR A 15 3.68 -7.64 4.00
C THR A 15 2.74 -7.64 5.20
N PHE A 16 1.54 -7.14 5.02
CA PHE A 16 0.56 -7.09 6.09
C PHE A 16 -0.84 -6.84 5.53
N GLU A 17 -1.83 -7.50 6.13
CA GLU A 17 -3.21 -7.36 5.67
C GLU A 17 -4.08 -6.73 6.76
N VAL A 18 -4.89 -5.75 6.37
CA VAL A 18 -5.77 -5.08 7.33
C VAL A 18 -7.23 -5.23 6.91
N LYS A 19 -8.08 -5.62 7.85
CA LYS A 19 -9.49 -5.80 7.56
C LYS A 19 -10.31 -4.63 8.08
N LEU A 20 -10.96 -3.92 7.16
CA LEU A 20 -11.78 -2.78 7.52
C LEU A 20 -13.26 -3.11 7.38
N PHE A 21 -14.11 -2.23 7.90
CA PHE A 21 -15.55 -2.45 7.83
C PHE A 21 -16.07 -2.08 6.44
N LYS A 22 -17.37 -2.26 6.24
CA LYS A 22 -17.99 -1.94 4.95
C LYS A 22 -17.37 -0.67 4.37
N ASN A 23 -17.30 -0.61 3.04
CA ASN A 23 -16.74 0.55 2.37
C ASN A 23 -17.51 1.82 2.74
N SER A 24 -16.98 2.56 3.71
CA SER A 24 -17.62 3.80 4.16
C SER A 24 -17.50 4.88 3.08
N SER A 25 -18.57 5.65 2.91
CA SER A 25 -18.58 6.72 1.92
C SER A 25 -17.57 7.80 2.29
N GLY A 26 -16.29 7.46 2.28
CA GLY A 26 -15.25 8.42 2.62
C GLY A 26 -13.96 7.71 3.04
N LEU A 27 -12.96 7.75 2.16
CA LEU A 27 -11.69 7.10 2.46
C LEU A 27 -10.68 8.13 2.95
N GLY A 28 -10.00 7.80 4.04
CA GLY A 28 -9.01 8.70 4.61
C GLY A 28 -7.75 8.76 3.75
N PHE A 29 -7.69 7.90 2.74
CA PHE A 29 -6.54 7.86 1.85
C PHE A 29 -6.98 7.84 0.40
N SER A 30 -6.05 8.19 -0.50
CA SER A 30 -6.33 8.19 -1.92
C SER A 30 -5.21 7.47 -2.66
N PHE A 31 -5.56 6.36 -3.29
CA PHE A 31 -4.57 5.58 -4.02
C PHE A 31 -4.60 5.92 -5.50
N SER A 32 -3.55 5.51 -6.22
CA SER A 32 -3.47 5.78 -7.65
C SER A 32 -2.50 4.82 -8.33
N ARG A 33 -2.54 4.78 -9.66
CA ARG A 33 -1.67 3.92 -10.43
C ARG A 33 -0.68 4.75 -11.23
N GLU A 34 0.57 4.76 -10.80
CA GLU A 34 1.60 5.53 -11.48
C GLU A 34 2.99 4.95 -11.19
N ASP A 35 3.75 4.69 -12.24
CA ASP A 35 5.09 4.14 -12.09
C ASP A 35 6.14 5.15 -12.53
N ASN A 36 7.06 5.47 -11.62
CA ASN A 36 8.11 6.44 -11.92
C ASN A 36 9.07 6.58 -10.74
N LEU A 37 9.05 5.59 -9.86
CA LEU A 37 9.92 5.61 -8.70
C LEU A 37 10.98 4.51 -8.78
N ILE A 38 10.52 3.26 -8.82
CA ILE A 38 11.42 2.12 -8.89
C ILE A 38 10.72 0.93 -9.55
N PRO A 39 10.38 1.04 -10.80
CA PRO A 39 9.68 -0.05 -11.54
C PRO A 39 10.58 -1.27 -11.76
N GLU A 40 11.87 -1.09 -11.47
CA GLU A 40 12.83 -2.19 -11.63
C GLU A 40 12.53 -3.30 -10.62
N GLN A 41 11.58 -3.04 -9.74
CA GLN A 41 11.20 -4.01 -8.73
C GLN A 41 10.57 -5.25 -9.37
N ILE A 42 9.79 -5.98 -8.60
CA ILE A 42 9.14 -7.18 -9.10
C ILE A 42 7.66 -6.89 -9.42
N ASN A 43 6.98 -7.90 -9.96
CA ASN A 43 5.57 -7.75 -10.30
C ASN A 43 5.34 -6.44 -11.07
N GLY A 44 6.31 -6.07 -11.89
CA GLY A 44 6.20 -4.85 -12.67
C GLY A 44 5.62 -3.71 -11.83
N SER A 45 4.84 -2.85 -12.47
CA SER A 45 4.22 -1.72 -11.78
C SER A 45 3.00 -2.17 -11.00
N ILE A 46 2.63 -1.40 -9.97
CA ILE A 46 1.48 -1.72 -9.15
C ILE A 46 0.80 -0.45 -8.64
N VAL A 47 -0.16 -0.61 -7.73
CA VAL A 47 -0.87 0.53 -7.16
C VAL A 47 -0.27 0.91 -5.82
N ARG A 48 -0.33 2.20 -5.48
CA ARG A 48 0.22 2.66 -4.21
C ARG A 48 -0.64 3.77 -3.61
N VAL A 49 -0.57 3.92 -2.28
CA VAL A 49 -1.34 4.94 -1.59
C VAL A 49 -0.79 6.32 -1.94
N LYS A 50 -1.68 7.28 -2.14
CA LYS A 50 -1.26 8.63 -2.50
C LYS A 50 -1.46 9.60 -1.34
N LYS A 51 -2.18 9.17 -0.30
CA LYS A 51 -2.41 10.04 0.85
C LYS A 51 -3.01 9.27 2.01
N LEU A 52 -2.89 9.82 3.22
CA LEU A 52 -3.44 9.19 4.41
C LEU A 52 -3.83 10.23 5.45
N PHE A 53 -4.90 9.95 6.18
CA PHE A 53 -5.37 10.87 7.20
C PHE A 53 -5.17 10.26 8.59
N PRO A 54 -4.10 10.57 9.28
CA PRO A 54 -3.83 10.02 10.63
C PRO A 54 -5.06 10.05 11.53
N GLY A 55 -5.48 8.88 11.97
CA GLY A 55 -6.65 8.78 12.83
C GLY A 55 -7.65 7.77 12.27
N GLN A 56 -7.55 7.52 10.96
CA GLN A 56 -8.44 6.58 10.30
C GLN A 56 -7.88 5.17 10.37
N PRO A 57 -8.72 4.17 10.29
CA PRO A 57 -8.28 2.75 10.34
C PRO A 57 -6.99 2.51 9.56
N ALA A 58 -6.97 2.93 8.29
CA ALA A 58 -5.79 2.75 7.46
C ALA A 58 -4.56 3.32 8.16
N ALA A 59 -4.78 3.98 9.29
CA ALA A 59 -3.69 4.57 10.05
C ALA A 59 -3.67 3.98 11.46
N GLU A 60 -4.72 3.22 11.78
CA GLU A 60 -4.83 2.58 13.08
C GLU A 60 -4.10 1.24 13.08
N SER A 61 -3.83 0.74 11.88
CA SER A 61 -3.14 -0.54 11.74
C SER A 61 -1.93 -0.60 12.66
N GLY A 62 -1.25 0.53 12.81
CA GLY A 62 -0.07 0.59 13.68
C GLY A 62 1.06 1.37 13.02
N LYS A 63 1.38 1.02 11.78
CA LYS A 63 2.45 1.71 11.06
C LYS A 63 2.13 1.80 9.57
N ILE A 64 1.22 2.71 9.23
CA ILE A 64 0.84 2.89 7.83
C ILE A 64 1.28 4.27 7.34
N ASP A 65 1.39 4.42 6.03
CA ASP A 65 1.79 5.70 5.45
C ASP A 65 1.55 5.71 3.95
N VAL A 66 1.96 6.79 3.30
CA VAL A 66 1.78 6.93 1.86
C VAL A 66 2.86 6.14 1.11
N GLY A 67 2.48 5.00 0.55
CA GLY A 67 3.43 4.17 -0.18
C GLY A 67 3.01 2.71 -0.19
N ASP A 68 2.22 2.31 0.80
CA ASP A 68 1.76 0.94 0.89
C ASP A 68 1.21 0.48 -0.45
N VAL A 69 1.81 -0.58 -1.00
CA VAL A 69 1.38 -1.10 -2.29
C VAL A 69 0.30 -2.17 -2.10
N ILE A 70 -0.85 -1.96 -2.72
CA ILE A 70 -1.95 -2.90 -2.63
C ILE A 70 -1.75 -4.05 -3.61
N LEU A 71 -1.98 -5.27 -3.15
CA LEU A 71 -1.81 -6.45 -4.00
C LEU A 71 -3.14 -7.16 -4.23
N LYS A 72 -3.77 -7.59 -3.14
CA LYS A 72 -5.04 -8.29 -3.24
C LYS A 72 -6.10 -7.63 -2.37
N VAL A 73 -7.33 -8.15 -2.47
CA VAL A 73 -8.43 -7.62 -1.70
C VAL A 73 -9.46 -8.71 -1.41
N ASN A 74 -9.29 -9.39 -0.28
CA ASN A 74 -10.20 -10.47 0.11
C ASN A 74 -9.98 -11.68 -0.79
N GLY A 75 -9.05 -11.57 -1.72
CA GLY A 75 -8.75 -12.67 -2.64
C GLY A 75 -8.97 -12.25 -4.08
N ALA A 76 -8.53 -11.05 -4.42
CA ALA A 76 -8.69 -10.53 -5.77
C ALA A 76 -7.33 -10.13 -6.36
N PRO A 77 -6.58 -11.08 -6.84
CA PRO A 77 -5.24 -10.84 -7.44
C PRO A 77 -5.29 -9.78 -8.53
N LEU A 78 -4.42 -8.79 -8.44
CA LEU A 78 -4.37 -7.72 -9.42
C LEU A 78 -3.11 -7.82 -10.27
N LYS A 79 -2.81 -9.04 -10.72
CA LYS A 79 -1.63 -9.27 -11.56
C LYS A 79 -1.99 -9.13 -13.04
N GLY A 80 -1.46 -8.08 -13.66
CA GLY A 80 -1.74 -7.85 -15.08
C GLY A 80 -2.97 -6.98 -15.27
N LEU A 81 -3.80 -6.89 -14.23
CA LEU A 81 -5.02 -6.10 -14.29
C LEU A 81 -4.67 -4.61 -14.43
N SER A 82 -5.69 -3.80 -14.69
CA SER A 82 -5.48 -2.36 -14.84
C SER A 82 -6.14 -1.60 -13.72
N GLN A 83 -5.88 -0.30 -13.66
CA GLN A 83 -6.47 0.55 -12.61
C GLN A 83 -7.95 0.24 -12.43
N GLN A 84 -8.56 -0.30 -13.48
CA GLN A 84 -9.97 -0.64 -13.43
C GLN A 84 -10.28 -1.51 -12.22
N ASP A 85 -9.66 -2.68 -12.16
CA ASP A 85 -9.89 -3.61 -11.06
C ASP A 85 -9.33 -3.05 -9.75
N VAL A 86 -8.47 -2.04 -9.86
CA VAL A 86 -7.87 -1.44 -8.67
C VAL A 86 -8.90 -0.58 -7.95
N ILE A 87 -9.71 0.15 -8.72
CA ILE A 87 -10.74 1.01 -8.14
C ILE A 87 -12.02 0.21 -7.90
N SER A 88 -12.23 -0.83 -8.71
CA SER A 88 -13.42 -1.65 -8.56
C SER A 88 -13.25 -2.66 -7.43
N ALA A 89 -12.01 -3.10 -7.22
CA ALA A 89 -11.73 -4.06 -6.16
C ALA A 89 -11.73 -3.35 -4.81
N LEU A 90 -11.37 -2.08 -4.82
CA LEU A 90 -11.33 -1.29 -3.60
C LEU A 90 -12.74 -1.11 -3.05
N ARG A 91 -13.71 -0.98 -3.95
CA ARG A 91 -15.10 -0.82 -3.54
C ARG A 91 -15.52 -1.95 -2.60
N GLY A 92 -15.21 -3.18 -2.99
CA GLY A 92 -15.56 -4.34 -2.18
C GLY A 92 -17.06 -4.42 -1.96
N THR A 93 -17.51 -5.49 -1.31
CA THR A 93 -18.94 -5.68 -1.05
C THR A 93 -19.17 -6.05 0.41
N ALA A 94 -18.78 -7.27 0.78
CA ALA A 94 -18.97 -7.75 2.14
C ALA A 94 -18.57 -6.66 3.14
N PRO A 95 -19.05 -6.77 4.35
CA PRO A 95 -18.75 -5.78 5.43
C PRO A 95 -17.28 -5.79 5.83
N GLU A 96 -16.78 -6.97 6.18
CA GLU A 96 -15.38 -7.11 6.58
C GLU A 96 -14.53 -7.47 5.37
N VAL A 97 -13.89 -6.45 4.79
CA VAL A 97 -13.05 -6.67 3.62
C VAL A 97 -11.57 -6.68 4.01
N SER A 98 -10.85 -7.68 3.53
CA SER A 98 -9.42 -7.79 3.82
C SER A 98 -8.58 -7.23 2.68
N LEU A 99 -7.63 -6.37 3.02
CA LEU A 99 -6.78 -5.77 2.01
C LEU A 99 -5.31 -6.07 2.28
N LEU A 100 -4.65 -6.67 1.29
CA LEU A 100 -3.23 -7.01 1.42
C LEU A 100 -2.37 -5.83 0.99
N LEU A 101 -1.39 -5.47 1.82
CA LEU A 101 -0.50 -4.36 1.50
C LEU A 101 0.96 -4.73 1.74
N CYS A 102 1.85 -3.81 1.42
CA CYS A 102 3.28 -4.04 1.60
C CYS A 102 3.96 -2.78 2.11
N ARG A 103 4.78 -2.93 3.16
CA ARG A 103 5.48 -1.80 3.74
C ARG A 103 6.99 -2.03 3.73
N PRO A 104 7.62 -1.80 2.61
CA PRO A 104 9.09 -1.99 2.46
C PRO A 104 9.87 -1.18 3.51
N ALA A 105 11.07 -1.64 3.83
CA ALA A 105 11.91 -0.95 4.80
C ALA A 105 12.80 0.08 4.12
N PRO A 106 13.26 1.06 4.85
CA PRO A 106 14.14 2.12 4.30
C PRO A 106 15.16 1.57 3.30
N GLY A 107 15.34 2.28 2.19
CA GLY A 107 16.29 1.85 1.17
C GLY A 107 15.58 1.58 -0.15
N VAL A 108 14.48 0.83 -0.08
CA VAL A 108 13.71 0.50 -1.28
C VAL A 108 13.10 1.75 -1.90
N LEU A 109 12.76 2.71 -1.05
CA LEU A 109 12.17 3.96 -1.52
C LEU A 109 13.06 5.14 -1.14
N PRO A 110 14.07 5.42 -1.92
CA PRO A 110 15.01 6.54 -1.65
C PRO A 110 14.27 7.85 -1.35
N GLU A 111 14.72 8.55 -0.31
CA GLU A 111 14.08 9.80 0.07
C GLU A 111 14.82 10.99 -0.56
N ILE A 112 14.11 12.09 -0.75
CA ILE A 112 14.69 13.28 -1.35
C ILE A 112 14.49 14.49 -0.44
N ASP A 113 15.37 15.47 -0.57
CA ASP A 113 15.28 16.68 0.25
C ASP A 113 15.28 17.93 -0.64
N THR A 114 14.13 18.60 -0.70
CA THR A 114 14.02 19.81 -1.51
C THR A 114 14.04 21.05 -0.63
N PRO A 115 14.44 22.17 -1.18
CA PRO A 115 14.51 23.46 -0.43
C PRO A 115 13.12 24.01 -0.10
N GLY A 116 12.82 24.12 1.19
CA GLY A 116 11.52 24.63 1.62
C GLY A 116 11.68 25.73 2.65
N ASN A 117 11.38 25.41 3.91
CA ASN A 117 11.50 26.39 4.98
C ASN A 117 12.81 26.19 5.74
N SER A 118 13.07 24.96 6.16
CA SER A 118 14.30 24.66 6.89
C SER A 118 14.46 23.15 7.05
N SER A 119 13.36 22.42 6.83
CA SER A 119 13.39 20.97 6.95
C SER A 119 14.48 20.37 6.07
N THR A 1 28.42 -11.75 3.88
CA THR A 1 27.11 -11.05 3.72
C THR A 1 26.47 -10.86 5.08
N PRO A 2 27.07 -10.05 5.92
CA PRO A 2 26.56 -9.75 7.28
C PRO A 2 25.08 -9.39 7.28
N HIS A 3 24.35 -9.90 8.27
CA HIS A 3 22.92 -9.60 8.38
C HIS A 3 22.46 -9.74 9.82
N VAL A 4 21.45 -8.95 10.19
CA VAL A 4 20.91 -8.99 11.54
C VAL A 4 19.40 -9.19 11.51
N LYS A 5 18.90 -9.95 12.49
CA LYS A 5 17.47 -10.22 12.56
C LYS A 5 16.81 -9.34 13.63
N ASP A 6 16.32 -8.18 13.21
CA ASP A 6 15.67 -7.26 14.14
C ASP A 6 14.25 -7.73 14.45
N TYR A 7 13.35 -7.53 13.49
CA TYR A 7 11.96 -7.93 13.67
C TYR A 7 11.49 -8.80 12.50
N SER A 8 10.64 -9.77 12.79
CA SER A 8 10.13 -10.66 11.76
C SER A 8 9.08 -9.94 10.91
N PHE A 9 9.31 -8.66 10.67
CA PHE A 9 8.37 -7.86 9.87
C PHE A 9 9.15 -6.95 8.91
N VAL A 10 10.10 -6.20 9.47
CA VAL A 10 10.90 -5.28 8.66
C VAL A 10 11.96 -6.05 7.87
N THR A 11 11.61 -6.46 6.66
CA THR A 11 12.53 -7.20 5.81
C THR A 11 12.10 -7.14 4.36
N GLU A 12 12.77 -7.91 3.51
CA GLU A 12 12.43 -7.94 2.09
C GLU A 12 11.05 -8.53 1.89
N ASP A 13 10.65 -9.43 2.78
CA ASP A 13 9.35 -10.06 2.69
C ASP A 13 8.29 -9.22 3.40
N ASN A 14 8.54 -7.92 3.50
CA ASN A 14 7.61 -7.01 4.15
C ASN A 14 6.20 -7.21 3.60
N THR A 15 5.31 -7.72 4.45
CA THR A 15 3.93 -7.95 4.05
C THR A 15 3.03 -8.03 5.27
N PHE A 16 1.82 -7.47 5.16
CA PHE A 16 0.89 -7.48 6.27
C PHE A 16 -0.55 -7.34 5.76
N GLU A 17 -1.44 -8.13 6.33
CA GLU A 17 -2.85 -8.09 5.95
C GLU A 17 -3.71 -7.66 7.13
N VAL A 18 -4.70 -6.82 6.88
CA VAL A 18 -5.57 -6.35 7.94
C VAL A 18 -7.02 -6.29 7.47
N LYS A 19 -7.94 -6.62 8.38
CA LYS A 19 -9.37 -6.59 8.05
C LYS A 19 -10.01 -5.32 8.59
N LEU A 20 -10.58 -4.52 7.69
CA LEU A 20 -11.23 -3.28 8.10
C LEU A 20 -12.67 -3.23 7.61
N PHE A 21 -13.45 -2.32 8.18
CA PHE A 21 -14.85 -2.17 7.80
C PHE A 21 -15.07 -0.81 7.14
N LYS A 22 -15.68 -0.83 5.96
CA LYS A 22 -15.93 0.41 5.23
C LYS A 22 -17.41 0.51 4.85
N ASN A 23 -18.00 1.68 5.10
CA ASN A 23 -19.40 1.90 4.77
C ASN A 23 -19.53 2.83 3.56
N SER A 24 -20.77 3.16 3.20
CA SER A 24 -21.01 4.04 2.07
C SER A 24 -20.50 5.44 2.36
N SER A 25 -19.26 5.72 1.95
CA SER A 25 -18.66 7.02 2.18
C SER A 25 -17.37 7.17 1.37
N GLY A 26 -16.65 8.25 1.61
CA GLY A 26 -15.39 8.50 0.92
C GLY A 26 -14.20 8.12 1.78
N LEU A 27 -13.39 7.18 1.29
CA LEU A 27 -12.22 6.74 2.03
C LEU A 27 -11.42 7.95 2.53
N GLY A 28 -10.44 7.68 3.38
CA GLY A 28 -9.60 8.75 3.92
C GLY A 28 -8.25 8.80 3.23
N PHE A 29 -8.04 7.90 2.27
CA PHE A 29 -6.77 7.85 1.55
C PHE A 29 -7.01 7.74 0.05
N SER A 30 -6.06 8.23 -0.72
CA SER A 30 -6.16 8.18 -2.18
C SER A 30 -5.06 7.30 -2.75
N PHE A 31 -5.44 6.21 -3.38
CA PHE A 31 -4.47 5.28 -3.95
C PHE A 31 -4.32 5.52 -5.46
N SER A 32 -3.27 4.95 -6.02
CA SER A 32 -3.01 5.09 -7.46
C SER A 32 -2.07 4.00 -7.94
N ARG A 33 -2.01 3.82 -9.25
CA ARG A 33 -1.13 2.79 -9.82
C ARG A 33 -0.53 3.28 -11.14
N GLU A 34 0.76 3.57 -11.11
CA GLU A 34 1.45 4.05 -12.31
C GLU A 34 2.93 3.65 -12.27
N ASP A 35 3.60 3.79 -13.41
CA ASP A 35 5.02 3.45 -13.48
C ASP A 35 5.88 4.61 -12.99
N ASN A 36 7.19 4.50 -13.22
CA ASN A 36 8.11 5.55 -12.80
C ASN A 36 8.20 5.61 -11.27
N LEU A 37 7.77 4.53 -10.62
CA LEU A 37 7.80 4.47 -9.16
C LEU A 37 8.83 3.44 -8.69
N ILE A 38 8.70 2.21 -9.18
CA ILE A 38 9.61 1.15 -8.81
C ILE A 38 9.73 0.13 -9.94
N PRO A 39 10.33 0.52 -11.03
CA PRO A 39 10.51 -0.38 -12.22
C PRO A 39 11.63 -1.40 -12.00
N GLU A 40 12.37 -1.25 -10.91
CA GLU A 40 13.46 -2.17 -10.61
C GLU A 40 12.96 -3.61 -10.67
N GLN A 41 11.65 -3.79 -10.52
CA GLN A 41 11.07 -5.13 -10.57
C GLN A 41 10.88 -5.58 -12.02
N ILE A 42 10.14 -6.66 -12.19
CA ILE A 42 9.88 -7.19 -13.54
C ILE A 42 8.92 -6.28 -14.29
N ASN A 43 8.59 -6.66 -15.52
CA ASN A 43 7.69 -5.87 -16.35
C ASN A 43 6.27 -5.90 -15.78
N GLY A 44 6.05 -5.13 -14.71
CA GLY A 44 4.74 -5.09 -14.08
C GLY A 44 4.80 -4.32 -12.75
N SER A 45 4.27 -3.11 -12.76
CA SER A 45 4.26 -2.28 -11.55
C SER A 45 3.15 -2.73 -10.61
N ILE A 46 2.89 -1.93 -9.57
CA ILE A 46 1.85 -2.26 -8.61
C ILE A 46 1.10 -1.01 -8.16
N VAL A 47 0.19 -1.18 -7.22
CA VAL A 47 -0.60 -0.06 -6.71
C VAL A 47 -0.25 0.19 -5.25
N ARG A 48 -0.28 1.46 -4.85
CA ARG A 48 0.05 1.82 -3.48
C ARG A 48 -0.73 3.05 -3.04
N VAL A 49 -0.73 3.32 -1.73
CA VAL A 49 -1.43 4.48 -1.20
C VAL A 49 -0.78 5.76 -1.70
N LYS A 50 -1.60 6.76 -2.00
CA LYS A 50 -1.08 8.04 -2.48
C LYS A 50 -1.35 9.15 -1.49
N LYS A 51 -2.12 8.85 -0.44
CA LYS A 51 -2.43 9.85 0.57
C LYS A 51 -3.09 9.19 1.77
N LEU A 52 -2.64 9.55 2.97
CA LEU A 52 -3.18 8.99 4.20
C LEU A 52 -3.05 9.99 5.35
N PHE A 53 -4.10 10.10 6.15
CA PHE A 53 -4.08 11.01 7.29
C PHE A 53 -4.12 10.24 8.60
N PRO A 54 -3.67 10.84 9.67
CA PRO A 54 -3.65 10.19 11.02
C PRO A 54 -5.05 10.07 11.61
N GLY A 55 -5.34 8.89 12.16
CA GLY A 55 -6.64 8.64 12.78
C GLY A 55 -7.57 7.88 11.84
N GLN A 56 -7.15 7.75 10.58
CA GLN A 56 -7.95 7.03 9.59
C GLN A 56 -7.69 5.53 9.67
N PRO A 57 -8.66 4.72 9.31
CA PRO A 57 -8.52 3.24 9.34
C PRO A 57 -7.14 2.79 8.83
N ALA A 58 -6.88 3.01 7.55
CA ALA A 58 -5.61 2.63 6.96
C ALA A 58 -4.46 3.19 7.79
N ALA A 59 -4.80 4.03 8.77
CA ALA A 59 -3.78 4.63 9.64
C ALA A 59 -4.02 4.21 11.09
N GLU A 60 -5.18 3.60 11.32
CA GLU A 60 -5.54 3.14 12.65
C GLU A 60 -4.90 1.79 12.92
N SER A 61 -4.52 1.10 11.85
CA SER A 61 -3.90 -0.22 11.98
C SER A 61 -2.82 -0.20 13.05
N GLY A 62 -1.91 0.77 12.96
CA GLY A 62 -0.84 0.88 13.94
C GLY A 62 0.46 1.36 13.30
N LYS A 63 0.84 0.73 12.19
CA LYS A 63 2.07 1.12 11.50
C LYS A 63 1.84 1.19 9.99
N ILE A 64 1.14 2.24 9.55
CA ILE A 64 0.86 2.43 8.13
C ILE A 64 1.34 3.80 7.67
N ASP A 65 1.50 3.95 6.35
CA ASP A 65 1.96 5.22 5.80
C ASP A 65 1.66 5.27 4.30
N VAL A 66 2.09 6.35 3.66
CA VAL A 66 1.87 6.52 2.23
C VAL A 66 2.86 5.69 1.43
N GLY A 67 2.39 4.57 0.89
CA GLY A 67 3.26 3.69 0.11
C GLY A 67 2.77 2.25 0.16
N ASP A 68 2.05 1.91 1.23
CA ASP A 68 1.53 0.56 1.39
C ASP A 68 1.09 -0.01 0.04
N VAL A 69 1.86 -0.95 -0.47
CA VAL A 69 1.54 -1.57 -1.76
C VAL A 69 0.46 -2.64 -1.60
N ILE A 70 -0.72 -2.37 -2.14
CA ILE A 70 -1.83 -3.32 -2.05
C ILE A 70 -1.60 -4.47 -3.02
N LEU A 71 -1.41 -5.68 -2.48
CA LEU A 71 -1.18 -6.85 -3.32
C LEU A 71 -2.50 -7.49 -3.72
N LYS A 72 -3.31 -7.87 -2.74
CA LYS A 72 -4.59 -8.50 -3.02
C LYS A 72 -5.70 -7.89 -2.18
N VAL A 73 -6.86 -8.52 -2.22
CA VAL A 73 -8.02 -8.04 -1.47
C VAL A 73 -8.90 -9.22 -1.05
N ASN A 74 -8.61 -9.78 0.12
CA ASN A 74 -9.39 -10.90 0.62
C ASN A 74 -8.96 -12.20 -0.06
N GLY A 75 -8.06 -12.08 -1.02
CA GLY A 75 -7.56 -13.25 -1.74
C GLY A 75 -7.94 -13.19 -3.22
N ALA A 76 -7.78 -12.01 -3.81
CA ALA A 76 -8.12 -11.84 -5.23
C ALA A 76 -6.95 -11.19 -5.97
N PRO A 77 -6.78 -11.47 -7.23
CA PRO A 77 -5.68 -10.89 -8.06
C PRO A 77 -5.96 -9.44 -8.44
N LEU A 78 -4.89 -8.65 -8.54
CA LEU A 78 -5.03 -7.24 -8.90
C LEU A 78 -3.89 -6.81 -9.81
N LYS A 79 -3.08 -7.78 -10.24
CA LYS A 79 -1.95 -7.49 -11.12
C LYS A 79 -2.34 -7.73 -12.58
N GLY A 80 -1.79 -6.91 -13.47
CA GLY A 80 -2.09 -7.03 -14.89
C GLY A 80 -3.27 -6.16 -15.29
N LEU A 81 -4.19 -5.97 -14.36
CA LEU A 81 -5.37 -5.15 -14.61
C LEU A 81 -5.01 -3.66 -14.61
N SER A 82 -5.96 -2.82 -14.97
CA SER A 82 -5.72 -1.38 -15.00
C SER A 82 -6.37 -0.71 -13.80
N GLN A 83 -5.98 0.53 -13.54
CA GLN A 83 -6.52 1.28 -12.41
C GLN A 83 -8.03 1.04 -12.29
N GLN A 84 -8.68 0.83 -13.42
CA GLN A 84 -10.11 0.59 -13.44
C GLN A 84 -10.48 -0.52 -12.45
N ASP A 85 -9.87 -1.69 -12.63
CA ASP A 85 -10.15 -2.83 -11.76
C ASP A 85 -9.67 -2.54 -10.34
N VAL A 86 -8.67 -1.67 -10.21
CA VAL A 86 -8.13 -1.31 -8.91
C VAL A 86 -9.18 -0.54 -8.09
N ILE A 87 -9.84 0.40 -8.74
CA ILE A 87 -10.86 1.20 -8.07
C ILE A 87 -12.11 0.37 -7.82
N SER A 88 -12.51 -0.41 -8.83
CA SER A 88 -13.70 -1.24 -8.71
C SER A 88 -13.46 -2.36 -7.70
N ALA A 89 -12.19 -2.71 -7.49
CA ALA A 89 -11.85 -3.76 -6.55
C ALA A 89 -11.77 -3.19 -5.14
N LEU A 90 -11.28 -1.97 -5.02
CA LEU A 90 -11.17 -1.31 -3.73
C LEU A 90 -12.53 -1.28 -3.04
N ARG A 91 -13.58 -1.06 -3.83
CA ARG A 91 -14.93 -1.01 -3.29
C ARG A 91 -15.27 -2.33 -2.61
N GLY A 92 -14.77 -3.42 -3.16
CA GLY A 92 -15.03 -4.75 -2.59
C GLY A 92 -16.53 -4.97 -2.43
N THR A 93 -16.89 -5.77 -1.42
CA THR A 93 -18.29 -6.08 -1.16
C THR A 93 -18.62 -5.82 0.30
N ALA A 94 -18.64 -6.89 1.10
CA ALA A 94 -18.94 -6.77 2.52
C ALA A 94 -18.02 -5.74 3.18
N PRO A 95 -18.43 -5.22 4.30
CA PRO A 95 -17.62 -4.21 5.05
C PRO A 95 -16.29 -4.77 5.55
N GLU A 96 -16.37 -5.85 6.33
CA GLU A 96 -15.16 -6.48 6.86
C GLU A 96 -14.42 -7.22 5.74
N VAL A 97 -13.44 -6.54 5.15
CA VAL A 97 -12.66 -7.14 4.06
C VAL A 97 -11.18 -7.19 4.42
N SER A 98 -10.51 -8.26 4.02
CA SER A 98 -9.09 -8.42 4.30
C SER A 98 -8.25 -7.90 3.14
N LEU A 99 -7.49 -6.85 3.39
CA LEU A 99 -6.64 -6.26 2.36
C LEU A 99 -5.17 -6.62 2.60
N LEU A 100 -4.50 -7.06 1.56
CA LEU A 100 -3.09 -7.42 1.66
C LEU A 100 -2.22 -6.23 1.22
N LEU A 101 -1.32 -5.80 2.09
CA LEU A 101 -0.46 -4.67 1.76
C LEU A 101 1.01 -5.02 1.98
N CYS A 102 1.88 -4.11 1.56
CA CYS A 102 3.32 -4.31 1.71
C CYS A 102 3.99 -3.04 2.21
N ARG A 103 4.85 -3.18 3.21
CA ARG A 103 5.54 -2.04 3.77
C ARG A 103 7.06 -2.25 3.74
N PRO A 104 7.66 -2.10 2.59
CA PRO A 104 9.13 -2.29 2.41
C PRO A 104 9.93 -1.50 3.44
N ALA A 105 11.19 -1.87 3.62
CA ALA A 105 12.06 -1.19 4.57
C ALA A 105 12.34 0.24 4.11
N PRO A 106 12.81 1.07 5.00
CA PRO A 106 13.13 2.49 4.68
C PRO A 106 14.39 2.62 3.83
N GLY A 107 14.24 3.17 2.63
CA GLY A 107 15.39 3.34 1.73
C GLY A 107 15.13 2.68 0.38
N VAL A 108 13.92 2.16 0.20
CA VAL A 108 13.57 1.49 -1.04
C VAL A 108 12.18 1.95 -1.53
N LEU A 109 11.34 2.35 -0.58
CA LEU A 109 10.00 2.81 -0.92
C LEU A 109 9.62 4.04 -0.09
N PRO A 110 10.16 5.17 -0.43
CA PRO A 110 9.88 6.45 0.29
C PRO A 110 8.60 7.12 -0.18
N GLU A 111 8.31 8.29 0.38
CA GLU A 111 7.11 9.02 0.01
C GLU A 111 7.30 9.71 -1.35
N ILE A 112 6.26 10.41 -1.79
CA ILE A 112 6.32 11.10 -3.08
C ILE A 112 6.34 12.61 -2.88
N ASP A 113 6.84 13.32 -3.88
CA ASP A 113 6.91 14.78 -3.81
C ASP A 113 6.40 15.40 -5.11
N THR A 114 5.40 16.26 -5.00
CA THR A 114 4.84 16.92 -6.17
C THR A 114 5.13 18.42 -6.14
N PRO A 115 5.12 19.07 -7.28
CA PRO A 115 5.39 20.53 -7.38
C PRO A 115 4.74 21.30 -6.23
N GLY A 116 5.33 22.45 -5.90
CA GLY A 116 4.80 23.27 -4.81
C GLY A 116 5.88 23.57 -3.78
N ASN A 117 7.00 24.12 -4.23
CA ASN A 117 8.09 24.44 -3.33
C ASN A 117 7.86 25.79 -2.66
N SER A 118 6.63 26.26 -2.71
CA SER A 118 6.28 27.53 -2.10
C SER A 118 5.94 27.36 -0.63
N SER A 119 5.46 26.16 -0.27
CA SER A 119 5.12 25.87 1.11
C SER A 119 6.19 26.38 2.06
#